data_9M7X
#
_entry.id   9M7X
#
_cell.length_a   1.00
_cell.length_b   1.00
_cell.length_c   1.00
_cell.angle_alpha   90.00
_cell.angle_beta   90.00
_cell.angle_gamma   90.00
#
_symmetry.space_group_name_H-M   'P 1'
#
_entity_poly.entity_id   1
_entity_poly.type   'polypeptide(L)'
_entity_poly.pdbx_seq_one_letter_code
;MVELDKYLPVNREEAFRNGVNKNFAKIEQGFSQRDAVMNSHQTTQKNAHDTEQILHYLSDKEKDVYYHSALDLKHYLLLE
CSRISNLVLGATTDQSVELKESRVDLEGKAHITLYGRLLADFTRLKNALDKLIELEESFDIPKIEPQFWTELGGIRNVVQ
QYFWINKLNGRVYQTQSDSQAQEGFYINELTPSGHFLGTMHIPKGGHGTSLGVEYVNGQMFMWTNVDKRLVKFTFKADTK
LDATLLRDYMPSSVAPVFFAPVSDWKGEKMAFRRSDGIIELRDVNDLNKNIDKVYAQVTIPLEERENDYRPMQGVAISDK
NCYWMSGWGTDENIGKVFVYDWHGKLLDTITLDNLTQVTGVGGEEYASDNHSEPEGLFFTEDKGKKVLFVGFSTGGTRKR
HHKIYGFSQRGGLERYSSIVRNGAQNYPLTRGDGKAHSTPDGLTKLSDLTKVGSYYAQGSDVALLTDLPVEFKGVPLWID
NLPAEQHNDVRQVITRRSTEKSMLKFERMINIGKAEQAFSVGSWTVYQSQTTRGEFIDASIYQNKLSNITSPMKMYMTAE
QANLFTDHPVKNGNAGWFYENSGYGVTGEFRQTITINSSLRYEVYSRMVFADRVSEWFVIAGNQVK
;
_entity_poly.pdbx_strand_id   A,B,C
#
# COMPACT_ATOMS: atom_id res chain seq x y z
N VAL A 2 31.47 -61.43 -6.29
CA VAL A 2 32.08 -60.39 -7.10
C VAL A 2 31.64 -59.02 -6.64
N GLU A 3 30.34 -58.87 -6.37
CA GLU A 3 29.78 -57.62 -5.87
C GLU A 3 29.62 -57.74 -4.36
N LEU A 4 30.54 -57.12 -3.63
CA LEU A 4 30.48 -57.16 -2.17
C LEU A 4 29.35 -56.28 -1.66
N ASP A 5 28.90 -56.57 -0.44
CA ASP A 5 27.81 -55.84 0.16
C ASP A 5 28.25 -54.43 0.52
N LYS A 6 27.29 -53.50 0.56
CA LYS A 6 27.57 -52.09 0.79
C LYS A 6 26.94 -51.62 2.09
N TYR A 7 27.59 -50.65 2.72
CA TYR A 7 27.10 -50.01 3.94
C TYR A 7 27.26 -48.51 3.83
N LEU A 8 26.36 -47.78 4.48
CA LEU A 8 26.34 -46.33 4.45
C LEU A 8 26.26 -45.77 5.86
N PRO A 9 26.75 -44.56 6.09
CA PRO A 9 26.61 -43.95 7.41
C PRO A 9 25.15 -43.61 7.71
N VAL A 10 24.82 -43.42 8.98
CA VAL A 10 23.45 -43.14 9.40
C VAL A 10 23.07 -41.73 9.00
N ASN A 11 24.07 -40.85 8.93
CA ASN A 11 23.81 -39.43 8.71
C ASN A 11 23.11 -39.17 7.38
N ARG A 12 23.14 -40.14 6.46
CA ARG A 12 22.48 -39.95 5.18
C ARG A 12 20.95 -39.98 5.31
N GLU A 13 20.44 -40.35 6.48
CA GLU A 13 19.02 -40.66 6.62
C GLU A 13 18.19 -39.53 7.22
N GLU A 14 18.73 -38.33 7.42
CA GLU A 14 17.99 -37.32 8.18
C GLU A 14 16.73 -36.85 7.48
N ALA A 15 16.80 -36.63 6.15
CA ALA A 15 15.63 -36.10 5.45
C ALA A 15 14.44 -37.03 5.55
N PHE A 16 14.67 -38.33 5.40
CA PHE A 16 13.58 -39.30 5.49
C PHE A 16 12.90 -39.26 6.86
N ARG A 17 13.68 -39.22 7.93
CA ARG A 17 13.08 -39.19 9.27
C ARG A 17 12.34 -37.89 9.51
N ASN A 18 12.86 -36.77 8.99
CA ASN A 18 12.14 -35.51 9.11
C ASN A 18 10.80 -35.57 8.38
N GLY A 19 10.78 -36.17 7.19
CA GLY A 19 9.52 -36.37 6.50
C GLY A 19 8.56 -37.23 7.30
N VAL A 20 9.08 -38.26 7.97
CA VAL A 20 8.23 -39.11 8.80
C VAL A 20 7.58 -38.29 9.91
N ASN A 21 8.38 -37.46 10.59
CA ASN A 21 7.82 -36.63 11.66
C ASN A 21 6.75 -35.69 11.12
N LYS A 22 7.00 -35.03 9.99
CA LYS A 22 6.01 -34.13 9.43
C LYS A 22 4.72 -34.87 9.09
N ASN A 23 4.84 -36.08 8.53
CA ASN A 23 3.64 -36.80 8.14
C ASN A 23 2.83 -37.24 9.36
N PHE A 24 3.51 -37.64 10.44
CA PHE A 24 2.78 -37.92 11.68
C PHE A 24 2.02 -36.69 12.17
N ALA A 25 2.66 -35.52 12.11
CA ALA A 25 1.95 -34.30 12.52
C ALA A 25 0.70 -34.09 11.68
N LYS A 26 0.80 -34.31 10.36
CA LYS A 26 -0.37 -34.12 9.50
C LYS A 26 -1.49 -35.09 9.87
N ILE A 27 -1.16 -36.35 10.14
CA ILE A 27 -2.19 -37.32 10.51
C ILE A 27 -2.90 -36.92 11.79
N GLU A 28 -2.12 -36.49 12.79
CA GLU A 28 -2.75 -36.04 14.03
C GLU A 28 -3.67 -34.86 13.80
N GLN A 29 -3.26 -33.91 12.95
CA GLN A 29 -4.13 -32.78 12.65
C GLN A 29 -5.43 -33.22 12.00
N GLY A 30 -5.37 -34.20 11.09
CA GLY A 30 -6.59 -34.69 10.48
C GLY A 30 -7.56 -35.27 11.49
N PHE A 31 -7.07 -36.14 12.39
CA PHE A 31 -7.95 -36.60 13.47
C PHE A 31 -8.52 -35.44 14.28
N SER A 32 -7.68 -34.47 14.65
CA SER A 32 -8.19 -33.40 15.50
C SER A 32 -9.36 -32.67 14.84
N GLN A 33 -9.21 -32.27 13.57
CA GLN A 33 -10.26 -31.49 12.95
C GLN A 33 -11.52 -32.32 12.69
N ARG A 34 -11.37 -33.60 12.32
CA ARG A 34 -12.56 -34.42 12.16
C ARG A 34 -13.30 -34.61 13.48
N ASP A 35 -12.58 -34.86 14.57
CA ASP A 35 -13.23 -35.00 15.86
C ASP A 35 -13.98 -33.73 16.23
N ALA A 36 -13.35 -32.57 16.00
CA ALA A 36 -14.02 -31.32 16.32
C ALA A 36 -15.29 -31.12 15.51
N VAL A 37 -15.25 -31.40 14.20
CA VAL A 37 -16.45 -31.16 13.41
C VAL A 37 -17.58 -32.09 13.82
N MET A 38 -17.26 -33.36 14.11
CA MET A 38 -18.32 -34.24 14.61
C MET A 38 -18.91 -33.78 15.93
N ASN A 39 -18.06 -33.38 16.88
CA ASN A 39 -18.60 -32.93 18.15
C ASN A 39 -19.49 -31.71 17.93
N SER A 40 -19.09 -30.80 17.05
CA SER A 40 -19.95 -29.66 16.75
C SER A 40 -21.27 -30.09 16.13
N HIS A 41 -21.24 -31.09 15.25
CA HIS A 41 -22.47 -31.56 14.62
C HIS A 41 -23.45 -32.15 15.62
N GLN A 42 -22.95 -32.85 16.64
CA GLN A 42 -23.88 -33.53 17.53
C GLN A 42 -24.59 -32.61 18.51
N THR A 43 -24.06 -31.43 18.79
CA THR A 43 -24.65 -30.66 19.90
C THR A 43 -25.04 -29.22 19.57
N THR A 44 -24.28 -28.52 18.73
CA THR A 44 -24.48 -27.08 18.60
C THR A 44 -24.81 -26.60 17.19
N GLN A 45 -24.59 -27.41 16.16
CA GLN A 45 -24.92 -26.99 14.81
C GLN A 45 -26.40 -26.69 14.69
N LYS A 46 -26.74 -25.68 13.91
CA LYS A 46 -28.11 -25.18 13.88
C LYS A 46 -28.95 -25.78 12.76
N ASN A 47 -28.33 -26.27 11.69
CA ASN A 47 -29.10 -26.76 10.55
C ASN A 47 -28.73 -28.20 10.21
N ALA A 48 -28.73 -29.08 11.21
CA ALA A 48 -28.26 -30.44 11.04
C ALA A 48 -29.04 -31.21 9.99
N HIS A 49 -30.33 -31.44 10.22
CA HIS A 49 -31.13 -32.26 9.33
C HIS A 49 -32.48 -31.62 9.07
N ASP A 50 -33.07 -31.95 7.93
CA ASP A 50 -34.43 -31.54 7.65
C ASP A 50 -35.40 -32.66 8.05
N THR A 51 -36.69 -32.48 7.77
CA THR A 51 -37.67 -33.48 8.17
C THR A 51 -37.94 -34.51 7.09
N GLU A 52 -37.28 -34.44 5.95
CA GLU A 52 -37.42 -35.49 4.95
C GLU A 52 -36.56 -36.70 5.25
N GLN A 53 -35.46 -36.52 5.99
CA GLN A 53 -34.50 -37.59 6.23
C GLN A 53 -34.87 -38.48 7.41
N ILE A 54 -35.95 -38.19 8.12
CA ILE A 54 -36.28 -38.88 9.36
C ILE A 54 -37.51 -39.75 9.14
N LEU A 55 -37.44 -40.99 9.61
CA LEU A 55 -38.54 -41.95 9.49
C LEU A 55 -39.23 -42.11 10.82
N HIS A 56 -40.53 -42.39 10.78
CA HIS A 56 -41.34 -42.56 11.98
C HIS A 56 -42.06 -43.90 11.94
N TYR A 57 -42.15 -44.55 13.09
CA TYR A 57 -42.89 -45.78 13.25
C TYR A 57 -44.21 -45.50 13.96
N LEU A 58 -45.27 -46.15 13.51
CA LEU A 58 -46.60 -45.92 14.07
C LEU A 58 -46.93 -46.99 15.09
N SER A 59 -47.52 -46.56 16.20
CA SER A 59 -47.97 -47.50 17.22
C SER A 59 -49.34 -48.04 16.84
N ASP A 60 -50.02 -48.71 17.78
CA ASP A 60 -51.30 -49.30 17.49
C ASP A 60 -52.42 -48.29 17.31
N LYS A 61 -52.48 -47.26 18.15
CA LYS A 61 -53.56 -46.28 18.03
C LYS A 61 -53.51 -45.56 16.69
N GLU A 62 -52.35 -45.02 16.34
CA GLU A 62 -52.23 -44.32 15.07
C GLU A 62 -52.47 -45.25 13.89
N LYS A 63 -52.23 -46.55 14.06
CA LYS A 63 -52.47 -47.49 12.97
C LYS A 63 -53.95 -47.57 12.62
N ASP A 64 -54.82 -47.16 13.54
CA ASP A 64 -56.25 -47.21 13.27
C ASP A 64 -56.68 -46.12 12.30
N VAL A 65 -55.85 -45.09 12.10
CA VAL A 65 -56.24 -43.92 11.34
C VAL A 65 -55.58 -43.89 9.97
N TYR A 66 -54.28 -44.17 9.89
CA TYR A 66 -53.55 -44.07 8.63
C TYR A 66 -53.24 -45.45 8.04
N TYR A 67 -53.37 -46.50 8.85
CA TYR A 67 -53.34 -47.88 8.38
C TYR A 67 -51.95 -48.31 7.91
N HIS A 68 -50.98 -47.39 7.91
CA HIS A 68 -49.63 -47.73 7.52
C HIS A 68 -48.79 -48.08 8.76
N SER A 69 -47.49 -48.24 8.55
CA SER A 69 -46.56 -48.50 9.63
C SER A 69 -45.31 -47.64 9.60
N ALA A 70 -44.92 -47.11 8.43
CA ALA A 70 -43.70 -46.32 8.32
C ALA A 70 -43.95 -45.14 7.39
N LEU A 71 -43.84 -43.94 7.95
CA LEU A 71 -43.97 -42.70 7.20
C LEU A 71 -42.85 -41.75 7.61
N ASP A 72 -42.38 -40.95 6.64
CA ASP A 72 -41.40 -39.94 6.98
C ASP A 72 -42.08 -38.79 7.71
N LEU A 73 -41.29 -38.05 8.49
CA LEU A 73 -41.87 -37.06 9.39
C LEU A 73 -42.60 -35.96 8.63
N LYS A 74 -42.10 -35.56 7.47
CA LYS A 74 -42.74 -34.51 6.70
C LYS A 74 -44.17 -34.88 6.35
N HIS A 75 -44.36 -36.08 5.80
CA HIS A 75 -45.69 -36.51 5.39
C HIS A 75 -46.63 -36.63 6.59
N TYR A 76 -46.12 -37.13 7.71
CA TYR A 76 -46.97 -37.28 8.89
C TYR A 76 -47.42 -35.95 9.44
N LEU A 77 -46.50 -34.98 9.56
CA LEU A 77 -46.92 -33.65 10.01
C LEU A 77 -47.89 -33.02 9.03
N LEU A 78 -47.67 -33.20 7.73
CA LEU A 78 -48.61 -32.62 6.77
C LEU A 78 -50.00 -33.23 6.93
N LEU A 79 -50.08 -34.54 7.12
CA LEU A 79 -51.38 -35.17 7.31
C LEU A 79 -52.06 -34.69 8.57
N GLU A 80 -51.30 -34.54 9.66
CA GLU A 80 -51.93 -34.04 10.87
C GLU A 80 -52.43 -32.62 10.71
N CYS A 81 -51.66 -31.76 10.04
CA CYS A 81 -52.14 -30.41 9.79
C CYS A 81 -53.41 -30.42 8.95
N SER A 82 -53.45 -31.28 7.93
CA SER A 82 -54.65 -31.38 7.10
C SER A 82 -55.85 -31.83 7.91
N ARG A 83 -55.68 -32.81 8.79
CA ARG A 83 -56.81 -33.24 9.62
C ARG A 83 -57.28 -32.13 10.56
N ILE A 84 -56.35 -31.42 11.19
CA ILE A 84 -56.77 -30.34 12.09
C ILE A 84 -57.55 -29.29 11.32
N SER A 85 -57.06 -28.86 10.16
CA SER A 85 -57.76 -27.84 9.40
C SER A 85 -59.06 -28.32 8.80
N ASN A 86 -59.14 -29.56 8.37
CA ASN A 86 -60.37 -30.09 7.78
C ASN A 86 -61.44 -30.32 8.84
N LEU A 87 -61.04 -30.51 10.10
CA LEU A 87 -62.03 -30.64 11.16
C LEU A 87 -62.84 -29.35 11.33
N VAL A 88 -62.23 -28.20 11.03
CA VAL A 88 -62.92 -26.92 11.24
C VAL A 88 -64.05 -26.74 10.24
N LEU A 89 -63.81 -27.04 8.96
CA LEU A 89 -64.80 -26.74 7.92
C LEU A 89 -66.11 -27.45 8.16
N GLY A 90 -66.11 -28.55 8.93
CA GLY A 90 -67.35 -29.21 9.26
C GLY A 90 -68.22 -28.41 10.21
N ALA A 91 -67.62 -27.44 10.91
CA ALA A 91 -68.39 -26.63 11.85
C ALA A 91 -69.05 -25.43 11.20
N THR A 92 -68.58 -25.02 10.02
CA THR A 92 -69.05 -23.80 9.40
C THR A 92 -69.83 -24.09 8.12
N THR A 93 -70.70 -23.14 7.76
CA THR A 93 -71.29 -23.10 6.44
C THR A 93 -70.40 -22.25 5.54
N ASP A 94 -69.88 -22.86 4.47
CA ASP A 94 -68.82 -22.26 3.68
C ASP A 94 -69.35 -21.49 2.48
N GLN A 95 -70.51 -20.87 2.61
CA GLN A 95 -71.16 -20.19 1.50
C GLN A 95 -70.76 -18.72 1.39
N SER A 96 -69.60 -18.34 1.94
CA SER A 96 -69.09 -16.98 1.80
C SER A 96 -67.98 -16.98 0.75
N VAL A 97 -67.99 -15.97 -0.11
CA VAL A 97 -67.10 -16.00 -1.28
C VAL A 97 -65.86 -15.13 -1.07
N GLU A 98 -65.95 -14.04 -0.31
CA GLU A 98 -64.75 -13.24 -0.07
C GLU A 98 -63.70 -14.03 0.68
N LEU A 99 -64.11 -14.84 1.66
CA LEU A 99 -63.14 -15.70 2.33
C LEU A 99 -62.54 -16.71 1.38
N LYS A 100 -63.35 -17.29 0.50
CA LYS A 100 -62.84 -18.25 -0.46
C LYS A 100 -61.78 -17.62 -1.35
N GLU A 101 -62.01 -16.40 -1.81
CA GLU A 101 -60.99 -15.70 -2.58
C GLU A 101 -59.79 -15.34 -1.72
N SER A 102 -60.00 -15.15 -0.42
CA SER A 102 -58.92 -14.75 0.47
C SER A 102 -57.97 -15.88 0.78
N ARG A 103 -58.27 -17.10 0.34
CA ARG A 103 -57.53 -18.26 0.79
C ARG A 103 -56.34 -18.61 -0.09
N VAL A 104 -56.19 -17.96 -1.24
CA VAL A 104 -55.07 -18.24 -2.15
C VAL A 104 -53.88 -17.38 -1.75
N ASP A 105 -52.68 -17.96 -1.78
CA ASP A 105 -51.47 -17.27 -1.39
C ASP A 105 -50.98 -16.39 -2.54
N LEU A 106 -49.75 -15.89 -2.44
CA LEU A 106 -49.18 -15.09 -3.52
C LEU A 106 -48.79 -15.93 -4.72
N GLU A 107 -48.28 -17.14 -4.48
CA GLU A 107 -47.73 -17.94 -5.56
C GLU A 107 -48.78 -18.75 -6.31
N GLY A 108 -50.03 -18.73 -5.84
CA GLY A 108 -51.07 -19.50 -6.50
C GLY A 108 -51.26 -20.88 -5.91
N LYS A 109 -51.34 -20.96 -4.59
CA LYS A 109 -51.57 -22.21 -3.89
C LYS A 109 -53.01 -22.25 -3.36
N ALA A 110 -53.62 -23.42 -3.49
CA ALA A 110 -54.97 -23.64 -2.97
C ALA A 110 -54.86 -24.17 -1.55
N HIS A 111 -55.14 -23.31 -0.58
CA HIS A 111 -55.05 -23.66 0.83
C HIS A 111 -56.37 -24.22 1.32
N ILE A 112 -56.40 -24.59 2.60
CA ILE A 112 -57.61 -25.11 3.24
C ILE A 112 -58.33 -24.03 4.04
N THR A 113 -57.61 -23.28 4.86
CA THR A 113 -58.18 -22.15 5.58
C THR A 113 -57.25 -20.96 5.45
N LEU A 114 -57.61 -19.88 6.15
CA LEU A 114 -56.79 -18.67 6.13
C LEU A 114 -55.43 -18.91 6.77
N TYR A 115 -55.36 -19.89 7.67
CA TYR A 115 -54.16 -20.10 8.47
C TYR A 115 -52.97 -20.45 7.60
N GLY A 116 -53.15 -21.34 6.64
CA GLY A 116 -52.05 -21.77 5.80
C GLY A 116 -51.43 -20.63 5.03
N ARG A 117 -52.28 -19.85 4.35
CA ARG A 117 -51.78 -18.71 3.60
C ARG A 117 -51.06 -17.72 4.50
N LEU A 118 -51.68 -17.36 5.62
CA LEU A 118 -51.07 -16.39 6.51
C LEU A 118 -49.69 -16.85 6.95
N LEU A 119 -49.59 -18.09 7.45
CA LEU A 119 -48.34 -18.58 7.99
C LEU A 119 -47.27 -18.65 6.90
N ALA A 120 -47.62 -19.18 5.73
CA ALA A 120 -46.63 -19.32 4.68
C ALA A 120 -46.08 -17.97 4.25
N ASP A 121 -46.96 -16.99 4.01
CA ASP A 121 -46.47 -15.71 3.53
C ASP A 121 -45.64 -14.99 4.59
N PHE A 122 -46.08 -15.02 5.85
CA PHE A 122 -45.31 -14.35 6.88
C PHE A 122 -43.94 -14.98 7.07
N THR A 123 -43.85 -16.32 7.04
CA THR A 123 -42.55 -16.94 7.22
C THR A 123 -41.64 -16.67 6.02
N ARG A 124 -42.23 -16.61 4.81
CA ARG A 124 -41.43 -16.30 3.63
C ARG A 124 -40.80 -14.92 3.75
N LEU A 125 -41.57 -13.93 4.21
CA LEU A 125 -40.96 -12.61 4.37
C LEU A 125 -39.94 -12.60 5.51
N LYS A 126 -40.25 -13.27 6.62
CA LYS A 126 -39.39 -13.20 7.80
C LYS A 126 -38.02 -13.79 7.53
N ASN A 127 -37.96 -14.92 6.80
CA ASN A 127 -36.67 -15.54 6.55
C ASN A 127 -35.75 -14.62 5.76
N ALA A 128 -36.27 -14.04 4.67
CA ALA A 128 -35.47 -13.13 3.86
C ALA A 128 -35.01 -11.94 4.67
N LEU A 129 -35.88 -11.35 5.48
CA LEU A 129 -35.46 -10.17 6.22
C LEU A 129 -34.42 -10.52 7.27
N ASP A 130 -34.57 -11.67 7.93
CA ASP A 130 -33.62 -12.06 8.96
C ASP A 130 -32.24 -12.31 8.36
N LYS A 131 -32.17 -12.96 7.19
CA LYS A 131 -30.86 -13.22 6.60
C LYS A 131 -30.15 -11.93 6.21
N LEU A 132 -30.91 -10.97 5.67
CA LEU A 132 -30.32 -9.67 5.37
C LEU A 132 -29.83 -8.97 6.64
N ILE A 133 -30.53 -9.14 7.77
CA ILE A 133 -29.99 -8.61 9.02
C ILE A 133 -28.66 -9.26 9.35
N GLU A 134 -28.63 -10.60 9.34
CA GLU A 134 -27.45 -11.29 9.88
C GLU A 134 -26.25 -11.12 8.99
N LEU A 135 -26.47 -10.79 7.71
CA LEU A 135 -25.33 -10.56 6.82
C LEU A 135 -24.40 -9.49 7.36
N GLU A 136 -24.92 -8.53 8.12
CA GLU A 136 -24.10 -7.41 8.55
C GLU A 136 -23.45 -7.64 9.90
N GLU A 137 -23.97 -8.58 10.71
CA GLU A 137 -23.48 -8.78 12.06
C GLU A 137 -22.62 -10.04 12.20
N SER A 138 -22.17 -10.62 11.10
CA SER A 138 -21.40 -11.85 11.15
C SER A 138 -19.93 -11.54 11.39
N PHE A 139 -19.38 -12.16 12.44
CA PHE A 139 -17.95 -12.05 12.74
C PHE A 139 -17.46 -13.43 13.14
N ASP A 140 -17.01 -14.20 12.16
CA ASP A 140 -16.43 -15.52 12.39
C ASP A 140 -15.05 -15.59 11.74
N ILE A 141 -14.05 -15.87 12.57
CA ILE A 141 -12.65 -15.82 12.15
C ILE A 141 -12.35 -16.79 11.00
N PRO A 142 -12.80 -18.06 11.03
CA PRO A 142 -12.40 -18.99 9.97
C PRO A 142 -12.85 -18.60 8.57
N LYS A 143 -13.58 -17.49 8.41
CA LYS A 143 -14.10 -17.10 7.10
C LYS A 143 -13.72 -15.67 6.72
N ILE A 144 -12.66 -15.12 7.29
CA ILE A 144 -12.24 -13.77 6.99
C ILE A 144 -10.80 -13.79 6.50
N GLU A 145 -10.57 -13.16 5.34
CA GLU A 145 -9.24 -13.04 4.77
C GLU A 145 -8.52 -11.83 5.37
N PRO A 146 -7.22 -11.94 5.63
CA PRO A 146 -6.50 -10.81 6.22
C PRO A 146 -5.91 -9.87 5.20
N GLN A 147 -5.91 -8.58 5.51
CA GLN A 147 -5.25 -7.56 4.68
C GLN A 147 -4.07 -6.97 5.43
N PHE A 148 -3.13 -6.44 4.66
CA PHE A 148 -1.96 -5.75 5.19
C PHE A 148 -2.38 -4.37 5.68
N TRP A 149 -1.72 -3.87 6.72
CA TRP A 149 -2.06 -2.54 7.22
C TRP A 149 -0.90 -1.56 7.21
N THR A 150 0.28 -1.96 7.69
CA THR A 150 1.42 -1.03 7.78
C THR A 150 2.70 -1.71 8.23
N GLU A 151 3.78 -0.93 8.35
CA GLU A 151 5.03 -1.37 8.93
C GLU A 151 5.33 -0.55 10.18
N LEU A 152 5.98 -1.18 11.16
CA LEU A 152 6.34 -0.55 12.42
C LEU A 152 7.84 -0.37 12.51
N GLY A 153 8.26 0.71 13.16
CA GLY A 153 9.67 1.02 13.28
C GLY A 153 10.37 0.22 14.37
N GLY A 154 11.69 0.34 14.39
CA GLY A 154 12.52 -0.34 15.37
C GLY A 154 13.83 0.38 15.60
N ILE A 155 14.46 0.15 16.76
CA ILE A 155 15.67 0.88 17.09
C ILE A 155 16.90 -0.03 17.05
N ARG A 156 16.74 -1.33 17.29
CA ARG A 156 17.86 -2.25 17.24
C ARG A 156 17.53 -3.44 16.33
N ASN A 157 18.45 -4.40 16.30
CA ASN A 157 18.36 -5.54 15.40
C ASN A 157 17.73 -6.77 16.05
N VAL A 158 16.81 -6.55 16.98
CA VAL A 158 16.10 -7.65 17.62
C VAL A 158 14.61 -7.51 17.31
N VAL A 159 13.92 -8.64 17.31
CA VAL A 159 12.50 -8.67 16.98
C VAL A 159 11.71 -8.02 18.10
N GLN A 160 10.54 -7.48 17.78
CA GLN A 160 9.62 -6.93 18.76
C GLN A 160 8.81 -8.06 19.36
N GLN A 161 8.06 -7.76 20.42
CA GLN A 161 7.33 -8.81 21.12
C GLN A 161 5.86 -8.47 21.31
N TYR A 162 5.54 -7.20 21.55
CA TYR A 162 4.19 -6.79 21.89
C TYR A 162 3.89 -5.42 21.28
N PHE A 163 2.60 -5.17 21.04
CA PHE A 163 2.18 -3.88 20.52
C PHE A 163 0.70 -3.70 20.82
N TRP A 164 0.28 -2.43 20.80
CA TRP A 164 -1.10 -2.09 21.15
C TRP A 164 -1.37 -0.67 20.69
N ILE A 165 -2.65 -0.31 20.69
CA ILE A 165 -3.11 0.98 20.18
C ILE A 165 -3.76 1.76 21.31
N ASN A 166 -3.32 2.99 21.51
CA ASN A 166 -3.92 3.88 22.49
C ASN A 166 -5.26 4.37 21.97
N LYS A 167 -6.24 4.43 22.88
CA LYS A 167 -7.58 4.85 22.50
C LYS A 167 -7.75 6.35 22.45
N LEU A 168 -6.78 7.12 22.93
CA LEU A 168 -6.88 8.57 22.93
C LEU A 168 -6.13 9.21 21.77
N ASN A 169 -4.84 8.95 21.65
CA ASN A 169 -4.05 9.59 20.60
C ASN A 169 -4.06 8.82 19.29
N GLY A 170 -4.25 7.51 19.36
CA GLY A 170 -4.11 6.67 18.18
C GLY A 170 -2.66 6.33 17.91
N ARG A 171 -1.85 6.32 18.97
CA ARG A 171 -0.43 6.00 18.87
C ARG A 171 -0.21 4.51 19.06
N VAL A 172 0.99 4.06 18.73
CA VAL A 172 1.38 2.66 18.79
C VAL A 172 2.58 2.52 19.71
N TYR A 173 2.51 1.60 20.66
CA TYR A 173 3.59 1.32 21.58
C TYR A 173 4.04 -0.12 21.41
N GLN A 174 5.34 -0.32 21.18
CA GLN A 174 5.90 -1.63 20.95
C GLN A 174 7.05 -1.87 21.91
N THR A 175 7.36 -3.15 22.15
CA THR A 175 8.37 -3.56 23.11
C THR A 175 9.44 -4.38 22.40
N GLN A 176 10.69 -4.15 22.77
CA GLN A 176 11.80 -4.98 22.31
C GLN A 176 12.57 -5.49 23.52
N SER A 177 13.15 -6.67 23.36
CA SER A 177 13.88 -7.34 24.42
C SER A 177 15.35 -6.93 24.39
N ASP A 178 15.84 -6.41 25.51
CA ASP A 178 17.24 -6.00 25.60
C ASP A 178 18.15 -7.23 25.63
N SER A 179 19.41 -7.02 25.29
CA SER A 179 20.42 -8.07 25.27
C SER A 179 21.22 -8.15 26.56
N GLN A 180 20.82 -7.41 27.59
CA GLN A 180 21.50 -7.44 28.87
C GLN A 180 21.39 -8.83 29.50
N ALA A 181 22.36 -9.15 30.36
CA ALA A 181 22.37 -10.42 31.09
C ALA A 181 21.07 -10.59 31.86
N GLN A 182 20.70 -9.57 32.64
CA GLN A 182 19.35 -9.53 33.20
C GLN A 182 18.38 -9.09 32.11
N GLU A 183 17.25 -9.80 32.02
CA GLU A 183 16.31 -9.56 30.93
C GLU A 183 15.55 -8.27 31.16
N GLY A 184 15.91 -7.24 30.38
CA GLY A 184 15.16 -6.01 30.36
C GLY A 184 14.55 -5.80 28.99
N PHE A 185 13.59 -4.89 28.94
CA PHE A 185 12.85 -4.63 27.71
C PHE A 185 12.66 -3.13 27.53
N TYR A 186 12.63 -2.69 26.28
CA TYR A 186 12.43 -1.28 25.96
C TYR A 186 10.97 -1.02 25.60
N ILE A 187 10.62 0.26 25.59
CA ILE A 187 9.29 0.72 25.19
C ILE A 187 9.48 1.81 24.15
N ASN A 188 8.71 1.74 23.06
CA ASN A 188 8.84 2.68 21.96
C ASN A 188 7.50 3.35 21.71
N GLU A 189 7.50 4.68 21.65
CA GLU A 189 6.30 5.43 21.28
C GLU A 189 6.36 5.77 19.79
N LEU A 190 5.28 5.47 19.07
CA LEU A 190 5.28 5.64 17.63
C LEU A 190 4.06 6.45 17.18
N THR A 191 4.16 6.94 15.95
CA THR A 191 3.15 7.72 15.27
C THR A 191 1.99 6.85 14.84
N PRO A 192 0.83 7.46 14.56
CA PRO A 192 -0.33 6.68 14.11
C PRO A 192 -0.05 5.82 12.89
N SER A 193 0.92 6.21 12.07
CA SER A 193 1.32 5.41 10.93
C SER A 193 2.46 4.44 11.23
N GLY A 194 3.26 4.72 12.25
CA GLY A 194 4.31 3.79 12.63
C GLY A 194 5.73 4.31 12.51
N HIS A 195 5.93 5.61 12.72
CA HIS A 195 7.26 6.20 12.71
C HIS A 195 7.72 6.43 14.15
N PHE A 196 9.03 6.58 14.34
CA PHE A 196 9.64 6.59 15.65
C PHE A 196 9.57 7.97 16.29
N LEU A 197 9.29 8.00 17.59
CA LEU A 197 9.27 9.23 18.38
C LEU A 197 10.23 9.21 19.57
N GLY A 198 10.19 8.16 20.39
CA GLY A 198 10.95 8.18 21.63
C GLY A 198 11.11 6.82 22.28
N THR A 199 11.79 6.75 23.43
CA THR A 199 12.14 5.47 24.03
C THR A 199 12.19 5.60 25.55
N MET A 200 11.94 4.48 26.22
CA MET A 200 12.16 4.31 27.63
C MET A 200 12.93 3.01 27.84
N HIS A 201 13.72 2.95 28.91
CA HIS A 201 14.51 1.77 29.23
C HIS A 201 14.12 1.26 30.60
N ILE A 202 13.70 0.00 30.67
CA ILE A 202 13.33 -0.66 31.92
C ILE A 202 14.18 -1.91 32.05
N PRO A 203 15.36 -1.83 32.65
CA PRO A 203 16.19 -3.02 32.83
C PRO A 203 15.63 -3.98 33.86
N LYS A 204 16.04 -5.24 33.74
CA LYS A 204 15.71 -6.29 34.70
C LYS A 204 14.21 -6.44 34.88
N GLY A 205 13.47 -6.29 33.78
CA GLY A 205 12.03 -6.44 33.78
C GLY A 205 11.52 -7.73 33.19
N GLY A 206 12.37 -8.73 32.99
CA GLY A 206 11.96 -9.96 32.36
C GLY A 206 12.06 -9.89 30.84
N HIS A 207 11.45 -10.89 30.20
CA HIS A 207 11.49 -10.95 28.75
C HIS A 207 10.47 -10.02 28.09
N GLY A 208 9.54 -9.46 28.85
CA GLY A 208 8.59 -8.50 28.29
C GLY A 208 7.66 -9.09 27.26
N THR A 209 7.07 -10.25 27.55
CA THR A 209 6.17 -10.86 26.58
C THR A 209 4.87 -10.08 26.43
N SER A 210 4.37 -9.49 27.51
CA SER A 210 3.13 -8.74 27.47
C SER A 210 3.19 -7.60 28.49
N LEU A 211 2.09 -6.85 28.55
CA LEU A 211 1.99 -5.70 29.44
C LEU A 211 0.53 -5.33 29.59
N GLY A 212 0.22 -4.53 30.61
CA GLY A 212 -1.14 -4.11 30.88
C GLY A 212 -1.31 -2.61 30.70
N VAL A 213 -2.56 -2.18 30.55
CA VAL A 213 -2.90 -0.78 30.32
C VAL A 213 -4.04 -0.37 31.25
N GLU A 214 -3.94 0.82 31.82
CA GLU A 214 -4.95 1.38 32.71
C GLU A 214 -5.02 2.88 32.52
N TYR A 215 -6.24 3.44 32.55
CA TYR A 215 -6.47 4.85 32.29
C TYR A 215 -6.84 5.57 33.57
N VAL A 216 -6.15 6.69 33.84
CA VAL A 216 -6.43 7.54 34.98
C VAL A 216 -6.54 8.98 34.48
N ASN A 217 -7.73 9.57 34.61
CA ASN A 217 -7.96 10.98 34.28
C ASN A 217 -7.47 11.33 32.88
N GLY A 218 -7.81 10.47 31.92
CA GLY A 218 -7.38 10.71 30.55
C GLY A 218 -5.90 10.51 30.33
N GLN A 219 -5.25 9.75 31.19
CA GLN A 219 -3.84 9.42 31.05
C GLN A 219 -3.68 7.91 31.01
N MET A 220 -2.60 7.46 30.39
CA MET A 220 -2.34 6.04 30.22
C MET A 220 -1.36 5.58 31.29
N PHE A 221 -1.67 4.46 31.93
CA PHE A 221 -0.80 3.86 32.94
C PHE A 221 -0.59 2.40 32.61
N MET A 222 0.64 1.94 32.76
CA MET A 222 1.00 0.55 32.49
C MET A 222 1.42 -0.12 33.79
N TRP A 223 1.06 -1.41 33.93
CA TRP A 223 1.42 -2.20 35.09
C TRP A 223 2.39 -3.29 34.65
N THR A 224 3.53 -3.40 35.32
CA THR A 224 4.49 -4.44 35.00
C THR A 224 5.12 -5.00 36.26
N ASN A 225 5.14 -6.33 36.34
CA ASN A 225 5.71 -7.03 37.48
C ASN A 225 7.23 -7.05 37.34
N VAL A 226 7.91 -6.09 37.97
CA VAL A 226 9.36 -6.00 37.95
C VAL A 226 9.85 -6.15 39.39
N ASP A 227 10.70 -7.16 39.61
CA ASP A 227 11.31 -7.40 40.92
C ASP A 227 10.26 -7.42 42.03
N LYS A 228 9.19 -8.16 41.79
CA LYS A 228 8.10 -8.36 42.76
C LYS A 228 7.40 -7.05 43.11
N ARG A 229 6.95 -6.31 42.11
CA ARG A 229 6.14 -5.10 42.32
C ARG A 229 5.38 -4.80 41.05
N LEU A 230 4.08 -4.50 41.19
CA LEU A 230 3.24 -4.25 40.01
C LEU A 230 3.57 -2.91 39.35
N VAL A 231 3.71 -1.85 40.14
CA VAL A 231 4.10 -0.52 39.68
C VAL A 231 3.10 0.05 38.67
N LYS A 232 2.49 1.18 39.01
CA LYS A 232 1.62 1.91 38.10
C LYS A 232 2.27 3.24 37.76
N PHE A 233 2.61 3.44 36.49
CA PHE A 233 3.38 4.62 36.11
C PHE A 233 3.05 5.02 34.68
N THR A 234 3.38 6.27 34.35
CA THR A 234 3.12 6.86 33.04
C THR A 234 4.41 6.85 32.23
N PHE A 235 4.29 7.16 30.93
CA PHE A 235 5.41 7.13 30.00
C PHE A 235 6.07 8.50 29.91
N LYS A 236 7.40 8.49 29.75
CA LYS A 236 8.19 9.68 29.54
C LYS A 236 9.34 9.35 28.59
N ALA A 237 10.10 10.37 28.22
CA ALA A 237 11.30 10.16 27.41
C ALA A 237 12.52 10.02 28.33
N ASP A 238 12.38 9.12 29.29
CA ASP A 238 13.34 8.97 30.38
C ASP A 238 13.85 7.54 30.43
N THR A 239 14.93 7.35 31.17
CA THR A 239 15.54 6.03 31.35
C THR A 239 15.46 5.63 32.81
N LYS A 240 15.39 4.32 33.05
CA LYS A 240 15.52 3.73 34.38
C LYS A 240 14.27 3.96 35.23
N LEU A 241 13.63 2.86 35.64
CA LEU A 241 12.52 2.90 36.57
C LEU A 241 12.83 1.96 37.73
N ASP A 242 12.66 2.44 38.95
CA ASP A 242 12.99 1.67 40.15
C ASP A 242 11.73 1.39 40.95
N ALA A 243 11.70 0.23 41.59
CA ALA A 243 10.51 -0.17 42.35
C ALA A 243 10.38 0.61 43.65
N THR A 244 11.49 1.20 44.12
CA THR A 244 11.48 1.86 45.42
C THR A 244 10.53 3.05 45.43
N LEU A 245 10.53 3.84 44.36
CA LEU A 245 9.70 5.04 44.33
C LEU A 245 8.22 4.70 44.19
N LEU A 246 7.90 3.44 43.91
CA LEU A 246 6.54 3.07 43.51
C LEU A 246 5.92 2.12 44.52
N ARG A 247 4.61 2.27 44.71
CA ARG A 247 3.86 1.41 45.61
C ARG A 247 3.42 0.13 44.90
N ASP A 248 3.39 -0.97 45.63
CA ASP A 248 3.07 -2.28 45.08
C ASP A 248 1.62 -2.63 45.39
N TYR A 249 1.02 -3.44 44.53
CA TYR A 249 -0.38 -3.84 44.64
C TYR A 249 -0.57 -5.35 44.59
N MET A 250 0.46 -6.12 44.90
CA MET A 250 0.39 -7.57 44.75
C MET A 250 -0.71 -8.17 45.62
N PRO A 251 -1.61 -8.97 45.06
CA PRO A 251 -2.37 -9.91 45.89
C PRO A 251 -1.45 -10.99 46.40
N SER A 252 -1.72 -11.48 47.62
CA SER A 252 -0.83 -12.47 48.21
C SER A 252 -0.92 -13.83 47.53
N SER A 253 -1.99 -14.08 46.77
CA SER A 253 -2.19 -15.41 46.19
C SER A 253 -1.08 -15.77 45.22
N VAL A 254 -0.73 -14.84 44.33
CA VAL A 254 0.25 -15.11 43.28
C VAL A 254 1.54 -14.33 43.52
N ALA A 255 1.76 -13.89 44.77
CA ALA A 255 2.96 -13.11 45.06
C ALA A 255 4.26 -13.84 44.75
N PRO A 256 4.47 -15.10 45.14
CA PRO A 256 5.75 -15.75 44.79
C PRO A 256 5.89 -16.06 43.32
N VAL A 257 4.78 -16.26 42.60
CA VAL A 257 4.86 -16.68 41.21
C VAL A 257 5.14 -15.47 40.31
N PHE A 258 5.86 -15.74 39.22
CA PHE A 258 6.14 -14.73 38.20
C PHE A 258 5.02 -14.71 37.19
N PHE A 259 4.60 -13.52 36.78
CA PHE A 259 3.48 -13.35 35.88
C PHE A 259 3.56 -12.00 35.19
N ALA A 260 2.74 -11.83 34.15
CA ALA A 260 2.63 -10.56 33.45
C ALA A 260 1.16 -10.26 33.18
N PRO A 261 0.74 -8.99 33.19
CA PRO A 261 -0.67 -8.68 32.95
C PRO A 261 -0.97 -8.35 31.50
N VAL A 262 -2.26 -8.27 31.20
CA VAL A 262 -2.74 -7.87 29.88
C VAL A 262 -4.14 -7.27 30.06
N SER A 263 -4.47 -6.32 29.19
CA SER A 263 -5.69 -5.53 29.34
C SER A 263 -6.47 -5.55 28.04
N ASP A 264 -7.78 -5.30 28.16
CA ASP A 264 -8.64 -5.16 27.00
C ASP A 264 -8.53 -3.74 26.44
N TRP A 265 -9.21 -3.51 25.30
CA TRP A 265 -9.01 -2.27 24.57
C TRP A 265 -9.46 -1.06 25.40
N LYS A 266 -10.59 -1.17 26.10
CA LYS A 266 -10.98 -0.09 27.00
C LYS A 266 -10.06 -0.03 28.22
N GLY A 267 -9.58 -1.18 28.69
CA GLY A 267 -8.70 -1.23 29.83
C GLY A 267 -9.37 -1.48 31.16
N GLU A 268 -10.67 -1.75 31.18
CA GLU A 268 -11.37 -1.89 32.46
C GLU A 268 -11.02 -3.19 33.16
N LYS A 269 -10.74 -4.25 32.40
CA LYS A 269 -10.47 -5.57 32.95
C LYS A 269 -9.02 -5.96 32.70
N MET A 270 -8.37 -6.51 33.71
CA MET A 270 -6.99 -6.95 33.60
C MET A 270 -6.90 -8.43 33.89
N ALA A 271 -6.14 -9.15 33.06
CA ALA A 271 -5.98 -10.58 33.21
C ALA A 271 -4.51 -10.91 33.42
N PHE A 272 -4.26 -11.97 34.18
CA PHE A 272 -2.92 -12.42 34.48
C PHE A 272 -2.62 -13.73 33.76
N ARG A 273 -1.41 -13.85 33.24
CA ARG A 273 -0.87 -15.11 32.77
C ARG A 273 0.27 -15.53 33.68
N ARG A 274 0.22 -16.77 34.15
CA ARG A 274 1.20 -17.25 35.11
C ARG A 274 2.09 -18.31 34.50
N SER A 275 3.17 -18.63 35.21
CA SER A 275 4.07 -19.69 34.76
C SER A 275 3.42 -21.06 34.75
N ASP A 276 2.33 -21.23 35.49
CA ASP A 276 1.59 -22.48 35.42
C ASP A 276 0.74 -22.61 34.16
N GLY A 277 0.68 -21.55 33.36
CA GLY A 277 -0.12 -21.57 32.15
C GLY A 277 -1.60 -21.35 32.36
N ILE A 278 -2.00 -20.80 33.51
CA ILE A 278 -3.39 -20.52 33.81
C ILE A 278 -3.64 -19.03 33.63
N ILE A 279 -4.67 -18.71 32.86
CA ILE A 279 -5.06 -17.33 32.61
C ILE A 279 -6.36 -17.06 33.36
N GLU A 280 -6.36 -15.99 34.14
CA GLU A 280 -7.46 -15.69 35.05
C GLU A 280 -7.88 -14.23 34.88
N LEU A 281 -9.15 -13.96 35.16
CA LEU A 281 -9.72 -12.63 34.97
C LEU A 281 -9.78 -11.88 36.29
N ARG A 282 -9.46 -10.59 36.24
CA ARG A 282 -9.55 -9.71 37.40
C ARG A 282 -10.03 -8.34 36.96
N ASP A 283 -10.46 -7.53 37.93
CA ASP A 283 -10.94 -6.18 37.67
C ASP A 283 -9.97 -5.16 38.25
N VAL A 284 -9.75 -4.06 37.50
CA VAL A 284 -8.75 -3.09 37.91
C VAL A 284 -9.17 -2.36 39.18
N ASN A 285 -10.46 -2.03 39.29
CA ASN A 285 -10.93 -1.35 40.50
C ASN A 285 -10.63 -2.17 41.74
N ASP A 286 -10.82 -3.49 41.66
CA ASP A 286 -10.55 -4.35 42.80
C ASP A 286 -9.09 -4.29 43.20
N LEU A 287 -8.18 -4.34 42.22
CA LEU A 287 -6.75 -4.29 42.53
C LEU A 287 -6.37 -2.95 43.16
N ASN A 288 -6.91 -1.86 42.63
CA ASN A 288 -6.58 -0.54 43.18
C ASN A 288 -7.02 -0.42 44.62
N LYS A 289 -8.22 -0.91 44.93
CA LYS A 289 -8.75 -0.85 46.29
C LYS A 289 -8.43 -2.10 47.10
N ASN A 290 -7.46 -2.90 46.65
CA ASN A 290 -7.04 -4.10 47.37
C ASN A 290 -8.19 -5.08 47.57
N ILE A 291 -8.83 -5.47 46.48
CA ILE A 291 -9.88 -6.49 46.48
C ILE A 291 -9.46 -7.59 45.52
N ASP A 292 -9.59 -8.84 45.96
CA ASP A 292 -9.23 -10.00 45.14
C ASP A 292 -10.50 -10.66 44.63
N LYS A 293 -10.65 -10.72 43.31
CA LYS A 293 -11.80 -11.35 42.67
C LYS A 293 -11.32 -12.13 41.45
N VAL A 294 -11.71 -13.40 41.36
CA VAL A 294 -11.39 -14.25 40.23
C VAL A 294 -12.70 -14.81 39.67
N TYR A 295 -12.96 -14.52 38.40
CA TYR A 295 -14.22 -14.94 37.80
C TYR A 295 -14.08 -16.26 37.05
N ALA A 296 -13.21 -16.31 36.05
CA ALA A 296 -13.05 -17.49 35.23
C ALA A 296 -11.56 -17.77 35.01
N GLN A 297 -11.26 -19.03 34.70
CA GLN A 297 -9.90 -19.48 34.48
C GLN A 297 -9.82 -20.26 33.18
N VAL A 298 -8.62 -20.29 32.60
CA VAL A 298 -8.35 -21.08 31.42
C VAL A 298 -7.02 -21.79 31.60
N THR A 299 -7.00 -23.09 31.34
CA THR A 299 -5.80 -23.90 31.45
C THR A 299 -5.43 -24.42 30.07
N ILE A 300 -4.16 -24.23 29.70
CA ILE A 300 -3.69 -24.54 28.36
C ILE A 300 -2.67 -25.68 28.44
N PRO A 301 -2.65 -26.59 27.48
CA PRO A 301 -1.69 -27.69 27.52
C PRO A 301 -0.23 -27.24 27.53
N LEU A 302 0.68 -28.19 27.74
CA LEU A 302 2.11 -27.91 27.76
C LEU A 302 2.71 -27.79 26.36
N GLU A 303 2.16 -28.49 25.37
CA GLU A 303 2.78 -28.52 24.05
C GLU A 303 2.77 -27.16 23.36
N GLU A 304 2.00 -26.20 23.88
CA GLU A 304 2.02 -24.85 23.36
C GLU A 304 2.82 -23.88 24.21
N ARG A 305 3.39 -24.35 25.32
CA ARG A 305 4.08 -23.46 26.25
C ARG A 305 5.59 -23.49 26.08
N GLU A 306 6.19 -24.66 26.16
CA GLU A 306 7.65 -24.81 26.19
C GLU A 306 8.23 -24.46 24.82
N ASN A 307 9.51 -24.09 24.81
CA ASN A 307 10.21 -23.82 23.58
C ASN A 307 10.60 -25.08 22.82
N ASP A 308 10.54 -26.24 23.45
CA ASP A 308 10.89 -27.49 22.80
C ASP A 308 9.71 -28.15 22.10
N TYR A 309 8.49 -27.64 22.27
CA TYR A 309 7.34 -28.16 21.55
C TYR A 309 6.78 -27.14 20.58
N ARG A 310 6.29 -26.00 21.07
CA ARG A 310 5.81 -24.88 20.29
C ARG A 310 5.87 -23.66 21.20
N PRO A 311 6.62 -22.62 20.85
CA PRO A 311 6.78 -21.49 21.75
C PRO A 311 5.50 -20.67 21.89
N MET A 312 5.51 -19.80 22.89
CA MET A 312 4.44 -18.83 23.14
C MET A 312 4.75 -17.54 22.41
N GLN A 313 3.74 -16.95 21.79
CA GLN A 313 3.84 -15.61 21.21
C GLN A 313 2.52 -14.87 21.39
N GLY A 314 2.42 -14.07 22.43
CA GLY A 314 1.39 -13.04 22.54
C GLY A 314 0.00 -13.62 22.81
N VAL A 315 -0.82 -12.81 23.48
CA VAL A 315 -2.20 -13.13 23.78
C VAL A 315 -3.04 -11.85 23.68
N ALA A 316 -4.36 -12.02 23.78
CA ALA A 316 -5.29 -10.90 23.84
C ALA A 316 -6.64 -11.45 24.30
N ILE A 317 -7.36 -10.63 25.07
CA ILE A 317 -8.62 -11.06 25.68
C ILE A 317 -9.72 -10.11 25.25
N SER A 318 -10.95 -10.58 25.29
CA SER A 318 -12.14 -9.81 24.93
C SER A 318 -13.18 -9.95 26.04
N ASP A 319 -14.39 -9.48 25.75
CA ASP A 319 -15.49 -9.61 26.71
C ASP A 319 -15.97 -11.04 26.87
N LYS A 320 -15.95 -11.85 25.81
CA LYS A 320 -16.50 -13.20 25.87
C LYS A 320 -15.55 -14.25 25.33
N ASN A 321 -14.38 -13.86 24.85
CA ASN A 321 -13.47 -14.80 24.21
C ASN A 321 -12.04 -14.54 24.67
N CYS A 322 -11.24 -15.60 24.65
CA CYS A 322 -9.82 -15.54 24.94
C CYS A 322 -9.04 -16.02 23.72
N TYR A 323 -7.98 -15.30 23.38
CA TYR A 323 -7.20 -15.57 22.19
C TYR A 323 -5.79 -15.97 22.57
N TRP A 324 -5.33 -17.09 22.03
CA TRP A 324 -4.00 -17.60 22.27
C TRP A 324 -3.35 -17.92 20.93
N MET A 325 -2.03 -17.87 20.88
CA MET A 325 -1.29 -17.95 19.63
C MET A 325 -0.15 -18.94 19.82
N SER A 326 0.45 -19.37 18.70
CA SER A 326 1.22 -20.61 18.68
C SER A 326 2.64 -20.35 18.20
N GLY A 327 3.32 -21.45 17.87
CA GLY A 327 4.77 -21.48 17.76
C GLY A 327 5.44 -20.96 16.50
N TRP A 328 6.39 -21.74 15.98
CA TRP A 328 7.45 -21.20 15.14
C TRP A 328 6.94 -20.54 13.86
N GLY A 329 6.02 -21.17 13.15
CA GLY A 329 5.44 -20.57 11.98
C GLY A 329 6.22 -20.74 10.69
N THR A 330 7.20 -21.63 10.64
CA THR A 330 7.87 -21.96 9.39
C THR A 330 6.97 -22.93 8.62
N ASP A 331 7.54 -23.58 7.59
CA ASP A 331 6.82 -24.67 6.93
C ASP A 331 6.43 -25.73 7.95
N GLU A 332 7.24 -25.89 9.00
CA GLU A 332 6.88 -26.71 10.14
C GLU A 332 6.41 -25.82 11.28
N ASN A 333 5.54 -26.36 12.12
CA ASN A 333 5.05 -25.71 13.34
C ASN A 333 4.04 -24.60 13.05
N ILE A 334 3.86 -24.29 11.76
CA ILE A 334 2.70 -23.60 11.19
C ILE A 334 1.93 -22.77 12.23
N GLY A 335 2.33 -21.51 12.41
CA GLY A 335 1.72 -20.71 13.46
C GLY A 335 0.20 -20.69 13.34
N LYS A 336 -0.47 -20.85 14.48
CA LYS A 336 -1.92 -20.95 14.53
C LYS A 336 -2.47 -20.03 15.60
N VAL A 337 -3.79 -19.84 15.58
CA VAL A 337 -4.51 -19.05 16.57
C VAL A 337 -5.64 -19.88 17.13
N PHE A 338 -5.75 -19.93 18.45
CA PHE A 338 -6.82 -20.61 19.14
C PHE A 338 -7.78 -19.60 19.73
N VAL A 339 -9.07 -19.79 19.49
CA VAL A 339 -10.11 -18.94 20.07
C VAL A 339 -10.78 -19.74 21.18
N TYR A 340 -11.01 -19.09 22.32
CA TYR A 340 -11.46 -19.78 23.52
C TYR A 340 -12.69 -19.10 24.11
N ASP A 341 -13.25 -19.76 25.11
CA ASP A 341 -14.33 -19.25 25.94
C ASP A 341 -13.89 -19.31 27.40
N TRP A 342 -14.46 -18.42 28.21
CA TRP A 342 -14.14 -18.38 29.62
C TRP A 342 -14.72 -19.56 30.40
N HIS A 343 -15.59 -20.36 29.78
CA HIS A 343 -16.03 -21.60 30.41
C HIS A 343 -15.01 -22.71 30.29
N GLY A 344 -13.94 -22.50 29.53
CA GLY A 344 -12.91 -23.52 29.37
C GLY A 344 -13.15 -24.40 28.17
N LYS A 345 -13.71 -23.85 27.10
CA LYS A 345 -13.97 -24.58 25.88
C LYS A 345 -13.17 -23.99 24.73
N LEU A 346 -12.66 -24.88 23.88
CA LEU A 346 -11.97 -24.50 22.66
C LEU A 346 -12.99 -24.48 21.53
N LEU A 347 -12.92 -23.47 20.68
CA LEU A 347 -13.93 -23.27 19.64
C LEU A 347 -13.42 -23.53 18.24
N ASP A 348 -12.38 -22.81 17.80
CA ASP A 348 -11.94 -22.85 16.41
C ASP A 348 -10.43 -22.73 16.35
N THR A 349 -9.88 -23.08 15.18
CA THR A 349 -8.46 -22.93 14.90
C THR A 349 -8.28 -22.31 13.53
N ILE A 350 -7.14 -21.63 13.35
CA ILE A 350 -6.82 -20.95 12.10
C ILE A 350 -5.36 -21.20 11.77
N THR A 351 -5.08 -21.52 10.51
CA THR A 351 -3.71 -21.72 10.05
C THR A 351 -3.28 -20.53 9.20
N LEU A 352 -2.13 -19.94 9.54
CA LEU A 352 -1.66 -18.73 8.89
C LEU A 352 -0.75 -19.10 7.72
N ASP A 353 -1.38 -19.40 6.60
CA ASP A 353 -0.69 -19.64 5.34
C ASP A 353 -1.22 -18.81 4.18
N ASN A 354 -2.34 -18.12 4.37
CA ASN A 354 -3.00 -17.38 3.31
C ASN A 354 -2.48 -15.95 3.16
N LEU A 355 -1.44 -15.58 3.90
CA LEU A 355 -1.05 -14.18 3.99
C LEU A 355 -0.45 -13.69 2.68
N THR A 356 -0.37 -12.36 2.56
CA THR A 356 0.16 -11.69 1.39
C THR A 356 1.60 -11.28 1.65
N GLN A 357 2.55 -11.98 1.01
CA GLN A 357 3.95 -11.67 1.16
C GLN A 357 4.49 -11.04 -0.12
N VAL A 358 5.75 -10.62 -0.06
CA VAL A 358 6.31 -9.74 -1.08
C VAL A 358 6.30 -10.42 -2.45
N THR A 359 6.95 -11.55 -2.57
CA THR A 359 6.99 -12.10 -3.89
C THR A 359 5.87 -13.01 -4.22
N GLY A 360 4.83 -13.01 -3.43
CA GLY A 360 3.69 -13.82 -3.81
C GLY A 360 2.61 -13.97 -2.78
N VAL A 361 1.60 -14.76 -3.07
CA VAL A 361 0.59 -14.99 -2.07
C VAL A 361 0.88 -16.30 -1.41
N GLY A 362 1.07 -16.33 -0.09
CA GLY A 362 1.05 -17.67 0.59
C GLY A 362 2.32 -18.26 1.21
N GLY A 363 2.56 -18.13 2.52
CA GLY A 363 3.59 -18.88 3.18
C GLY A 363 5.00 -18.38 3.13
N GLU A 364 5.92 -19.13 3.70
CA GLU A 364 7.30 -18.71 3.76
C GLU A 364 8.04 -18.68 2.46
N GLU A 365 7.63 -19.48 1.50
CA GLU A 365 8.41 -19.56 0.30
C GLU A 365 8.50 -18.27 -0.36
N TYR A 366 7.39 -17.62 -0.47
CA TYR A 366 7.40 -16.42 -1.20
C TYR A 366 7.78 -15.30 -0.30
N ALA A 367 7.96 -15.59 0.96
CA ALA A 367 8.15 -14.51 1.87
C ALA A 367 9.33 -13.60 1.85
N SER A 368 10.54 -14.09 1.83
CA SER A 368 11.69 -13.19 1.90
C SER A 368 12.98 -13.94 2.02
N ASP A 369 13.77 -13.63 3.06
CA ASP A 369 14.96 -14.42 3.33
C ASP A 369 14.46 -15.58 4.06
N ASN A 370 13.14 -15.55 4.12
CA ASN A 370 12.42 -16.62 4.74
C ASN A 370 12.36 -16.14 6.13
N HIS A 371 11.88 -16.98 7.01
CA HIS A 371 11.83 -16.64 8.41
C HIS A 371 10.81 -15.71 8.98
N SER A 372 9.60 -15.67 8.44
CA SER A 372 8.58 -14.90 9.11
C SER A 372 8.31 -15.56 10.45
N GLU A 373 8.16 -14.82 11.51
CA GLU A 373 7.98 -15.41 12.81
C GLU A 373 6.79 -14.81 13.55
N PRO A 374 5.63 -15.45 13.51
CA PRO A 374 4.43 -14.86 14.11
C PRO A 374 4.72 -14.39 15.52
N GLU A 375 4.34 -13.15 15.83
CA GLU A 375 4.94 -12.46 16.96
C GLU A 375 4.00 -11.69 17.88
N GLY A 376 2.74 -11.45 17.49
CA GLY A 376 1.91 -10.62 18.35
C GLY A 376 0.44 -10.85 18.18
N LEU A 377 -0.34 -10.27 19.08
CA LEU A 377 -1.80 -10.28 19.01
C LEU A 377 -2.36 -9.09 19.77
N PHE A 378 -3.42 -8.49 19.22
CA PHE A 378 -4.14 -7.42 19.89
C PHE A 378 -5.53 -7.30 19.29
N PHE A 379 -6.54 -7.31 20.16
CA PHE A 379 -7.93 -7.28 19.76
C PHE A 379 -8.55 -5.98 20.25
N THR A 380 -9.22 -5.27 19.35
CA THR A 380 -9.93 -4.05 19.70
C THR A 380 -11.09 -3.84 18.75
N GLU A 381 -12.23 -3.42 19.29
CA GLU A 381 -13.36 -2.97 18.49
C GLU A 381 -13.59 -1.50 18.80
N ASP A 382 -13.75 -0.70 17.76
CA ASP A 382 -13.89 0.73 17.92
C ASP A 382 -14.92 1.26 16.95
N LYS A 383 -15.76 2.18 17.41
CA LYS A 383 -16.74 2.86 16.58
C LYS A 383 -17.64 1.87 15.85
N GLY A 384 -18.12 0.88 16.59
CA GLY A 384 -19.10 -0.04 16.07
C GLY A 384 -18.58 -1.08 15.10
N LYS A 385 -17.28 -1.25 15.00
CA LYS A 385 -16.70 -2.25 14.10
C LYS A 385 -15.68 -3.07 14.87
N LYS A 386 -15.54 -4.33 14.46
CA LYS A 386 -14.68 -5.29 15.14
C LYS A 386 -13.55 -5.71 14.22
N VAL A 387 -12.35 -5.81 14.78
CA VAL A 387 -11.16 -6.17 14.02
C VAL A 387 -10.13 -6.77 14.96
N LEU A 388 -9.33 -7.69 14.46
CA LEU A 388 -8.24 -8.30 15.23
C LEU A 388 -6.95 -8.19 14.44
N PHE A 389 -5.85 -7.89 15.12
CA PHE A 389 -4.57 -7.63 14.49
C PHE A 389 -3.59 -8.74 14.82
N VAL A 390 -2.78 -9.12 13.84
CA VAL A 390 -1.76 -10.16 14.01
C VAL A 390 -0.44 -9.59 13.54
N GLY A 391 0.58 -9.69 14.40
CA GLY A 391 1.89 -9.18 14.04
C GLY A 391 2.78 -10.24 13.45
N PHE A 392 3.88 -9.79 12.82
CA PHE A 392 4.85 -10.67 12.22
C PHE A 392 6.22 -10.01 12.27
N SER A 393 7.26 -10.85 12.18
CA SER A 393 8.63 -10.39 12.05
C SER A 393 9.28 -11.11 10.88
N THR A 394 9.80 -10.36 9.92
CA THR A 394 10.29 -10.92 8.67
C THR A 394 11.74 -10.52 8.44
N GLY A 395 12.54 -11.45 7.94
CA GLY A 395 13.90 -11.19 7.55
C GLY A 395 14.81 -12.28 8.04
N GLY A 396 16.12 -11.98 8.04
CA GLY A 396 17.11 -12.89 8.55
C GLY A 396 17.73 -12.33 9.82
N THR A 397 18.84 -12.93 10.23
CA THR A 397 19.53 -12.47 11.42
C THR A 397 20.11 -11.08 11.20
N ARG A 398 19.80 -10.15 12.10
CA ARG A 398 20.30 -8.78 12.06
C ARG A 398 19.79 -8.03 10.83
N LYS A 399 18.86 -8.64 10.10
CA LYS A 399 18.17 -8.00 8.98
C LYS A 399 16.68 -8.28 9.15
N ARG A 400 15.99 -7.43 9.92
CA ARG A 400 14.65 -7.74 10.39
C ARG A 400 13.70 -6.58 10.16
N HIS A 401 12.50 -6.88 9.69
CA HIS A 401 11.45 -5.91 9.44
C HIS A 401 10.20 -6.32 10.19
N HIS A 402 9.12 -5.55 10.02
CA HIS A 402 7.88 -5.81 10.71
C HIS A 402 6.69 -5.52 9.80
N LYS A 403 5.57 -6.19 10.07
CA LYS A 403 4.35 -5.99 9.33
C LYS A 403 3.16 -6.22 10.25
N ILE A 404 2.02 -5.63 9.90
CA ILE A 404 0.79 -5.75 10.67
C ILE A 404 -0.33 -6.20 9.76
N TYR A 405 -1.06 -7.22 10.18
CA TYR A 405 -2.19 -7.75 9.43
C TYR A 405 -3.45 -7.65 10.28
N GLY A 406 -4.61 -7.65 9.63
CA GLY A 406 -5.87 -7.51 10.33
C GLY A 406 -6.97 -8.36 9.71
N PHE A 407 -7.81 -8.89 10.58
CA PHE A 407 -9.06 -9.54 10.20
C PHE A 407 -10.19 -8.64 10.63
N SER A 408 -11.00 -8.19 9.68
CA SER A 408 -11.97 -7.14 9.97
C SER A 408 -13.36 -7.57 9.52
N GLN A 409 -14.35 -6.90 10.08
CA GLN A 409 -15.73 -7.05 9.67
C GLN A 409 -15.91 -6.47 8.26
N ARG A 410 -17.10 -6.61 7.74
CA ARG A 410 -17.35 -6.01 6.48
C ARG A 410 -17.43 -4.59 6.69
N GLY A 411 -16.39 -3.85 6.33
CA GLY A 411 -16.36 -2.41 6.51
C GLY A 411 -15.61 -1.74 7.61
N GLY A 412 -14.79 -2.45 8.32
CA GLY A 412 -14.12 -1.82 9.43
C GLY A 412 -12.76 -1.20 9.20
N LEU A 413 -12.22 -1.29 8.00
CA LEU A 413 -10.85 -0.84 7.78
C LEU A 413 -10.73 0.56 7.22
N GLU A 414 -11.78 1.10 6.65
CA GLU A 414 -11.66 2.39 5.97
C GLU A 414 -10.83 3.38 6.76
N ARG A 415 -11.12 3.53 8.05
CA ARG A 415 -10.42 4.52 8.84
C ARG A 415 -8.92 4.23 8.93
N TYR A 416 -8.55 2.96 9.08
CA TYR A 416 -7.14 2.63 9.20
C TYR A 416 -6.40 2.82 7.89
N SER A 417 -7.02 2.45 6.77
CA SER A 417 -6.41 2.70 5.48
C SER A 417 -6.22 4.19 5.23
N SER A 418 -7.22 5.01 5.57
CA SER A 418 -7.04 6.45 5.40
C SER A 418 -6.00 7.02 6.34
N ILE A 419 -5.91 6.49 7.57
CA ILE A 419 -4.86 6.93 8.48
C ILE A 419 -3.49 6.66 7.88
N VAL A 420 -3.32 5.48 7.29
CA VAL A 420 -2.05 5.20 6.60
C VAL A 420 -1.85 6.13 5.42
N ARG A 421 -2.91 6.38 4.63
CA ARG A 421 -2.80 7.25 3.47
C ARG A 421 -2.43 8.67 3.87
N ASN A 422 -2.72 9.06 5.12
CA ASN A 422 -2.33 10.37 5.59
C ASN A 422 -0.83 10.62 5.48
N GLY A 423 0.00 9.67 5.89
CA GLY A 423 1.43 9.90 5.95
C GLY A 423 2.25 9.13 4.94
N ALA A 424 1.74 9.03 3.71
CA ALA A 424 2.40 8.32 2.62
C ALA A 424 2.92 9.34 1.60
N GLN A 425 3.47 8.85 0.49
CA GLN A 425 3.90 9.69 -0.62
C GLN A 425 2.75 9.83 -1.61
N ASN A 426 2.45 11.08 -1.98
CA ASN A 426 1.41 11.34 -2.97
C ASN A 426 1.94 11.83 -4.30
N TYR A 427 3.22 12.18 -4.39
CA TYR A 427 3.64 12.68 -5.69
C TYR A 427 4.60 11.68 -6.34
N PRO A 428 4.36 11.30 -7.59
CA PRO A 428 5.17 10.24 -8.19
C PRO A 428 6.56 10.71 -8.61
N LEU A 429 7.59 10.29 -7.87
CA LEU A 429 8.95 10.59 -8.27
C LEU A 429 9.33 9.80 -9.51
N THR A 430 9.05 8.50 -9.53
CA THR A 430 9.23 7.66 -10.69
C THR A 430 7.93 6.91 -10.93
N ARG A 431 7.86 6.20 -12.05
CA ARG A 431 6.63 5.49 -12.35
C ARG A 431 6.48 4.27 -11.45
N GLY A 432 5.34 3.60 -11.57
CA GLY A 432 5.00 2.53 -10.65
C GLY A 432 5.99 1.38 -10.67
N ASP A 433 6.43 0.96 -11.85
CA ASP A 433 7.27 -0.23 -11.95
C ASP A 433 8.74 0.10 -11.69
N GLY A 434 9.05 1.35 -11.40
CA GLY A 434 10.41 1.72 -11.09
C GLY A 434 11.13 2.39 -12.25
N LYS A 435 10.45 2.47 -13.39
CA LYS A 435 11.04 3.15 -14.54
C LYS A 435 10.96 4.65 -14.35
N ALA A 436 11.73 5.41 -15.13
CA ALA A 436 11.76 6.86 -15.02
C ALA A 436 10.86 7.49 -16.07
N HIS A 437 10.33 8.66 -15.72
CA HIS A 437 9.46 9.38 -16.63
C HIS A 437 10.19 9.70 -17.93
N SER A 438 9.44 9.64 -19.03
CA SER A 438 10.00 9.96 -20.32
C SER A 438 9.71 11.41 -20.69
N THR A 439 10.52 11.96 -21.58
CA THR A 439 10.33 13.32 -22.04
C THR A 439 9.07 13.42 -22.88
N PRO A 440 8.33 14.51 -22.75
CA PRO A 440 7.17 14.73 -23.61
C PRO A 440 7.60 14.96 -25.05
N ASP A 441 6.68 14.71 -25.97
CA ASP A 441 6.95 14.93 -27.38
C ASP A 441 6.99 16.42 -27.69
N GLY A 442 8.05 16.86 -28.39
CA GLY A 442 8.13 18.24 -28.80
C GLY A 442 8.86 19.13 -27.82
N LEU A 443 10.00 18.68 -27.31
CA LEU A 443 10.81 19.48 -26.43
C LEU A 443 12.03 20.03 -27.15
N THR A 444 12.23 21.33 -27.05
CA THR A 444 13.35 22.01 -27.69
C THR A 444 14.18 22.82 -26.71
N LYS A 445 13.60 23.26 -25.60
CA LYS A 445 14.31 24.08 -24.64
C LYS A 445 14.49 23.29 -23.34
N LEU A 446 15.74 23.28 -22.85
CA LEU A 446 16.04 22.58 -21.62
C LEU A 446 15.30 23.14 -20.43
N SER A 447 15.01 24.44 -20.43
CA SER A 447 14.26 25.05 -19.35
C SER A 447 12.76 24.88 -19.50
N ASP A 448 12.33 23.95 -20.34
CA ASP A 448 10.90 23.65 -20.45
C ASP A 448 10.51 22.38 -19.71
N LEU A 449 11.45 21.46 -19.49
CA LEU A 449 11.22 20.31 -18.64
C LEU A 449 11.32 20.74 -17.20
N THR A 450 10.28 21.39 -16.70
CA THR A 450 10.25 21.88 -15.32
C THR A 450 9.16 21.12 -14.59
N LYS A 451 9.50 19.92 -14.12
CA LYS A 451 8.57 19.04 -13.45
C LYS A 451 9.33 18.10 -12.54
N VAL A 452 8.80 17.93 -11.32
CA VAL A 452 9.52 17.21 -10.29
C VAL A 452 9.55 15.73 -10.62
N GLY A 453 10.74 15.13 -10.56
CA GLY A 453 10.91 13.71 -10.77
C GLY A 453 12.12 13.44 -11.61
N SER A 454 12.30 12.17 -11.96
CA SER A 454 13.40 11.75 -12.81
C SER A 454 12.97 11.73 -14.27
N TYR A 455 13.96 11.80 -15.15
CA TYR A 455 13.67 11.90 -16.58
C TYR A 455 14.81 11.28 -17.37
N TYR A 456 14.46 10.50 -18.39
CA TYR A 456 15.43 9.90 -19.29
C TYR A 456 15.13 10.35 -20.71
N ALA A 457 16.16 10.77 -21.46
CA ALA A 457 15.95 11.30 -22.81
C ALA A 457 16.59 10.47 -23.91
N GLN A 458 15.81 10.04 -24.89
CA GLN A 458 16.33 9.14 -25.90
C GLN A 458 17.37 9.74 -26.77
N GLY A 459 18.32 8.93 -27.20
CA GLY A 459 19.41 9.40 -28.03
C GLY A 459 19.04 9.95 -29.38
N SER A 460 18.05 9.35 -30.02
CA SER A 460 17.70 9.77 -31.37
C SER A 460 17.28 11.21 -31.35
N ASP A 461 16.51 11.62 -30.35
CA ASP A 461 16.07 13.00 -30.24
C ASP A 461 16.88 13.67 -29.21
N VAL A 462 17.94 13.02 -28.80
CA VAL A 462 18.68 13.60 -27.74
C VAL A 462 19.18 14.94 -28.20
N ALA A 463 19.59 15.04 -29.44
CA ALA A 463 20.20 16.27 -29.88
C ALA A 463 19.24 17.24 -30.56
N LEU A 464 17.98 16.85 -30.64
CA LEU A 464 17.01 17.70 -31.24
C LEU A 464 16.81 18.86 -30.30
N LEU A 465 17.33 18.71 -29.09
CA LEU A 465 17.38 19.83 -28.18
C LEU A 465 18.27 20.92 -28.80
N THR A 466 17.90 22.19 -28.68
CA THR A 466 18.72 23.28 -29.21
C THR A 466 19.55 23.90 -28.16
N ASP A 467 19.29 23.56 -26.91
CA ASP A 467 20.17 24.07 -25.90
C ASP A 467 20.82 22.96 -25.15
N LEU A 468 22.13 22.90 -25.17
CA LEU A 468 22.84 21.92 -24.40
C LEU A 468 24.35 22.04 -24.62
N PRO A 469 25.18 21.94 -23.57
CA PRO A 469 26.61 22.11 -23.78
C PRO A 469 27.13 21.15 -24.85
N VAL A 470 28.06 21.62 -25.64
CA VAL A 470 28.51 20.80 -26.72
C VAL A 470 29.25 19.55 -26.23
N GLU A 471 29.74 19.55 -24.99
CA GLU A 471 30.38 18.35 -24.45
C GLU A 471 29.39 17.22 -24.31
N PHE A 472 28.17 17.55 -23.90
CA PHE A 472 27.15 16.56 -23.72
C PHE A 472 26.63 16.01 -25.02
N LYS A 473 26.94 16.61 -26.14
CA LYS A 473 26.35 16.19 -27.39
C LYS A 473 26.59 14.77 -27.80
N GLY A 474 25.56 14.21 -28.44
CA GLY A 474 25.63 13.01 -29.26
C GLY A 474 25.40 11.65 -28.65
N VAL A 475 25.15 11.59 -27.35
CA VAL A 475 24.94 10.31 -26.67
C VAL A 475 23.72 10.47 -25.77
N PRO A 476 23.07 9.37 -25.40
CA PRO A 476 21.86 9.49 -24.63
C PRO A 476 22.03 10.22 -23.35
N LEU A 477 21.02 10.93 -22.88
CA LEU A 477 21.16 11.78 -21.70
C LEU A 477 20.17 11.54 -20.60
N TRP A 478 20.49 11.93 -19.37
CA TRP A 478 19.59 11.76 -18.24
C TRP A 478 19.30 13.06 -17.60
N ILE A 479 18.18 13.16 -16.91
CA ILE A 479 17.78 14.38 -16.22
C ILE A 479 17.22 14.00 -14.85
N ASP A 480 17.65 14.72 -13.82
CA ASP A 480 17.23 14.47 -12.43
C ASP A 480 16.87 15.79 -11.77
N ASN A 481 15.59 16.14 -11.76
CA ASN A 481 15.16 17.32 -11.04
C ASN A 481 15.13 17.05 -9.55
N LEU A 482 15.30 18.10 -8.76
CA LEU A 482 15.23 18.06 -7.31
C LEU A 482 13.82 18.44 -6.90
N PRO A 483 13.42 18.14 -5.64
CA PRO A 483 11.98 18.23 -5.32
C PRO A 483 11.34 19.58 -5.57
N ALA A 484 11.73 20.66 -4.87
CA ALA A 484 11.11 21.96 -5.09
C ALA A 484 11.70 23.02 -4.18
N GLU A 485 11.26 24.25 -4.42
CA GLU A 485 11.43 25.40 -3.53
C GLU A 485 10.03 25.90 -3.20
N GLN A 486 9.93 26.71 -2.14
CA GLN A 486 8.62 27.19 -1.69
C GLN A 486 7.88 27.92 -2.80
N HIS A 487 8.61 28.57 -3.71
CA HIS A 487 8.01 29.25 -4.85
C HIS A 487 7.98 28.37 -6.09
N ASN A 488 7.98 27.05 -5.91
CA ASN A 488 7.98 26.10 -7.01
C ASN A 488 9.21 26.25 -7.89
N ASP A 489 10.33 26.64 -7.29
CA ASP A 489 11.61 26.66 -7.96
C ASP A 489 12.31 25.33 -7.75
N VAL A 490 13.20 24.99 -8.70
CA VAL A 490 13.75 23.65 -8.79
C VAL A 490 15.25 23.73 -9.04
N ARG A 491 15.96 22.68 -8.66
CA ARG A 491 17.32 22.43 -9.12
C ARG A 491 17.27 21.42 -10.26
N GLN A 492 18.15 21.59 -11.23
CA GLN A 492 18.19 20.70 -12.37
C GLN A 492 19.59 20.11 -12.50
N VAL A 493 19.65 18.79 -12.72
CA VAL A 493 20.91 18.06 -12.78
C VAL A 493 20.95 17.29 -14.09
N ILE A 494 22.10 17.31 -14.75
CA ILE A 494 22.30 16.66 -16.03
C ILE A 494 23.47 15.69 -15.92
N THR A 495 23.28 14.47 -16.39
CA THR A 495 24.32 13.46 -16.39
C THR A 495 24.36 12.78 -17.75
N ARG A 496 25.54 12.27 -18.16
CA ARG A 496 25.69 11.65 -19.47
C ARG A 496 25.69 10.16 -19.44
N ARG A 497 25.09 9.49 -20.42
CA ARG A 497 25.13 8.06 -20.45
C ARG A 497 26.29 7.56 -21.24
N SER A 498 27.40 7.27 -20.59
CA SER A 498 28.53 6.72 -21.32
C SER A 498 29.09 5.48 -20.73
N THR A 499 29.20 4.42 -21.52
CA THR A 499 29.82 3.20 -21.02
C THR A 499 31.33 3.16 -20.76
N GLU A 500 32.15 3.72 -21.65
CA GLU A 500 33.60 3.64 -21.49
C GLU A 500 34.45 4.90 -21.25
N LYS A 501 33.96 6.07 -21.63
CA LYS A 501 34.62 7.31 -21.28
C LYS A 501 34.39 7.71 -19.86
N SER A 502 33.47 8.64 -19.66
CA SER A 502 33.23 9.13 -18.32
C SER A 502 31.85 9.78 -18.10
N MET A 503 31.43 9.99 -16.85
CA MET A 503 30.15 10.64 -16.54
C MET A 503 30.31 12.05 -16.05
N LEU A 504 29.61 13.00 -16.63
CA LEU A 504 29.77 14.39 -16.26
C LEU A 504 28.62 14.75 -15.37
N LYS A 505 28.63 15.97 -14.85
CA LYS A 505 27.53 16.42 -14.01
C LYS A 505 27.46 17.94 -14.00
N PHE A 506 26.27 18.47 -14.28
CA PHE A 506 26.02 19.90 -14.32
C PHE A 506 24.83 20.22 -13.42
N GLU A 507 24.86 21.38 -12.77
CA GLU A 507 23.81 21.78 -11.85
C GLU A 507 23.62 23.29 -11.90
N ARG A 508 22.37 23.71 -11.79
CA ARG A 508 22.05 25.13 -11.85
C ARG A 508 20.70 25.37 -11.19
N MET A 509 20.33 26.64 -11.12
CA MET A 509 19.08 27.07 -10.51
C MET A 509 18.11 27.53 -11.60
N ILE A 510 16.82 27.35 -11.35
CA ILE A 510 15.79 27.78 -12.28
C ILE A 510 14.70 28.49 -11.50
N ASN A 511 14.22 29.60 -12.05
CA ASN A 511 13.07 30.30 -11.52
C ASN A 511 12.00 30.35 -12.60
N ILE A 512 10.90 29.64 -12.37
CA ILE A 512 9.84 29.55 -13.38
C ILE A 512 9.14 30.89 -13.54
N GLY A 513 8.86 31.58 -12.44
CA GLY A 513 8.28 32.90 -12.54
C GLY A 513 6.82 32.92 -12.94
N LYS A 514 5.94 32.41 -12.08
CA LYS A 514 4.53 32.33 -12.46
C LYS A 514 3.74 33.52 -11.91
N ALA A 515 3.89 33.83 -10.63
CA ALA A 515 3.03 34.83 -10.02
C ALA A 515 3.62 36.24 -10.11
N GLU A 516 4.77 36.45 -9.48
CA GLU A 516 5.35 37.79 -9.47
C GLU A 516 6.79 37.78 -9.97
N GLN A 517 7.54 36.72 -9.64
CA GLN A 517 8.89 36.61 -10.14
C GLN A 517 8.88 36.29 -11.63
N ALA A 518 10.06 36.37 -12.26
CA ALA A 518 10.18 36.21 -13.70
C ALA A 518 11.15 35.07 -14.01
N PHE A 519 11.11 34.64 -15.27
CA PHE A 519 11.96 33.56 -15.74
C PHE A 519 13.43 33.90 -15.52
N SER A 520 14.16 32.97 -14.92
CA SER A 520 15.56 33.21 -14.58
C SER A 520 16.33 31.89 -14.62
N VAL A 521 17.57 31.96 -15.08
CA VAL A 521 18.45 30.80 -15.19
C VAL A 521 19.79 31.14 -14.56
N GLY A 522 20.29 30.26 -13.70
CA GLY A 522 21.57 30.46 -13.06
C GLY A 522 22.73 29.88 -13.85
N SER A 523 23.92 30.04 -13.28
CA SER A 523 25.14 29.57 -13.94
C SER A 523 25.34 28.07 -13.75
N TRP A 524 26.08 27.46 -14.67
CA TRP A 524 26.40 26.05 -14.56
C TRP A 524 27.44 25.81 -13.47
N THR A 525 27.35 24.65 -12.82
CA THR A 525 28.36 24.19 -11.87
C THR A 525 28.78 22.79 -12.26
N VAL A 526 30.09 22.55 -12.35
CA VAL A 526 30.64 21.29 -12.84
C VAL A 526 31.61 20.73 -11.82
N TYR A 527 31.51 19.43 -11.56
CA TYR A 527 32.48 18.73 -10.72
C TYR A 527 33.66 18.29 -11.57
N GLN A 528 34.41 17.33 -11.03
CA GLN A 528 35.51 16.70 -11.73
C GLN A 528 35.36 15.18 -11.69
N SER A 529 35.71 14.53 -12.79
CA SER A 529 35.61 13.08 -12.90
C SER A 529 36.71 12.58 -13.82
N GLN A 530 37.45 11.56 -13.39
CA GLN A 530 38.58 11.05 -14.14
C GLN A 530 38.51 9.54 -14.24
N THR A 531 38.83 9.01 -15.43
CA THR A 531 38.79 7.57 -15.70
C THR A 531 39.99 7.16 -16.54
N THR A 532 39.93 5.97 -17.11
CA THR A 532 41.05 5.39 -17.84
C THR A 532 41.17 5.91 -19.28
N ARG A 533 40.23 6.72 -19.73
CA ARG A 533 40.28 7.31 -21.06
C ARG A 533 39.77 8.74 -21.02
N GLY A 534 40.66 9.70 -21.23
CA GLY A 534 40.30 11.10 -21.19
C GLY A 534 39.49 11.51 -22.41
N GLU A 535 38.99 12.74 -22.35
CA GLU A 535 38.17 13.25 -23.45
C GLU A 535 39.03 13.61 -24.65
N PHE A 536 38.43 13.52 -25.83
CA PHE A 536 39.12 13.75 -27.10
C PHE A 536 38.82 15.17 -27.58
N ILE A 537 39.87 15.95 -27.83
CA ILE A 537 39.68 17.26 -28.42
C ILE A 537 39.41 17.12 -29.92
N ASP A 538 38.52 17.95 -30.44
CA ASP A 538 38.24 18.01 -31.86
C ASP A 538 38.62 19.39 -32.38
N ALA A 539 39.47 19.43 -33.40
CA ALA A 539 39.88 20.71 -33.96
C ALA A 539 38.72 21.44 -34.60
N SER A 540 37.88 20.72 -35.35
CA SER A 540 36.81 21.37 -36.11
C SER A 540 35.77 22.00 -35.19
N ILE A 541 35.48 21.35 -34.05
CA ILE A 541 34.45 21.85 -33.16
C ILE A 541 34.85 23.21 -32.57
N TYR A 542 36.12 23.34 -32.18
CA TYR A 542 36.57 24.51 -31.45
C TYR A 542 37.14 25.60 -32.34
N GLN A 543 36.81 25.59 -33.63
CA GLN A 543 37.25 26.68 -34.51
C GLN A 543 38.73 26.85 -34.50
N ASN A 544 39.45 25.94 -33.85
CA ASN A 544 40.90 25.92 -33.87
C ASN A 544 41.51 26.93 -32.99
N LYS A 545 40.71 27.68 -32.27
CA LYS A 545 41.31 28.74 -31.52
C LYS A 545 42.24 28.22 -30.52
N LEU A 546 41.81 27.14 -29.88
CA LEU A 546 42.50 26.55 -28.76
C LEU A 546 42.33 27.56 -27.68
N SER A 547 41.49 28.54 -27.94
CA SER A 547 41.23 29.50 -26.93
C SER A 547 39.76 29.74 -26.94
N ASN A 548 39.01 28.88 -27.62
CA ASN A 548 37.57 29.01 -27.55
C ASN A 548 36.93 28.21 -26.39
N ILE A 549 37.76 27.44 -25.69
CA ILE A 549 37.26 26.55 -24.65
C ILE A 549 36.67 27.27 -23.50
N THR A 550 35.40 27.57 -23.57
CA THR A 550 34.73 28.18 -22.43
C THR A 550 34.58 27.31 -21.18
N SER A 551 34.27 26.02 -21.33
CA SER A 551 33.94 25.15 -20.18
C SER A 551 34.93 24.87 -19.07
N PRO A 552 34.45 24.97 -17.85
CA PRO A 552 35.36 24.84 -16.72
C PRO A 552 35.90 23.53 -16.29
N MET A 553 37.13 23.52 -15.79
CA MET A 553 37.69 22.33 -15.15
C MET A 553 37.70 21.06 -15.90
N LYS A 554 37.78 21.14 -17.20
CA LYS A 554 37.63 19.95 -17.96
C LYS A 554 38.62 18.80 -17.87
N MET A 555 39.92 19.08 -17.82
CA MET A 555 40.93 18.02 -17.89
C MET A 555 40.68 17.37 -19.23
N TYR A 556 40.18 18.15 -20.18
CA TYR A 556 39.77 17.61 -21.43
C TYR A 556 40.82 17.53 -22.42
N MET A 557 41.83 16.71 -22.21
CA MET A 557 42.76 16.62 -23.29
C MET A 557 43.66 15.48 -23.49
N THR A 558 44.04 15.30 -24.73
CA THR A 558 45.00 14.32 -25.08
C THR A 558 45.11 14.31 -26.59
N ALA A 559 45.96 13.49 -27.16
CA ALA A 559 46.16 13.23 -28.62
C ALA A 559 47.27 13.95 -29.36
N GLU A 560 48.17 13.19 -29.97
CA GLU A 560 49.33 13.76 -30.68
C GLU A 560 49.41 15.26 -30.74
N ASN A 563 48.99 15.91 -33.71
CA ASN A 563 48.00 15.82 -34.76
C ASN A 563 46.99 16.87 -34.46
N LEU A 564 46.23 16.64 -33.41
CA LEU A 564 45.28 17.65 -33.01
C LEU A 564 46.12 18.84 -32.63
N PHE A 565 47.27 18.58 -32.04
CA PHE A 565 48.13 19.66 -31.60
C PHE A 565 48.57 20.53 -32.74
N THR A 566 48.85 19.95 -33.90
CA THR A 566 49.38 20.74 -35.01
C THR A 566 48.43 21.83 -35.46
N ASP A 567 47.15 21.51 -35.53
CA ASP A 567 46.18 22.48 -36.01
C ASP A 567 46.10 23.69 -35.10
N HIS A 568 46.15 23.48 -33.80
CA HIS A 568 46.03 24.58 -32.86
C HIS A 568 47.29 25.44 -32.68
N PRO A 569 47.13 26.70 -32.23
CA PRO A 569 48.26 27.64 -32.03
C PRO A 569 49.61 27.09 -31.56
N VAL A 570 49.71 26.51 -30.37
CA VAL A 570 50.97 25.98 -29.85
C VAL A 570 51.60 25.09 -30.90
N LYS A 571 52.90 25.27 -31.12
CA LYS A 571 53.57 24.79 -32.32
C LYS A 571 54.43 23.57 -32.04
N ASN A 572 54.29 22.55 -32.89
CA ASN A 572 55.17 21.40 -32.96
C ASN A 572 55.33 20.70 -31.62
N GLY A 573 54.21 20.42 -30.94
CA GLY A 573 54.29 19.74 -29.65
C GLY A 573 54.79 18.31 -29.78
N ASN A 574 54.38 17.61 -30.83
CA ASN A 574 54.64 16.19 -31.07
C ASN A 574 54.02 15.32 -29.99
N ALA A 575 53.19 15.87 -29.12
CA ALA A 575 52.42 15.11 -28.16
C ALA A 575 51.24 15.97 -27.71
N GLY A 576 50.14 15.34 -27.36
CA GLY A 576 48.95 16.10 -26.99
C GLY A 576 48.89 16.39 -25.51
N TRP A 577 49.39 17.56 -25.13
CA TRP A 577 49.37 17.92 -23.72
C TRP A 577 47.94 18.27 -23.29
N PHE A 578 47.64 18.21 -22.00
CA PHE A 578 46.24 18.41 -21.57
C PHE A 578 45.82 19.74 -20.96
N TYR A 579 44.73 20.31 -21.47
CA TYR A 579 44.23 21.58 -20.95
C TYR A 579 43.70 21.49 -19.53
N GLU A 580 43.88 22.53 -18.75
CA GLU A 580 43.36 22.56 -17.40
C GLU A 580 43.11 24.01 -17.04
N ASN A 581 42.15 24.29 -16.15
CA ASN A 581 41.99 25.65 -15.68
C ASN A 581 42.17 25.64 -14.19
N SER A 582 43.21 26.30 -13.70
CA SER A 582 43.41 26.41 -12.24
C SER A 582 42.37 27.22 -11.47
N GLY A 583 41.97 28.38 -12.00
CA GLY A 583 40.96 29.20 -11.34
C GLY A 583 40.22 30.14 -12.26
N TYR A 584 38.98 30.42 -12.01
CA TYR A 584 38.41 31.39 -12.87
C TYR A 584 38.52 32.65 -12.16
N GLY A 585 39.65 33.33 -12.27
CA GLY A 585 39.61 34.68 -11.80
C GLY A 585 38.41 35.37 -12.33
N VAL A 586 37.69 36.12 -11.58
CA VAL A 586 36.44 36.62 -12.08
C VAL A 586 36.44 37.31 -13.38
N THR A 587 35.26 37.47 -13.92
CA THR A 587 35.16 38.25 -15.13
C THR A 587 35.98 37.91 -16.38
N GLY A 588 35.93 36.68 -16.86
CA GLY A 588 36.58 36.34 -18.13
C GLY A 588 38.02 36.03 -18.01
N GLU A 589 38.46 35.93 -16.79
CA GLU A 589 39.86 35.70 -16.58
C GLU A 589 40.21 34.30 -16.11
N PHE A 590 40.82 33.49 -16.95
CA PHE A 590 41.19 32.19 -16.43
C PHE A 590 42.67 31.80 -16.40
N ARG A 591 43.05 31.05 -15.38
CA ARG A 591 44.42 30.60 -15.20
C ARG A 591 44.74 29.29 -15.95
N GLN A 592 44.85 29.34 -17.27
CA GLN A 592 45.06 28.11 -18.04
C GLN A 592 46.45 27.50 -17.95
N THR A 593 46.53 26.18 -17.75
CA THR A 593 47.82 25.49 -17.73
C THR A 593 47.81 24.27 -18.63
N ILE A 594 48.81 24.14 -19.48
CA ILE A 594 48.90 22.98 -20.34
C ILE A 594 50.15 22.32 -19.87
N THR A 595 50.24 20.97 -19.94
CA THR A 595 51.43 20.35 -19.40
C THR A 595 51.87 19.03 -19.94
N ILE A 596 52.88 18.42 -19.33
CA ILE A 596 53.48 17.19 -19.84
C ILE A 596 53.61 16.10 -18.79
N ASN A 597 53.65 14.82 -19.17
CA ASN A 597 53.91 13.75 -18.20
C ASN A 597 55.24 13.20 -18.53
N SER A 598 56.12 13.11 -17.53
CA SER A 598 57.49 12.63 -17.73
C SER A 598 58.28 13.66 -18.54
N SER A 599 59.54 13.34 -18.73
CA SER A 599 60.35 14.29 -19.39
C SER A 599 60.64 14.04 -20.84
N LEU A 600 61.81 13.45 -21.19
CA LEU A 600 61.99 13.52 -22.73
C LEU A 600 61.67 15.02 -23.23
N ARG A 601 61.85 15.95 -22.21
CA ARG A 601 61.46 17.38 -22.28
C ARG A 601 60.27 17.53 -21.23
N TYR A 602 60.38 18.16 -20.02
CA TYR A 602 59.18 18.37 -19.16
C TYR A 602 58.95 19.85 -18.95
N GLU A 603 57.79 20.37 -19.34
CA GLU A 603 57.59 21.83 -19.28
C GLU A 603 56.20 22.26 -18.81
N VAL A 604 55.99 23.55 -18.47
CA VAL A 604 54.67 23.85 -17.92
C VAL A 604 54.20 25.16 -18.55
N TYR A 605 53.29 25.05 -19.52
CA TYR A 605 52.79 26.23 -20.21
C TYR A 605 51.64 26.85 -19.42
N SER A 606 51.79 28.12 -19.05
CA SER A 606 50.79 28.82 -18.26
C SER A 606 50.65 30.26 -18.74
N ARG A 607 49.42 30.75 -18.83
CA ARG A 607 49.17 32.12 -19.25
C ARG A 607 47.78 32.54 -18.81
N MET A 608 47.61 33.85 -18.65
CA MET A 608 46.33 34.45 -18.26
C MET A 608 45.60 34.86 -19.54
N VAL A 609 44.48 34.23 -19.81
CA VAL A 609 43.71 34.49 -21.02
C VAL A 609 42.74 35.62 -20.71
N PHE A 610 43.08 36.82 -21.18
CA PHE A 610 42.18 37.96 -21.01
C PHE A 610 40.96 37.81 -21.91
N ALA A 611 40.05 38.78 -21.82
CA ALA A 611 38.86 38.76 -22.67
C ALA A 611 39.24 38.83 -24.15
N ASP A 612 40.19 39.70 -24.49
CA ASP A 612 40.51 39.93 -25.90
C ASP A 612 41.86 39.37 -26.28
N ARG A 613 42.80 39.32 -25.33
CA ARG A 613 44.20 39.05 -25.64
C ARG A 613 44.76 38.03 -24.65
N VAL A 614 45.94 37.53 -24.96
CA VAL A 614 46.63 36.54 -24.13
C VAL A 614 48.10 36.92 -24.02
N SER A 615 48.64 36.89 -22.81
CA SER A 615 50.08 36.93 -22.61
C SER A 615 50.67 35.56 -22.93
N GLU A 616 51.91 35.55 -23.38
CA GLU A 616 52.47 34.32 -23.92
C GLU A 616 52.96 33.37 -22.82
N TRP A 617 53.21 32.13 -23.23
CA TRP A 617 53.61 31.09 -22.30
C TRP A 617 55.03 31.30 -21.80
N PHE A 618 55.34 30.69 -20.66
CA PHE A 618 56.71 30.51 -20.21
C PHE A 618 56.74 29.39 -19.18
N VAL A 619 57.89 28.74 -19.08
CA VAL A 619 58.07 27.64 -18.14
C VAL A 619 58.94 28.06 -16.96
N VAL B 2 38.10 -46.70 13.38
CA VAL B 2 36.86 -46.08 12.91
C VAL B 2 35.94 -45.87 14.09
N GLU B 3 36.38 -45.02 15.02
CA GLU B 3 35.61 -44.82 16.25
C GLU B 3 34.26 -44.19 15.93
N LEU B 4 34.22 -43.24 15.00
CA LEU B 4 32.97 -42.57 14.72
C LEU B 4 32.09 -43.40 13.81
N ASP B 5 30.90 -42.87 13.55
CA ASP B 5 29.98 -43.35 12.53
C ASP B 5 29.27 -44.64 12.93
N LYS B 6 28.03 -44.78 12.48
CA LYS B 6 27.26 -46.00 12.61
C LYS B 6 26.84 -46.39 11.20
N TYR B 7 27.02 -47.66 10.86
CA TYR B 7 26.79 -48.12 9.50
C TYR B 7 25.61 -49.07 9.45
N LEU B 8 24.83 -48.99 8.37
CA LEU B 8 23.68 -49.84 8.16
C LEU B 8 23.76 -50.53 6.80
N PRO B 9 23.27 -51.76 6.70
CA PRO B 9 23.23 -52.41 5.38
C PRO B 9 22.31 -51.66 4.44
N VAL B 10 22.68 -51.66 3.17
CA VAL B 10 21.91 -50.89 2.18
C VAL B 10 20.60 -51.60 1.87
N ASN B 11 20.65 -52.92 1.65
CA ASN B 11 19.47 -53.63 1.17
C ASN B 11 18.36 -53.62 2.21
N ARG B 12 18.68 -53.87 3.48
CA ARG B 12 17.64 -53.90 4.50
C ARG B 12 17.00 -52.53 4.69
N GLU B 13 17.81 -51.48 4.66
CA GLU B 13 17.30 -50.15 5.00
C GLU B 13 16.23 -49.70 4.01
N GLU B 14 16.40 -50.05 2.74
CA GLU B 14 15.40 -49.71 1.72
C GLU B 14 14.05 -50.33 2.03
N ALA B 15 14.06 -51.56 2.55
CA ALA B 15 12.81 -52.24 2.87
C ALA B 15 12.02 -51.47 3.91
N PHE B 16 12.70 -50.83 4.86
CA PHE B 16 12.01 -50.02 5.86
C PHE B 16 11.25 -48.88 5.21
N ARG B 17 11.88 -48.16 4.30
CA ARG B 17 11.22 -47.04 3.63
C ARG B 17 10.03 -47.52 2.82
N ASN B 18 10.22 -48.60 2.05
CA ASN B 18 9.11 -49.12 1.26
C ASN B 18 7.96 -49.54 2.14
N GLY B 19 8.26 -50.11 3.30
CA GLY B 19 7.20 -50.47 4.24
C GLY B 19 6.44 -49.27 4.73
N VAL B 20 7.15 -48.19 5.09
CA VAL B 20 6.47 -47.04 5.67
C VAL B 20 5.56 -46.36 4.65
N ASN B 21 6.02 -46.26 3.40
CA ASN B 21 5.26 -45.50 2.42
C ASN B 21 3.88 -46.08 2.14
N LYS B 22 3.79 -47.41 2.02
CA LYS B 22 2.51 -48.05 1.75
C LYS B 22 1.55 -47.81 2.91
N ASN B 23 2.07 -47.84 4.14
CA ASN B 23 1.24 -47.55 5.30
C ASN B 23 0.64 -46.16 5.20
N PHE B 24 1.47 -45.17 4.84
CA PHE B 24 0.96 -43.81 4.71
C PHE B 24 -0.13 -43.71 3.65
N ALA B 25 0.07 -44.36 2.50
CA ALA B 25 -0.94 -44.32 1.46
C ALA B 25 -2.26 -44.94 1.94
N LYS B 26 -2.18 -46.06 2.65
CA LYS B 26 -3.37 -46.70 3.18
C LYS B 26 -4.13 -45.76 4.12
N ILE B 27 -3.39 -45.07 5.00
CA ILE B 27 -4.04 -44.15 5.92
C ILE B 27 -4.78 -43.05 5.18
N GLU B 28 -4.16 -42.50 4.14
CA GLU B 28 -4.84 -41.46 3.37
C GLU B 28 -6.11 -41.98 2.70
N GLN B 29 -6.07 -43.20 2.16
CA GLN B 29 -7.28 -43.77 1.59
C GLN B 29 -8.38 -43.91 2.64
N GLY B 30 -8.02 -44.33 3.85
CA GLY B 30 -9.00 -44.39 4.91
C GLY B 30 -9.66 -43.06 5.20
N PHE B 31 -8.86 -41.99 5.31
CA PHE B 31 -9.46 -40.66 5.47
C PHE B 31 -10.45 -40.36 4.34
N SER B 32 -10.05 -40.66 3.10
CA SER B 32 -10.94 -40.33 1.99
C SER B 32 -12.29 -41.02 2.13
N GLN B 33 -12.28 -42.32 2.41
CA GLN B 33 -13.55 -43.04 2.49
C GLN B 33 -14.41 -42.55 3.65
N ARG B 34 -13.81 -42.33 4.82
CA ARG B 34 -14.60 -41.87 5.95
C ARG B 34 -15.20 -40.49 5.70
N ASP B 35 -14.42 -39.58 5.12
CA ASP B 35 -14.96 -38.25 4.81
C ASP B 35 -16.10 -38.35 3.82
N ALA B 36 -15.97 -39.23 2.82
CA ALA B 36 -17.06 -39.40 1.86
C ALA B 36 -18.35 -39.86 2.53
N VAL B 37 -18.27 -40.85 3.42
CA VAL B 37 -19.51 -41.34 4.02
C VAL B 37 -20.12 -40.30 4.94
N MET B 38 -19.28 -39.55 5.66
CA MET B 38 -19.83 -38.47 6.49
C MET B 38 -20.56 -37.43 5.65
N ASN B 39 -19.95 -36.98 4.55
CA ASN B 39 -20.58 -35.99 3.70
C ASN B 39 -21.90 -36.51 3.16
N SER B 40 -21.92 -37.77 2.71
CA SER B 40 -23.18 -38.34 2.23
C SER B 40 -24.23 -38.36 3.33
N HIS B 41 -23.85 -38.66 4.57
CA HIS B 41 -24.83 -38.67 5.65
C HIS B 41 -25.43 -37.30 5.88
N GLN B 42 -24.62 -36.25 5.89
CA GLN B 42 -25.14 -34.96 6.31
C GLN B 42 -26.14 -34.34 5.35
N THR B 43 -26.16 -34.73 4.07
CA THR B 43 -26.99 -33.98 3.13
C THR B 43 -28.07 -34.81 2.41
N THR B 44 -27.72 -35.99 1.93
CA THR B 44 -28.58 -36.68 0.97
C THR B 44 -29.09 -38.05 1.44
N GLN B 45 -28.58 -38.59 2.53
CA GLN B 45 -29.02 -39.89 2.99
C GLN B 45 -30.50 -39.85 3.36
N LYS B 46 -31.22 -40.91 3.03
CA LYS B 46 -32.68 -40.91 3.16
C LYS B 46 -33.16 -41.28 4.55
N ASN B 47 -32.42 -42.09 5.29
CA ASN B 47 -32.94 -42.65 6.53
C ASN B 47 -31.98 -42.40 7.69
N ALA B 48 -31.54 -41.16 7.87
CA ALA B 48 -30.53 -40.82 8.86
C ALA B 48 -30.88 -41.34 10.26
N HIS B 49 -32.02 -40.94 10.79
CA HIS B 49 -32.46 -41.42 12.09
C HIS B 49 -33.91 -41.90 12.03
N ASP B 50 -34.35 -42.52 13.11
CA ASP B 50 -35.78 -42.72 13.33
C ASP B 50 -36.27 -41.67 14.34
N THR B 51 -37.54 -41.74 14.71
CA THR B 51 -38.09 -40.75 15.61
C THR B 51 -37.88 -41.05 17.08
N GLU B 52 -37.22 -42.17 17.39
CA GLU B 52 -36.95 -42.51 18.79
C GLU B 52 -35.79 -41.72 19.38
N GLN B 53 -34.78 -41.39 18.58
CA GLN B 53 -33.52 -40.87 19.09
C GLN B 53 -33.59 -39.41 19.51
N ILE B 54 -34.66 -38.70 19.18
CA ILE B 54 -34.69 -37.24 19.24
C ILE B 54 -35.39 -36.79 20.52
N LEU B 55 -34.76 -35.88 21.24
CA LEU B 55 -35.28 -35.38 22.51
C LEU B 55 -35.86 -34.00 22.29
N HIS B 56 -37.06 -33.79 22.85
CA HIS B 56 -37.77 -32.52 22.73
C HIS B 56 -37.98 -31.92 24.11
N TYR B 57 -37.68 -30.63 24.22
CA TYR B 57 -37.87 -29.88 25.45
C TYR B 57 -39.22 -29.16 25.40
N LEU B 58 -39.91 -29.16 26.53
CA LEU B 58 -41.23 -28.54 26.61
C LEU B 58 -41.10 -27.08 27.06
N SER B 59 -41.99 -26.24 26.53
CA SER B 59 -42.02 -24.83 26.88
C SER B 59 -42.86 -24.60 28.13
N ASP B 60 -43.15 -23.34 28.43
CA ASP B 60 -44.03 -23.00 29.54
C ASP B 60 -45.48 -23.35 29.25
N LYS B 61 -45.95 -23.05 28.04
CA LYS B 61 -47.32 -23.41 27.66
C LYS B 61 -47.50 -24.92 27.65
N GLU B 62 -46.54 -25.64 27.10
CA GLU B 62 -46.65 -27.08 26.95
C GLU B 62 -46.72 -27.80 28.29
N LYS B 63 -46.01 -27.31 29.29
CA LYS B 63 -45.95 -28.00 30.57
C LYS B 63 -47.32 -28.11 31.23
N ASP B 64 -48.24 -27.20 30.89
CA ASP B 64 -49.56 -27.23 31.52
C ASP B 64 -50.46 -28.26 30.87
N VAL B 65 -50.03 -28.89 29.79
CA VAL B 65 -50.85 -29.85 29.06
C VAL B 65 -50.39 -31.28 29.30
N TYR B 66 -49.07 -31.51 29.37
CA TYR B 66 -48.54 -32.87 29.46
C TYR B 66 -47.80 -33.12 30.77
N TYR B 67 -47.55 -32.07 31.54
CA TYR B 67 -47.03 -32.15 32.91
C TYR B 67 -45.56 -32.52 32.97
N HIS B 68 -44.96 -32.89 31.84
CA HIS B 68 -43.58 -33.33 31.82
C HIS B 68 -42.64 -32.16 31.55
N SER B 69 -41.36 -32.47 31.34
CA SER B 69 -40.38 -31.48 30.95
C SER B 69 -39.57 -31.86 29.73
N ALA B 70 -39.26 -33.14 29.54
CA ALA B 70 -38.50 -33.59 28.38
C ALA B 70 -39.00 -34.96 27.97
N LEU B 71 -39.46 -35.06 26.73
CA LEU B 71 -40.01 -36.30 26.21
C LEU B 71 -39.41 -36.60 24.84
N ASP B 72 -39.47 -37.87 24.47
CA ASP B 72 -39.07 -38.29 23.14
C ASP B 72 -40.08 -37.82 22.10
N LEU B 73 -39.61 -37.70 20.86
CA LEU B 73 -40.49 -37.24 19.80
C LEU B 73 -41.66 -38.19 19.60
N LYS B 74 -41.42 -39.49 19.69
CA LYS B 74 -42.48 -40.47 19.46
C LYS B 74 -43.59 -40.31 20.49
N HIS B 75 -43.25 -40.16 21.76
CA HIS B 75 -44.27 -40.06 22.80
C HIS B 75 -45.07 -38.78 22.66
N TYR B 76 -44.40 -37.68 22.36
CA TYR B 76 -45.10 -36.41 22.14
C TYR B 76 -46.05 -36.50 20.96
N LEU B 77 -45.61 -37.13 19.86
CA LEU B 77 -46.49 -37.30 18.72
C LEU B 77 -47.69 -38.16 19.08
N LEU B 78 -47.49 -39.19 19.89
CA LEU B 78 -48.61 -40.01 20.33
C LEU B 78 -49.62 -39.18 21.12
N LEU B 79 -49.13 -38.33 22.02
CA LEU B 79 -50.04 -37.50 22.80
C LEU B 79 -50.81 -36.54 21.90
N GLU B 80 -50.14 -35.96 20.91
CA GLU B 80 -50.84 -35.09 19.97
C GLU B 80 -51.93 -35.84 19.21
N CYS B 81 -51.61 -37.02 18.67
CA CYS B 81 -52.59 -37.78 17.92
C CYS B 81 -53.74 -38.23 18.79
N SER B 82 -53.50 -38.42 20.08
CA SER B 82 -54.60 -38.75 20.97
C SER B 82 -55.51 -37.56 21.22
N ARG B 83 -54.93 -36.36 21.39
CA ARG B 83 -55.74 -35.19 21.70
C ARG B 83 -56.57 -34.75 20.50
N ILE B 84 -56.00 -34.84 19.30
CA ILE B 84 -56.69 -34.32 18.12
C ILE B 84 -57.99 -35.08 17.87
N SER B 85 -57.98 -36.40 18.04
CA SER B 85 -59.18 -37.19 17.80
C SER B 85 -60.30 -36.80 18.76
N ASN B 86 -59.95 -36.49 20.01
CA ASN B 86 -60.99 -36.17 20.99
C ASN B 86 -61.45 -34.72 20.91
N LEU B 87 -60.74 -33.87 20.16
CA LEU B 87 -61.28 -32.54 19.87
C LEU B 87 -62.70 -32.59 19.32
N VAL B 88 -63.55 -31.60 19.64
CA VAL B 88 -64.96 -31.69 19.25
C VAL B 88 -65.42 -30.45 18.46
N LEU B 89 -65.11 -29.24 18.95
CA LEU B 89 -65.48 -27.96 18.35
C LEU B 89 -66.96 -27.62 18.50
N GLY B 90 -67.42 -26.60 17.78
CA GLY B 90 -68.75 -26.08 17.93
C GLY B 90 -69.60 -26.39 16.71
N ALA B 91 -70.72 -25.64 16.59
CA ALA B 91 -71.72 -25.92 15.58
C ALA B 91 -72.38 -24.68 14.99
N THR B 92 -71.79 -23.50 15.14
CA THR B 92 -72.46 -22.28 14.69
C THR B 92 -72.55 -22.24 13.16
N THR B 93 -73.58 -21.54 12.67
CA THR B 93 -73.86 -21.54 11.23
C THR B 93 -72.92 -20.63 10.45
N ASP B 94 -72.57 -19.48 11.01
CA ASP B 94 -71.76 -18.51 10.29
C ASP B 94 -70.31 -18.99 10.19
N GLN B 95 -69.51 -18.26 9.42
CA GLN B 95 -68.10 -18.61 9.29
C GLN B 95 -67.34 -18.50 10.60
N SER B 96 -67.49 -17.47 11.41
CA SER B 96 -67.02 -17.29 12.78
C SER B 96 -65.86 -18.18 13.23
N VAL B 97 -66.02 -19.51 13.08
CA VAL B 97 -65.05 -20.44 13.63
C VAL B 97 -63.68 -20.25 12.97
N GLU B 98 -63.67 -20.04 11.65
CA GLU B 98 -62.40 -19.83 10.97
C GLU B 98 -61.70 -18.58 11.47
N LEU B 99 -62.47 -17.50 11.66
CA LEU B 99 -61.90 -16.28 12.22
C LEU B 99 -61.35 -16.52 13.61
N LYS B 100 -62.07 -17.29 14.43
CA LYS B 100 -61.57 -17.63 15.75
C LYS B 100 -60.25 -18.38 15.65
N GLU B 101 -60.16 -19.31 14.70
CA GLU B 101 -58.95 -20.10 14.53
C GLU B 101 -57.77 -19.22 14.12
N SER B 102 -58.03 -18.21 13.30
CA SER B 102 -56.93 -17.40 12.76
C SER B 102 -56.36 -16.40 13.76
N ARG B 103 -56.89 -16.33 14.98
CA ARG B 103 -56.42 -15.32 15.93
C ARG B 103 -54.98 -15.54 16.36
N VAL B 104 -54.46 -16.75 16.21
CA VAL B 104 -53.14 -17.07 16.74
C VAL B 104 -52.07 -16.39 15.91
N ASP B 105 -51.16 -15.68 16.58
CA ASP B 105 -50.05 -15.03 15.91
C ASP B 105 -48.85 -15.97 15.84
N LEU B 106 -47.74 -15.44 15.31
CA LEU B 106 -46.55 -16.27 15.13
C LEU B 106 -45.93 -16.67 16.45
N GLU B 107 -46.09 -15.86 17.50
CA GLU B 107 -45.42 -16.10 18.77
C GLU B 107 -46.27 -16.86 19.76
N GLY B 108 -47.39 -17.42 19.33
CA GLY B 108 -48.20 -18.24 20.20
C GLY B 108 -49.14 -17.50 21.12
N LYS B 109 -49.24 -16.19 21.00
CA LYS B 109 -50.21 -15.46 21.79
C LYS B 109 -51.59 -15.51 21.14
N ALA B 110 -52.62 -15.40 21.96
CA ALA B 110 -54.00 -15.41 21.51
C ALA B 110 -54.57 -14.00 21.63
N HIS B 111 -54.95 -13.43 20.50
CA HIS B 111 -55.50 -12.08 20.45
C HIS B 111 -57.02 -12.15 20.44
N ILE B 112 -57.65 -11.08 20.94
CA ILE B 112 -59.11 -11.07 21.05
C ILE B 112 -59.75 -11.08 19.67
N THR B 113 -59.27 -10.26 18.75
CA THR B 113 -59.86 -10.13 17.44
C THR B 113 -58.76 -10.12 16.38
N LEU B 114 -59.16 -10.46 15.15
CA LEU B 114 -58.22 -10.58 14.06
C LEU B 114 -57.40 -9.31 13.87
N TYR B 115 -57.99 -8.16 14.21
CA TYR B 115 -57.31 -6.88 14.04
C TYR B 115 -56.03 -6.83 14.86
N GLY B 116 -56.06 -7.33 16.09
CA GLY B 116 -54.88 -7.29 16.93
C GLY B 116 -53.72 -8.04 16.33
N ARG B 117 -53.96 -9.27 15.88
CA ARG B 117 -52.90 -10.06 15.27
C ARG B 117 -52.38 -9.40 14.01
N LEU B 118 -53.29 -8.92 13.15
CA LEU B 118 -52.87 -8.33 11.89
C LEU B 118 -52.01 -7.10 12.14
N LEU B 119 -52.37 -6.29 13.12
CA LEU B 119 -51.54 -5.14 13.46
C LEU B 119 -50.19 -5.59 14.00
N ALA B 120 -50.19 -6.56 14.92
CA ALA B 120 -48.95 -6.90 15.61
C ALA B 120 -47.90 -7.47 14.66
N ASP B 121 -48.31 -8.40 13.80
CA ASP B 121 -47.33 -9.03 12.92
C ASP B 121 -46.69 -8.01 11.97
N PHE B 122 -47.52 -7.16 11.37
CA PHE B 122 -47.01 -6.18 10.44
C PHE B 122 -46.11 -5.17 11.14
N THR B 123 -46.48 -4.76 12.36
CA THR B 123 -45.61 -3.86 13.11
C THR B 123 -44.25 -4.50 13.36
N ARG B 124 -44.26 -5.76 13.77
CA ARG B 124 -43.01 -6.45 14.08
C ARG B 124 -42.10 -6.53 12.87
N LEU B 125 -42.66 -6.86 11.70
CA LEU B 125 -41.82 -6.91 10.50
C LEU B 125 -41.36 -5.52 10.09
N LYS B 126 -42.26 -4.53 10.18
CA LYS B 126 -41.99 -3.22 9.61
C LYS B 126 -40.90 -2.49 10.38
N ASN B 127 -40.85 -2.67 11.70
CA ASN B 127 -39.79 -2.03 12.47
C ASN B 127 -38.42 -2.45 11.96
N ALA B 128 -38.18 -3.75 11.83
CA ALA B 128 -36.89 -4.22 11.35
C ALA B 128 -36.64 -3.80 9.92
N LEU B 129 -37.67 -3.82 9.06
CA LEU B 129 -37.45 -3.39 7.70
C LEU B 129 -37.02 -1.93 7.61
N ASP B 130 -37.70 -1.05 8.36
CA ASP B 130 -37.37 0.36 8.29
C ASP B 130 -36.01 0.64 8.91
N LYS B 131 -35.62 -0.14 9.92
CA LYS B 131 -34.26 0.03 10.45
C LYS B 131 -33.21 -0.16 9.36
N LEU B 132 -33.30 -1.26 8.60
CA LEU B 132 -32.35 -1.51 7.53
C LEU B 132 -32.43 -0.44 6.45
N ILE B 133 -33.63 -0.04 6.04
CA ILE B 133 -33.72 0.94 4.97
C ILE B 133 -33.17 2.28 5.42
N GLU B 134 -33.31 2.60 6.72
CA GLU B 134 -32.74 3.84 7.23
C GLU B 134 -31.23 3.77 7.31
N LEU B 135 -30.68 2.60 7.63
CA LEU B 135 -29.24 2.49 7.81
C LEU B 135 -28.46 2.91 6.58
N GLU B 136 -29.06 2.81 5.39
CA GLU B 136 -28.31 3.08 4.16
C GLU B 136 -28.30 4.55 3.77
N GLU B 137 -29.46 5.17 3.63
CA GLU B 137 -29.56 6.54 3.16
C GLU B 137 -29.58 7.55 4.30
N SER B 138 -29.07 7.20 5.47
CA SER B 138 -29.00 8.11 6.60
C SER B 138 -27.77 9.01 6.47
N PHE B 139 -28.01 10.32 6.55
CA PHE B 139 -26.92 11.30 6.47
C PHE B 139 -27.08 12.22 7.68
N ASP B 140 -26.51 11.77 8.80
CA ASP B 140 -26.56 12.51 10.06
C ASP B 140 -25.17 13.00 10.39
N ILE B 141 -24.86 14.22 9.96
CA ILE B 141 -23.51 14.76 9.99
C ILE B 141 -22.92 14.74 11.39
N PRO B 142 -23.66 15.09 12.46
CA PRO B 142 -23.09 14.97 13.81
C PRO B 142 -22.66 13.55 14.19
N LYS B 143 -22.99 12.54 13.38
CA LYS B 143 -22.59 11.17 13.65
C LYS B 143 -21.56 10.65 12.67
N ILE B 144 -21.24 11.41 11.63
CA ILE B 144 -20.30 10.97 10.60
C ILE B 144 -18.90 11.41 11.01
N GLU B 145 -17.92 10.60 10.64
CA GLU B 145 -16.55 10.79 11.10
C GLU B 145 -15.69 11.33 9.96
N PRO B 146 -14.66 12.10 10.30
CA PRO B 146 -13.83 12.70 9.24
C PRO B 146 -12.70 11.81 8.79
N GLN B 147 -12.35 11.89 7.51
CA GLN B 147 -11.26 11.13 6.92
C GLN B 147 -10.42 12.05 6.04
N PHE B 148 -9.12 11.78 5.99
CA PHE B 148 -8.21 12.55 5.15
C PHE B 148 -8.31 12.07 3.72
N TRP B 149 -8.22 13.00 2.77
CA TRP B 149 -8.38 12.64 1.36
C TRP B 149 -7.18 13.03 0.50
N THR B 150 -6.64 14.24 0.67
CA THR B 150 -5.49 14.68 -0.12
C THR B 150 -4.95 16.04 0.31
N GLU B 151 -3.90 16.50 -0.37
CA GLU B 151 -3.35 17.84 -0.21
C GLU B 151 -3.56 18.64 -1.49
N LEU B 152 -3.32 19.94 -1.40
CA LEU B 152 -3.47 20.84 -2.52
C LEU B 152 -2.19 21.64 -2.74
N GLY B 153 -1.93 21.98 -4.00
CA GLY B 153 -0.78 22.80 -4.34
C GLY B 153 -1.07 24.29 -4.19
N GLY B 154 0.00 25.08 -4.33
CA GLY B 154 -0.10 26.52 -4.18
C GLY B 154 1.06 27.24 -4.83
N ILE B 155 1.05 28.57 -4.81
CA ILE B 155 2.13 29.32 -5.43
C ILE B 155 3.03 29.97 -4.38
N ARG B 156 2.46 30.74 -3.45
CA ARG B 156 3.25 31.46 -2.48
C ARG B 156 2.65 31.28 -1.09
N ASN B 157 3.21 32.00 -0.11
CA ASN B 157 3.00 31.65 1.29
C ASN B 157 1.75 32.29 1.86
N VAL B 158 0.77 32.60 1.02
CA VAL B 158 -0.51 33.12 1.47
C VAL B 158 -1.53 31.99 1.43
N VAL B 159 -2.26 31.85 2.54
CA VAL B 159 -3.20 30.74 2.71
C VAL B 159 -4.29 30.80 1.64
N GLN B 160 -4.93 29.67 1.39
CA GLN B 160 -6.01 29.56 0.43
C GLN B 160 -7.34 29.74 1.13
N GLN B 161 -8.34 30.25 0.39
CA GLN B 161 -9.59 30.65 0.99
C GLN B 161 -10.80 29.92 0.42
N TYR B 162 -10.79 29.63 -0.88
CA TYR B 162 -11.92 28.99 -1.52
C TYR B 162 -11.44 27.94 -2.51
N PHE B 163 -12.24 26.89 -2.67
CA PHE B 163 -11.93 25.82 -3.62
C PHE B 163 -13.22 25.16 -4.04
N TRP B 164 -13.21 24.64 -5.26
CA TRP B 164 -14.40 24.02 -5.85
C TRP B 164 -13.93 23.08 -6.97
N ILE B 165 -14.84 22.18 -7.36
CA ILE B 165 -14.49 21.07 -8.23
C ILE B 165 -15.35 21.10 -9.47
N ASN B 166 -14.73 20.89 -10.63
CA ASN B 166 -15.42 20.73 -11.89
C ASN B 166 -16.16 19.41 -11.90
N LYS B 167 -17.38 19.43 -12.42
CA LYS B 167 -18.16 18.20 -12.53
C LYS B 167 -18.03 17.53 -13.89
N LEU B 168 -17.19 18.06 -14.79
CA LEU B 168 -16.96 17.43 -16.08
C LEU B 168 -15.58 16.77 -16.16
N ASN B 169 -14.52 17.52 -15.92
CA ASN B 169 -13.18 16.94 -15.98
C ASN B 169 -12.66 16.52 -14.62
N GLY B 170 -13.40 16.84 -13.56
CA GLY B 170 -12.98 16.49 -12.22
C GLY B 170 -11.69 17.17 -11.81
N ARG B 171 -11.54 18.44 -12.15
CA ARG B 171 -10.38 19.21 -11.77
C ARG B 171 -10.65 20.01 -10.51
N VAL B 172 -9.59 20.56 -9.93
CA VAL B 172 -9.64 21.27 -8.65
C VAL B 172 -9.20 22.70 -8.88
N TYR B 173 -9.98 23.66 -8.39
CA TYR B 173 -9.63 25.06 -8.44
C TYR B 173 -9.58 25.63 -7.03
N GLN B 174 -8.55 26.42 -6.74
CA GLN B 174 -8.44 27.10 -5.46
C GLN B 174 -7.95 28.52 -5.68
N THR B 175 -8.22 29.38 -4.70
CA THR B 175 -7.94 30.80 -4.80
C THR B 175 -7.06 31.25 -3.65
N GLN B 176 -6.01 32.01 -3.96
CA GLN B 176 -5.17 32.65 -2.97
C GLN B 176 -5.36 34.15 -3.06
N SER B 177 -5.29 34.81 -1.90
CA SER B 177 -5.52 36.24 -1.80
C SER B 177 -4.26 36.99 -2.16
N ASP B 178 -4.37 37.88 -3.14
CA ASP B 178 -3.23 38.71 -3.51
C ASP B 178 -2.92 39.70 -2.40
N SER B 179 -1.65 40.07 -2.30
CA SER B 179 -1.17 40.89 -1.19
C SER B 179 -0.97 42.36 -1.55
N GLN B 180 -1.41 42.78 -2.74
CA GLN B 180 -1.29 44.18 -3.10
C GLN B 180 -2.24 45.03 -2.26
N ALA B 181 -2.10 46.35 -2.40
CA ALA B 181 -2.87 47.32 -1.61
C ALA B 181 -4.37 47.09 -1.77
N GLN B 182 -4.88 47.25 -2.99
CA GLN B 182 -6.28 46.93 -3.25
C GLN B 182 -6.42 45.43 -3.51
N GLU B 183 -7.14 44.75 -2.62
CA GLU B 183 -7.09 43.30 -2.52
C GLU B 183 -7.50 42.64 -3.84
N GLY B 184 -6.70 41.69 -4.29
CA GLY B 184 -7.05 40.85 -5.40
C GLY B 184 -6.89 39.40 -5.02
N PHE B 185 -7.19 38.52 -5.97
CA PHE B 185 -7.10 37.09 -5.72
C PHE B 185 -6.64 36.36 -6.98
N TYR B 186 -5.89 35.28 -6.78
CA TYR B 186 -5.43 34.44 -7.87
C TYR B 186 -6.31 33.18 -7.98
N ILE B 187 -6.31 32.60 -9.17
CA ILE B 187 -7.04 31.35 -9.43
C ILE B 187 -6.07 30.33 -9.98
N ASN B 188 -6.09 29.12 -9.40
CA ASN B 188 -5.17 28.05 -9.79
C ASN B 188 -5.96 26.85 -10.27
N GLU B 189 -5.61 26.36 -11.45
CA GLU B 189 -6.18 25.12 -11.96
C GLU B 189 -5.28 23.95 -11.57
N LEU B 190 -5.90 22.80 -11.27
CA LEU B 190 -5.16 21.67 -10.72
C LEU B 190 -5.58 20.37 -11.39
N THR B 191 -4.73 19.35 -11.23
CA THR B 191 -4.96 17.98 -11.63
C THR B 191 -6.00 17.34 -10.74
N PRO B 192 -6.64 16.24 -11.17
CA PRO B 192 -7.71 15.64 -10.37
C PRO B 192 -7.25 15.28 -8.97
N SER B 193 -5.97 14.97 -8.81
CA SER B 193 -5.40 14.63 -7.52
C SER B 193 -4.95 15.83 -6.71
N GLY B 194 -4.64 16.95 -7.36
CA GLY B 194 -4.25 18.15 -6.64
C GLY B 194 -2.89 18.70 -6.97
N HIS B 195 -2.40 18.48 -8.18
CA HIS B 195 -1.11 19.01 -8.62
C HIS B 195 -1.32 20.17 -9.57
N PHE B 196 -0.29 21.00 -9.71
CA PHE B 196 -0.38 22.31 -10.33
C PHE B 196 -0.33 22.25 -11.86
N LEU B 197 -1.15 23.08 -12.49
CA LEU B 197 -1.13 23.26 -13.95
C LEU B 197 -0.86 24.68 -14.39
N GLY B 198 -1.60 25.65 -13.86
CA GLY B 198 -1.53 27.03 -14.36
C GLY B 198 -2.17 28.04 -13.44
N THR B 199 -2.20 29.31 -13.83
CA THR B 199 -2.68 30.36 -12.94
C THR B 199 -3.19 31.55 -13.75
N MET B 200 -4.18 32.25 -13.18
CA MET B 200 -4.60 33.56 -13.64
C MET B 200 -4.56 34.52 -12.47
N HIS B 201 -4.60 35.81 -12.77
CA HIS B 201 -4.70 36.86 -11.76
C HIS B 201 -5.88 37.75 -12.07
N ILE B 202 -6.70 38.02 -11.06
CA ILE B 202 -7.80 38.96 -11.20
C ILE B 202 -7.53 40.13 -10.26
N PRO B 203 -7.02 41.24 -10.77
CA PRO B 203 -6.66 42.37 -9.89
C PRO B 203 -7.87 43.06 -9.32
N LYS B 204 -7.66 43.64 -8.14
CA LYS B 204 -8.63 44.53 -7.49
C LYS B 204 -9.97 43.83 -7.26
N GLY B 205 -9.94 42.51 -7.15
CA GLY B 205 -11.14 41.72 -7.03
C GLY B 205 -11.62 41.46 -5.63
N GLY B 206 -11.01 42.09 -4.63
CA GLY B 206 -11.37 41.83 -3.26
C GLY B 206 -10.56 40.72 -2.64
N HIS B 207 -11.11 40.15 -1.58
CA HIS B 207 -10.43 39.08 -0.86
C HIS B 207 -10.56 37.73 -1.54
N GLY B 208 -11.48 37.59 -2.49
CA GLY B 208 -11.67 36.32 -3.18
C GLY B 208 -12.14 35.19 -2.28
N THR B 209 -13.09 35.48 -1.38
CA THR B 209 -13.56 34.46 -0.45
C THR B 209 -14.50 33.47 -1.13
N SER B 210 -15.19 33.90 -2.18
CA SER B 210 -16.14 33.04 -2.87
C SER B 210 -16.26 33.47 -4.32
N LEU B 211 -16.96 32.65 -5.10
CA LEU B 211 -17.11 32.87 -6.53
C LEU B 211 -18.28 32.03 -7.03
N GLY B 212 -18.78 32.39 -8.21
CA GLY B 212 -19.93 31.73 -8.79
C GLY B 212 -19.57 30.92 -10.01
N VAL B 213 -20.21 29.76 -10.17
CA VAL B 213 -19.89 28.79 -11.21
C VAL B 213 -21.13 28.54 -12.05
N GLU B 214 -20.94 28.41 -13.36
CA GLU B 214 -22.02 28.21 -14.32
C GLU B 214 -21.50 27.43 -15.51
N TYR B 215 -22.30 26.48 -15.98
CA TYR B 215 -21.94 25.63 -17.11
C TYR B 215 -22.85 25.95 -18.29
N VAL B 216 -22.24 26.21 -19.45
CA VAL B 216 -22.98 26.49 -20.68
C VAL B 216 -22.36 25.68 -21.80
N ASN B 217 -23.18 24.84 -22.44
CA ASN B 217 -22.80 24.13 -23.65
C ASN B 217 -21.47 23.39 -23.49
N GLY B 218 -21.32 22.71 -22.36
CA GLY B 218 -20.06 22.03 -22.09
C GLY B 218 -18.89 22.97 -21.93
N GLN B 219 -19.10 24.12 -21.32
CA GLN B 219 -18.03 25.07 -21.03
C GLN B 219 -18.25 25.66 -19.65
N MET B 220 -17.17 26.12 -19.05
CA MET B 220 -17.20 26.62 -17.68
C MET B 220 -17.03 28.14 -17.68
N PHE B 221 -17.85 28.83 -16.90
CA PHE B 221 -17.80 30.28 -16.79
C PHE B 221 -17.88 30.67 -15.32
N MET B 222 -17.20 31.75 -14.96
CA MET B 222 -17.09 32.19 -13.58
C MET B 222 -17.77 33.55 -13.41
N TRP B 223 -18.46 33.74 -12.28
CA TRP B 223 -19.14 35.00 -11.98
C TRP B 223 -18.60 35.57 -10.69
N THR B 224 -18.02 36.77 -10.76
CA THR B 224 -17.44 37.43 -9.59
C THR B 224 -17.75 38.91 -9.63
N ASN B 225 -18.04 39.46 -8.45
CA ASN B 225 -18.47 40.86 -8.34
C ASN B 225 -17.27 41.79 -8.32
N VAL B 226 -17.02 42.45 -9.45
CA VAL B 226 -15.91 43.39 -9.59
C VAL B 226 -16.46 44.74 -10.02
N ASP B 227 -16.10 45.79 -9.28
CA ASP B 227 -16.42 47.17 -9.64
C ASP B 227 -17.92 47.35 -9.88
N LYS B 228 -18.72 46.76 -9.00
CA LYS B 228 -20.18 46.76 -9.11
C LYS B 228 -20.65 46.14 -10.42
N ARG B 229 -19.88 45.20 -10.95
CA ARG B 229 -20.19 44.51 -12.20
C ARG B 229 -20.04 43.02 -11.98
N LEU B 230 -20.95 42.23 -12.58
CA LEU B 230 -20.84 40.78 -12.44
C LEU B 230 -19.88 40.20 -13.47
N VAL B 231 -20.22 40.31 -14.76
CA VAL B 231 -19.39 39.87 -15.87
C VAL B 231 -19.14 38.36 -15.85
N LYS B 232 -19.53 37.68 -16.93
CA LYS B 232 -19.31 36.25 -17.09
C LYS B 232 -18.09 36.03 -17.96
N PHE B 233 -17.11 35.29 -17.45
CA PHE B 233 -15.85 35.08 -18.15
C PHE B 233 -15.40 33.63 -18.02
N THR B 234 -14.57 33.21 -18.95
CA THR B 234 -14.03 31.86 -18.97
C THR B 234 -12.60 31.85 -18.44
N PHE B 235 -11.98 30.68 -18.45
CA PHE B 235 -10.62 30.49 -17.95
C PHE B 235 -9.68 30.37 -19.14
N LYS B 236 -8.56 31.08 -19.07
CA LYS B 236 -7.58 31.14 -20.14
C LYS B 236 -6.19 31.32 -19.54
N ALA B 237 -5.17 30.91 -20.28
CA ALA B 237 -3.79 31.07 -19.82
C ALA B 237 -3.35 32.52 -19.99
N ASP B 238 -4.12 33.41 -19.37
CA ASP B 238 -3.93 34.85 -19.49
C ASP B 238 -4.05 35.47 -18.12
N THR B 239 -3.53 36.69 -17.99
CA THR B 239 -3.51 37.42 -16.74
C THR B 239 -4.36 38.67 -16.87
N LYS B 240 -4.94 39.12 -15.75
CA LYS B 240 -5.69 40.37 -15.65
C LYS B 240 -7.08 40.23 -16.26
N LEU B 241 -8.10 40.58 -15.49
CA LEU B 241 -9.49 40.57 -15.95
C LEU B 241 -10.06 41.98 -15.84
N ASP B 242 -10.71 42.45 -16.89
CA ASP B 242 -11.32 43.77 -16.92
C ASP B 242 -12.80 43.65 -17.28
N ALA B 243 -13.63 44.41 -16.56
CA ALA B 243 -15.06 44.36 -16.80
C ALA B 243 -15.47 45.33 -17.90
N THR B 244 -14.53 46.12 -18.41
CA THR B 244 -14.86 47.15 -19.39
C THR B 244 -15.41 46.54 -20.68
N LEU B 245 -14.78 45.46 -21.16
CA LEU B 245 -15.17 44.90 -22.46
C LEU B 245 -16.57 44.30 -22.42
N LEU B 246 -16.90 43.60 -21.35
CA LEU B 246 -18.00 42.64 -21.36
C LEU B 246 -19.24 43.19 -20.68
N ARG B 247 -20.39 42.61 -21.02
CA ARG B 247 -21.65 42.98 -20.41
C ARG B 247 -21.75 42.45 -18.98
N ASP B 248 -22.34 43.25 -18.10
CA ASP B 248 -22.55 42.87 -16.71
C ASP B 248 -24.00 42.50 -16.49
N TYR B 249 -24.25 41.68 -15.47
CA TYR B 249 -25.59 41.21 -15.13
C TYR B 249 -26.01 41.67 -13.74
N MET B 250 -25.42 42.74 -13.24
CA MET B 250 -25.59 43.13 -11.84
C MET B 250 -27.00 43.66 -11.63
N PRO B 251 -27.78 43.07 -10.71
CA PRO B 251 -29.21 43.39 -10.62
C PRO B 251 -29.46 44.79 -10.06
N SER B 252 -30.66 45.31 -10.34
CA SER B 252 -30.99 46.66 -9.90
C SER B 252 -31.04 46.80 -8.39
N SER B 253 -31.57 45.80 -7.67
CA SER B 253 -31.85 45.98 -6.25
C SER B 253 -30.57 46.06 -5.42
N VAL B 254 -29.52 45.36 -5.84
CA VAL B 254 -28.35 45.13 -4.99
C VAL B 254 -27.19 46.03 -5.39
N ALA B 255 -27.46 47.19 -5.98
CA ALA B 255 -26.39 48.07 -6.41
C ALA B 255 -25.51 48.58 -5.28
N PRO B 256 -26.03 49.14 -4.18
CA PRO B 256 -25.12 49.74 -3.19
C PRO B 256 -24.27 48.72 -2.45
N VAL B 257 -24.90 47.69 -1.88
CA VAL B 257 -24.19 46.77 -1.00
C VAL B 257 -23.22 45.91 -1.80
N PHE B 258 -22.17 45.46 -1.13
CA PHE B 258 -21.17 44.58 -1.73
C PHE B 258 -21.54 43.13 -1.42
N PHE B 259 -21.57 42.31 -2.47
CA PHE B 259 -22.07 40.95 -2.37
C PHE B 259 -21.12 40.00 -3.07
N ALA B 260 -21.11 38.74 -2.61
CA ALA B 260 -20.23 37.73 -3.16
C ALA B 260 -21.03 36.50 -3.54
N PRO B 261 -21.02 36.09 -4.80
CA PRO B 261 -21.78 34.92 -5.22
C PRO B 261 -21.10 33.61 -4.85
N VAL B 262 -21.92 32.57 -4.70
CA VAL B 262 -21.46 31.20 -4.50
C VAL B 262 -22.47 30.29 -5.19
N SER B 263 -21.97 29.16 -5.70
CA SER B 263 -22.79 28.28 -6.52
C SER B 263 -22.78 26.87 -5.96
N ASP B 264 -23.88 26.16 -6.19
CA ASP B 264 -23.97 24.75 -5.81
C ASP B 264 -23.22 23.88 -6.82
N TRP B 265 -23.15 22.59 -6.52
CA TRP B 265 -22.31 21.70 -7.32
C TRP B 265 -22.80 21.61 -8.76
N LYS B 266 -24.11 21.51 -8.97
CA LYS B 266 -24.62 21.49 -10.33
C LYS B 266 -24.38 22.82 -11.03
N GLY B 267 -24.58 23.93 -10.32
CA GLY B 267 -24.46 25.25 -10.90
C GLY B 267 -25.77 25.87 -11.35
N GLU B 268 -26.90 25.23 -11.06
CA GLU B 268 -28.18 25.77 -11.51
C GLU B 268 -28.63 26.94 -10.66
N LYS B 269 -28.20 26.99 -9.39
CA LYS B 269 -28.61 28.02 -8.46
C LYS B 269 -27.37 28.67 -7.85
N MET B 270 -27.42 29.98 -7.65
CA MET B 270 -26.40 30.68 -6.88
C MET B 270 -27.09 31.59 -5.87
N ALA B 271 -26.39 31.85 -4.76
CA ALA B 271 -26.87 32.76 -3.74
C ALA B 271 -25.80 33.80 -3.47
N PHE B 272 -26.22 34.93 -2.92
CA PHE B 272 -25.35 36.06 -2.67
C PHE B 272 -25.18 36.28 -1.18
N ARG B 273 -23.93 36.29 -0.72
CA ARG B 273 -23.61 36.69 0.64
C ARG B 273 -23.10 38.12 0.59
N ARG B 274 -23.84 39.02 1.23
CA ARG B 274 -23.55 40.45 1.19
C ARG B 274 -22.85 40.86 2.48
N SER B 275 -22.37 42.10 2.50
CA SER B 275 -21.72 42.62 3.69
C SER B 275 -22.69 42.69 4.88
N ASP B 276 -24.00 42.70 4.62
CA ASP B 276 -24.98 42.72 5.70
C ASP B 276 -25.13 41.37 6.39
N GLY B 277 -24.71 40.29 5.75
CA GLY B 277 -24.85 38.97 6.34
C GLY B 277 -26.13 38.24 6.02
N ILE B 278 -26.90 38.69 5.04
CA ILE B 278 -28.13 38.03 4.62
C ILE B 278 -27.88 37.37 3.28
N ILE B 279 -28.28 36.10 3.17
CA ILE B 279 -28.10 35.32 1.96
C ILE B 279 -29.46 35.11 1.32
N GLU B 280 -29.56 35.39 0.02
CA GLU B 280 -30.78 35.18 -0.72
C GLU B 280 -30.52 34.23 -1.88
N LEU B 281 -31.43 33.29 -2.09
CA LEU B 281 -31.34 32.40 -3.24
C LEU B 281 -31.79 33.11 -4.50
N ARG B 282 -31.08 32.87 -5.59
CA ARG B 282 -31.48 33.34 -6.91
C ARG B 282 -31.27 32.20 -7.89
N ASP B 283 -31.92 32.31 -9.05
CA ASP B 283 -31.76 31.33 -10.11
C ASP B 283 -30.84 31.89 -11.19
N VAL B 284 -29.89 31.08 -11.63
CA VAL B 284 -28.93 31.53 -12.64
C VAL B 284 -29.64 31.86 -13.94
N ASN B 285 -30.60 31.01 -14.34
CA ASN B 285 -31.36 31.27 -15.56
C ASN B 285 -32.13 32.58 -15.46
N ASP B 286 -32.51 32.97 -14.25
CA ASP B 286 -33.19 34.24 -14.06
C ASP B 286 -32.27 35.42 -14.37
N LEU B 287 -31.02 35.36 -13.89
CA LEU B 287 -30.10 36.45 -14.16
C LEU B 287 -29.73 36.51 -15.63
N ASN B 288 -29.74 35.36 -16.31
CA ASN B 288 -29.42 35.34 -17.73
C ASN B 288 -30.46 36.10 -18.54
N LYS B 289 -31.69 36.16 -18.05
CA LYS B 289 -32.73 36.98 -18.66
C LYS B 289 -33.07 38.21 -17.83
N ASN B 290 -32.22 38.57 -16.86
CA ASN B 290 -32.35 39.81 -16.11
C ASN B 290 -33.70 39.93 -15.43
N ILE B 291 -34.03 38.94 -14.58
CA ILE B 291 -35.24 38.96 -13.78
C ILE B 291 -34.82 38.83 -12.32
N ASP B 292 -35.38 39.69 -11.47
CA ASP B 292 -35.00 39.75 -10.06
C ASP B 292 -35.97 38.92 -9.24
N LYS B 293 -35.46 37.89 -8.58
CA LYS B 293 -36.27 36.97 -7.78
C LYS B 293 -35.54 36.66 -6.48
N VAL B 294 -36.29 36.59 -5.38
CA VAL B 294 -35.76 36.19 -4.09
C VAL B 294 -36.60 35.03 -3.56
N TYR B 295 -35.95 33.92 -3.24
CA TYR B 295 -36.67 32.75 -2.76
C TYR B 295 -36.70 32.69 -1.24
N ALA B 296 -35.53 32.62 -0.62
CA ALA B 296 -35.45 32.47 0.83
C ALA B 296 -34.24 33.23 1.36
N GLN B 297 -34.30 33.56 2.64
CA GLN B 297 -33.26 34.34 3.29
C GLN B 297 -32.92 33.71 4.64
N VAL B 298 -31.64 33.79 4.98
CA VAL B 298 -31.12 33.22 6.21
C VAL B 298 -30.38 34.30 6.98
N THR B 299 -30.72 34.45 8.25
CA THR B 299 -30.13 35.47 9.10
C THR B 299 -28.95 34.90 9.86
N ILE B 300 -27.81 35.56 9.75
CA ILE B 300 -26.61 35.16 10.48
C ILE B 300 -26.44 36.11 11.67
N PRO B 301 -26.10 35.58 12.84
CA PRO B 301 -25.78 36.48 13.96
C PRO B 301 -24.59 37.35 13.62
N LEU B 302 -24.56 38.56 14.16
CA LEU B 302 -23.43 39.44 13.96
C LEU B 302 -22.16 38.88 14.60
N GLU B 303 -22.29 38.00 15.59
CA GLU B 303 -21.15 37.52 16.35
C GLU B 303 -20.21 36.66 15.50
N GLU B 304 -20.71 36.02 14.45
CA GLU B 304 -19.87 35.21 13.58
C GLU B 304 -19.36 35.95 12.36
N ARG B 305 -19.49 37.27 12.34
CA ARG B 305 -19.19 38.05 11.14
C ARG B 305 -17.84 38.76 11.20
N GLU B 306 -17.54 39.45 12.28
CA GLU B 306 -16.37 40.31 12.33
C GLU B 306 -15.13 39.50 12.67
N ASN B 307 -14.01 40.20 12.82
CA ASN B 307 -12.75 39.60 13.23
C ASN B 307 -12.58 39.57 14.75
N ASP B 308 -13.12 40.54 15.46
CA ASP B 308 -12.85 40.69 16.88
C ASP B 308 -13.40 39.56 17.73
N TYR B 309 -14.47 38.89 17.31
CA TYR B 309 -15.13 37.92 18.17
C TYR B 309 -15.00 36.50 17.63
N ARG B 310 -15.48 36.23 16.41
CA ARG B 310 -15.29 34.93 15.76
C ARG B 310 -15.29 35.14 14.26
N PRO B 311 -14.15 35.02 13.59
CA PRO B 311 -14.07 35.36 12.17
C PRO B 311 -14.90 34.44 11.29
N MET B 312 -15.04 34.85 10.03
CA MET B 312 -15.80 34.12 9.01
C MET B 312 -14.85 33.25 8.20
N GLN B 313 -15.19 31.98 8.02
CA GLN B 313 -14.39 31.06 7.23
C GLN B 313 -15.29 30.14 6.41
N GLY B 314 -15.54 30.53 5.17
CA GLY B 314 -16.16 29.65 4.19
C GLY B 314 -17.64 29.44 4.43
N VAL B 315 -18.36 29.22 3.32
CA VAL B 315 -19.78 28.94 3.33
C VAL B 315 -20.09 27.87 2.27
N ALA B 316 -21.28 27.30 2.36
CA ALA B 316 -21.74 26.32 1.38
C ALA B 316 -23.25 26.22 1.46
N ILE B 317 -23.88 25.98 0.32
CA ILE B 317 -25.33 25.88 0.21
C ILE B 317 -25.68 24.55 -0.43
N SER B 318 -26.83 24.01 -0.08
CA SER B 318 -27.38 22.81 -0.69
C SER B 318 -28.76 23.12 -1.23
N ASP B 319 -29.35 22.14 -1.92
CA ASP B 319 -30.69 22.32 -2.46
C ASP B 319 -31.76 22.40 -1.39
N LYS B 320 -31.47 22.02 -0.15
CA LYS B 320 -32.45 22.10 0.93
C LYS B 320 -31.91 22.75 2.20
N ASN B 321 -30.59 22.84 2.36
CA ASN B 321 -30.01 23.30 3.61
C ASN B 321 -28.84 24.22 3.32
N CYS B 322 -28.38 24.90 4.37
CA CYS B 322 -27.24 25.82 4.28
C CYS B 322 -26.28 25.53 5.42
N TYR B 323 -24.98 25.73 5.16
CA TYR B 323 -23.92 25.37 6.10
C TYR B 323 -23.06 26.60 6.38
N TRP B 324 -22.49 26.66 7.59
CA TRP B 324 -21.72 27.80 8.04
C TRP B 324 -20.63 27.36 9.00
N MET B 325 -19.50 28.06 8.97
CA MET B 325 -18.37 27.73 9.82
C MET B 325 -18.02 28.92 10.71
N SER B 326 -17.12 28.67 11.66
CA SER B 326 -16.78 29.61 12.71
C SER B 326 -15.32 30.00 12.58
N GLY B 327 -14.81 30.64 13.62
CA GLY B 327 -13.56 31.38 13.54
C GLY B 327 -12.27 30.60 13.61
N TRP B 328 -11.34 31.06 14.46
CA TRP B 328 -9.93 30.75 14.30
C TRP B 328 -9.63 29.25 14.39
N GLY B 329 -10.36 28.52 15.20
CA GLY B 329 -10.14 27.10 15.31
C GLY B 329 -8.96 26.69 16.18
N THR B 330 -8.43 27.60 16.98
CA THR B 330 -7.42 27.25 17.97
C THR B 330 -8.11 26.62 19.17
N ASP B 331 -7.37 26.46 20.28
CA ASP B 331 -8.00 26.04 21.52
C ASP B 331 -9.04 27.07 21.95
N GLU B 332 -8.82 28.33 21.64
CA GLU B 332 -9.87 29.33 21.66
C GLU B 332 -10.48 29.42 20.27
N ASN B 333 -11.73 29.88 20.21
CA ASN B 333 -12.43 30.15 18.95
C ASN B 333 -12.80 28.86 18.21
N ILE B 334 -12.29 27.73 18.71
CA ILE B 334 -12.80 26.38 18.50
C ILE B 334 -13.66 26.25 17.25
N GLY B 335 -13.04 25.96 16.11
CA GLY B 335 -13.77 25.96 14.85
C GLY B 335 -15.01 25.07 14.92
N LYS B 336 -16.13 25.61 14.45
CA LYS B 336 -17.41 24.93 14.55
C LYS B 336 -18.15 25.05 13.23
N VAL B 337 -19.23 24.28 13.11
CA VAL B 337 -20.07 24.26 11.92
C VAL B 337 -21.51 24.49 12.33
N PHE B 338 -22.23 25.32 11.58
CA PHE B 338 -23.62 25.62 11.83
C PHE B 338 -24.47 25.19 10.64
N VAL B 339 -25.54 24.45 10.92
CA VAL B 339 -26.44 23.92 9.91
C VAL B 339 -27.74 24.70 9.95
N TYR B 340 -28.16 25.20 8.79
CA TYR B 340 -29.34 26.06 8.70
C TYR B 340 -30.29 25.51 7.66
N ASP B 341 -31.56 25.83 7.85
CA ASP B 341 -32.63 25.48 6.92
C ASP B 341 -33.25 26.75 6.36
N TRP B 342 -33.78 26.64 5.15
CA TRP B 342 -34.28 27.80 4.44
C TRP B 342 -35.54 28.40 5.05
N HIS B 343 -36.15 27.73 6.03
CA HIS B 343 -37.10 28.44 6.89
C HIS B 343 -36.41 29.37 7.87
N GLY B 344 -35.08 29.32 7.97
CA GLY B 344 -34.35 30.18 8.87
C GLY B 344 -34.19 29.59 10.25
N LYS B 345 -33.91 28.30 10.32
CA LYS B 345 -33.84 27.58 11.58
C LYS B 345 -32.46 27.01 11.81
N LEU B 346 -31.98 27.14 13.05
CA LEU B 346 -30.71 26.58 13.47
C LEU B 346 -30.95 25.15 13.94
N LEU B 347 -30.11 24.23 13.47
CA LEU B 347 -30.34 22.81 13.69
C LEU B 347 -29.28 22.15 14.58
N ASP B 348 -28.01 22.21 14.20
CA ASP B 348 -27.00 21.39 14.86
C ASP B 348 -25.72 22.18 15.06
N THR B 349 -24.92 21.70 16.02
CA THR B 349 -23.60 22.24 16.31
C THR B 349 -22.58 21.12 16.23
N ILE B 350 -21.39 21.45 15.71
CA ILE B 350 -20.32 20.50 15.53
C ILE B 350 -19.02 21.15 15.97
N THR B 351 -18.17 20.39 16.67
CA THR B 351 -16.86 20.86 17.06
C THR B 351 -15.79 20.04 16.35
N LEU B 352 -14.78 20.73 15.82
CA LEU B 352 -13.70 20.06 15.08
C LEU B 352 -12.52 19.87 16.02
N ASP B 353 -12.49 18.72 16.68
CA ASP B 353 -11.45 18.39 17.65
C ASP B 353 -10.76 17.07 17.38
N ASN B 354 -11.34 16.21 16.55
CA ASN B 354 -10.88 14.83 16.41
C ASN B 354 -10.18 14.56 15.10
N LEU B 355 -9.72 15.59 14.39
CA LEU B 355 -9.12 15.38 13.09
C LEU B 355 -7.79 14.63 13.21
N THR B 356 -7.29 14.16 12.07
CA THR B 356 -6.05 13.40 12.03
C THR B 356 -4.88 14.33 11.72
N GLN B 357 -3.93 14.42 12.65
CA GLN B 357 -2.74 15.24 12.48
C GLN B 357 -1.51 14.34 12.42
N VAL B 358 -0.36 14.97 12.18
CA VAL B 358 0.85 14.22 11.87
C VAL B 358 1.28 13.36 13.06
N THR B 359 1.10 13.89 14.24
CA THR B 359 1.41 13.07 15.37
C THR B 359 0.23 13.00 16.27
N GLY B 360 -0.95 13.07 15.69
CA GLY B 360 -2.12 12.89 16.52
C GLY B 360 -3.47 12.52 15.94
N VAL B 361 -4.35 11.97 16.77
CA VAL B 361 -5.67 11.69 16.29
C VAL B 361 -6.58 12.78 16.65
N GLY B 362 -6.09 13.79 17.31
CA GLY B 362 -6.90 14.98 17.27
C GLY B 362 -6.60 16.05 18.27
N GLY B 363 -6.36 17.27 17.80
CA GLY B 363 -6.02 18.38 18.68
C GLY B 363 -5.12 19.26 17.86
N GLU B 364 -4.52 20.27 18.45
CA GLU B 364 -3.66 21.04 17.63
C GLU B 364 -2.33 20.74 18.10
N GLU B 365 -2.26 20.36 19.35
CA GLU B 365 -0.98 20.18 19.95
C GLU B 365 -0.20 19.14 19.25
N TYR B 366 -0.87 18.33 18.48
CA TYR B 366 -0.18 17.25 17.88
C TYR B 366 0.06 17.69 16.50
N ALA B 367 -0.05 18.98 16.27
CA ALA B 367 0.03 19.42 14.90
C ALA B 367 1.22 20.33 14.52
N SER B 368 1.94 19.97 13.45
CA SER B 368 2.65 20.92 12.63
C SER B 368 3.53 21.76 13.49
N ASP B 369 3.42 23.06 13.34
CA ASP B 369 4.24 23.98 14.04
C ASP B 369 3.33 24.44 15.08
N ASN B 370 2.39 23.61 15.44
CA ASN B 370 1.41 23.94 16.45
C ASN B 370 0.41 24.99 15.98
N HIS B 371 0.20 25.12 14.68
CA HIS B 371 -0.85 26.01 14.19
C HIS B 371 -1.63 25.57 12.95
N SER B 372 -2.97 25.59 12.99
CA SER B 372 -3.80 25.32 11.79
C SER B 372 -5.17 26.02 11.96
N GLU B 373 -5.84 26.50 10.90
CA GLU B 373 -7.08 27.21 11.08
C GLU B 373 -8.03 26.87 10.01
N PRO B 374 -9.32 26.80 10.28
CA PRO B 374 -10.25 26.36 9.23
C PRO B 374 -10.23 27.21 7.99
N GLU B 375 -10.45 26.69 6.78
CA GLU B 375 -10.30 27.57 5.62
C GLU B 375 -11.41 27.54 4.57
N GLY B 376 -12.30 26.55 4.57
CA GLY B 376 -13.28 26.52 3.48
C GLY B 376 -14.30 25.42 3.61
N LEU B 377 -15.24 25.42 2.67
CA LEU B 377 -16.32 24.43 2.61
C LEU B 377 -16.67 24.16 1.16
N PHE B 378 -17.23 22.98 0.91
CA PHE B 378 -17.79 22.64 -0.39
C PHE B 378 -18.65 21.39 -0.23
N PHE B 379 -19.94 21.54 -0.52
CA PHE B 379 -20.91 20.46 -0.38
C PHE B 379 -21.32 20.01 -1.78
N THR B 380 -21.10 18.73 -2.07
CA THR B 380 -21.43 18.20 -3.38
C THR B 380 -21.87 16.76 -3.24
N GLU B 381 -22.80 16.35 -4.09
CA GLU B 381 -23.17 14.94 -4.22
C GLU B 381 -23.07 14.56 -5.69
N ASP B 382 -22.41 13.45 -5.96
CA ASP B 382 -22.28 12.92 -7.30
C ASP B 382 -22.52 11.42 -7.27
N LYS B 383 -23.12 10.91 -8.34
CA LYS B 383 -23.40 9.48 -8.47
C LYS B 383 -24.25 8.98 -7.31
N GLY B 384 -24.99 9.89 -6.69
CA GLY B 384 -25.93 9.53 -5.64
C GLY B 384 -25.37 9.50 -4.23
N LYS B 385 -24.13 9.94 -4.01
CA LYS B 385 -23.54 9.89 -2.69
C LYS B 385 -23.30 11.29 -2.17
N LYS B 386 -23.71 11.52 -0.92
CA LYS B 386 -23.65 12.83 -0.29
C LYS B 386 -22.38 12.95 0.53
N VAL B 387 -21.49 13.86 0.11
CA VAL B 387 -20.20 14.04 0.76
C VAL B 387 -19.98 15.53 0.99
N LEU B 388 -19.48 15.87 2.18
CA LEU B 388 -19.15 17.24 2.52
C LEU B 388 -17.65 17.33 2.79
N PHE B 389 -17.00 18.32 2.17
CA PHE B 389 -15.55 18.47 2.26
C PHE B 389 -15.21 19.69 3.09
N VAL B 390 -14.24 19.54 3.99
CA VAL B 390 -13.76 20.64 4.84
C VAL B 390 -12.27 20.78 4.61
N GLY B 391 -11.82 21.99 4.30
CA GLY B 391 -10.40 22.23 4.12
C GLY B 391 -9.73 22.69 5.40
N PHE B 392 -8.39 22.64 5.37
CA PHE B 392 -7.57 23.10 6.47
C PHE B 392 -6.22 23.58 5.93
N SER B 393 -5.66 24.57 6.60
CA SER B 393 -4.33 25.06 6.30
C SER B 393 -3.48 24.97 7.56
N THR B 394 -2.32 24.35 7.45
CA THR B 394 -1.46 24.08 8.60
C THR B 394 -0.11 24.73 8.38
N GLY B 395 0.50 25.21 9.46
CA GLY B 395 1.84 25.73 9.42
C GLY B 395 1.93 27.04 10.16
N GLY B 396 3.03 27.75 9.92
CA GLY B 396 3.27 29.02 10.59
C GLY B 396 3.55 30.11 9.56
N THR B 397 4.31 31.12 10.01
CA THR B 397 4.63 32.26 9.15
C THR B 397 5.51 31.82 7.99
N ARG B 398 5.04 32.06 6.77
CA ARG B 398 5.80 31.82 5.54
C ARG B 398 6.06 30.33 5.34
N LYS B 399 5.47 29.50 6.20
CA LYS B 399 5.59 28.04 6.12
C LYS B 399 4.18 27.45 6.24
N ARG B 400 3.49 27.31 5.11
CA ARG B 400 2.08 26.97 5.11
C ARG B 400 1.83 25.70 4.31
N HIS B 401 0.95 24.84 4.83
CA HIS B 401 0.55 23.60 4.17
C HIS B 401 -0.96 23.61 3.99
N HIS B 402 -1.44 22.75 3.09
CA HIS B 402 -2.88 22.63 2.83
C HIS B 402 -3.32 21.18 2.92
N LYS B 403 -4.47 20.95 3.55
CA LYS B 403 -5.04 19.62 3.69
C LYS B 403 -6.55 19.67 3.50
N ILE B 404 -7.12 18.53 3.12
CA ILE B 404 -8.55 18.40 2.90
C ILE B 404 -9.07 17.22 3.70
N TYR B 405 -10.18 17.43 4.41
CA TYR B 405 -10.85 16.38 5.14
C TYR B 405 -12.27 16.23 4.61
N GLY B 406 -12.87 15.06 4.82
CA GLY B 406 -14.15 14.76 4.23
C GLY B 406 -15.10 14.07 5.19
N PHE B 407 -16.37 14.42 5.05
CA PHE B 407 -17.49 13.71 5.65
C PHE B 407 -18.28 13.06 4.53
N SER B 408 -18.51 11.74 4.64
CA SER B 408 -19.11 11.01 3.55
C SER B 408 -20.24 10.12 4.05
N GLN B 409 -21.17 9.85 3.17
CA GLN B 409 -22.20 8.84 3.38
C GLN B 409 -21.56 7.45 3.34
N ARG B 410 -22.32 6.48 3.73
CA ARG B 410 -21.77 5.15 3.77
C ARG B 410 -21.34 4.73 2.41
N GLY B 411 -20.15 4.20 2.35
CA GLY B 411 -19.69 3.71 1.08
C GLY B 411 -19.62 4.75 0.02
N GLY B 412 -19.04 5.87 0.35
CA GLY B 412 -18.85 6.85 -0.68
C GLY B 412 -17.47 7.09 -1.22
N LEU B 413 -16.49 7.31 -0.39
CA LEU B 413 -15.21 7.68 -0.90
C LEU B 413 -14.42 6.77 -1.83
N GLU B 414 -14.95 5.63 -2.24
CA GLU B 414 -14.16 4.69 -3.03
C GLU B 414 -13.62 5.34 -4.29
N ARG B 415 -14.46 6.11 -4.99
CA ARG B 415 -14.01 6.77 -6.21
C ARG B 415 -12.89 7.76 -5.94
N TYR B 416 -13.01 8.55 -4.87
CA TYR B 416 -11.96 9.51 -4.56
C TYR B 416 -10.68 8.83 -4.11
N SER B 417 -10.79 7.71 -3.39
CA SER B 417 -9.60 6.94 -3.08
C SER B 417 -8.90 6.45 -4.33
N SER B 418 -9.67 5.96 -5.31
CA SER B 418 -9.06 5.57 -6.59
C SER B 418 -8.41 6.75 -7.28
N ILE B 419 -9.07 7.90 -7.26
CA ILE B 419 -8.51 9.10 -7.87
C ILE B 419 -7.15 9.42 -7.25
N VAL B 420 -7.07 9.42 -5.93
CA VAL B 420 -5.79 9.69 -5.27
C VAL B 420 -4.76 8.63 -5.62
N ARG B 421 -5.15 7.36 -5.60
CA ARG B 421 -4.19 6.30 -5.90
C ARG B 421 -3.69 6.39 -7.33
N ASN B 422 -4.44 7.05 -8.21
CA ASN B 422 -3.98 7.21 -9.59
C ASN B 422 -2.64 7.91 -9.69
N GLY B 423 -2.42 8.98 -8.93
CA GLY B 423 -1.18 9.73 -9.04
C GLY B 423 -0.26 9.56 -7.84
N ALA B 424 -0.41 8.46 -7.12
CA ALA B 424 0.36 8.21 -5.91
C ALA B 424 1.67 7.51 -6.28
N GLN B 425 2.38 7.00 -5.28
CA GLN B 425 3.63 6.28 -5.47
C GLN B 425 3.38 4.79 -5.37
N ASN B 426 3.87 4.04 -6.37
CA ASN B 426 3.69 2.60 -6.39
C ASN B 426 4.98 1.80 -6.27
N TYR B 427 6.13 2.40 -6.55
CA TYR B 427 7.29 1.55 -6.37
C TYR B 427 7.89 1.75 -4.98
N PRO B 428 8.15 0.66 -4.27
CA PRO B 428 8.70 0.80 -2.92
C PRO B 428 10.19 1.11 -2.95
N LEU B 429 10.54 2.35 -2.63
CA LEU B 429 11.95 2.71 -2.57
C LEU B 429 12.56 2.35 -1.23
N THR B 430 11.83 2.56 -0.14
CA THR B 430 12.32 2.31 1.20
C THR B 430 11.24 1.69 2.07
N ARG B 431 11.65 1.20 3.23
CA ARG B 431 10.71 0.72 4.22
C ARG B 431 9.88 1.87 4.78
N GLY B 432 8.79 1.52 5.48
CA GLY B 432 7.91 2.52 6.02
C GLY B 432 8.53 3.38 7.10
N ASP B 433 9.36 2.79 7.95
CA ASP B 433 9.95 3.56 9.04
C ASP B 433 11.09 4.46 8.57
N GLY B 434 11.58 4.24 7.36
CA GLY B 434 12.66 5.07 6.85
C GLY B 434 13.96 4.33 6.67
N LYS B 435 13.97 3.04 7.01
CA LYS B 435 15.16 2.23 6.88
C LYS B 435 15.52 2.04 5.40
N ALA B 436 16.68 1.45 5.14
CA ALA B 436 17.11 1.11 3.79
C ALA B 436 17.06 -0.40 3.62
N HIS B 437 16.90 -0.83 2.37
CA HIS B 437 16.88 -2.25 2.05
C HIS B 437 18.18 -2.92 2.53
N SER B 438 18.04 -4.12 3.07
CA SER B 438 19.21 -4.88 3.44
C SER B 438 19.57 -5.86 2.33
N THR B 439 20.87 -6.14 2.21
CA THR B 439 21.35 -6.98 1.13
C THR B 439 20.83 -8.41 1.30
N PRO B 440 20.56 -9.09 0.19
CA PRO B 440 20.12 -10.49 0.28
C PRO B 440 21.19 -11.37 0.90
N ASP B 441 20.73 -12.38 1.63
CA ASP B 441 21.62 -13.33 2.26
C ASP B 441 22.25 -14.26 1.23
N GLY B 442 23.57 -14.32 1.19
CA GLY B 442 24.26 -15.18 0.25
C GLY B 442 24.55 -14.48 -1.07
N LEU B 443 25.04 -13.25 -0.99
CA LEU B 443 25.42 -12.50 -2.17
C LEU B 443 26.92 -12.67 -2.43
N THR B 444 27.26 -12.88 -3.70
CA THR B 444 28.63 -13.18 -4.07
C THR B 444 29.26 -12.08 -4.91
N LYS B 445 28.66 -11.72 -6.04
CA LYS B 445 29.19 -10.68 -6.90
C LYS B 445 28.30 -9.45 -6.83
N LEU B 446 28.93 -8.29 -6.98
CA LEU B 446 28.20 -7.03 -6.88
C LEU B 446 27.20 -6.84 -8.02
N SER B 447 27.52 -7.31 -9.21
CA SER B 447 26.70 -7.03 -10.38
C SER B 447 25.39 -7.79 -10.37
N ASP B 448 25.20 -8.74 -9.47
CA ASP B 448 23.96 -9.50 -9.43
C ASP B 448 22.80 -8.71 -8.84
N LEU B 449 23.08 -7.75 -7.97
CA LEU B 449 22.03 -6.99 -7.30
C LEU B 449 21.61 -5.83 -8.18
N THR B 450 20.58 -6.04 -9.00
CA THR B 450 20.07 -5.00 -9.89
C THR B 450 18.59 -4.79 -9.57
N LYS B 451 18.32 -3.97 -8.57
CA LYS B 451 16.95 -3.66 -8.16
C LYS B 451 16.87 -2.20 -7.76
N VAL B 452 15.79 -1.56 -8.19
CA VAL B 452 15.63 -0.12 -8.00
C VAL B 452 15.39 0.15 -6.51
N GLY B 453 16.12 1.12 -5.97
CA GLY B 453 15.97 1.51 -4.60
C GLY B 453 17.33 1.71 -3.97
N SER B 454 17.33 1.86 -2.65
CA SER B 454 18.57 2.01 -1.89
C SER B 454 18.94 0.68 -1.26
N TYR B 455 20.22 0.55 -0.88
CA TYR B 455 20.71 -0.70 -0.32
C TYR B 455 21.86 -0.42 0.63
N TYR B 456 21.75 -0.94 1.85
CA TYR B 456 22.78 -0.81 2.86
C TYR B 456 23.41 -2.16 3.12
N ALA B 457 24.70 -2.17 3.32
CA ALA B 457 25.36 -3.41 3.57
C ALA B 457 26.08 -3.39 4.86
N GLN B 458 26.48 -4.55 5.32
CA GLN B 458 27.18 -4.65 6.55
C GLN B 458 28.54 -5.16 6.20
N GLY B 459 29.49 -5.00 7.09
CA GLY B 459 30.82 -5.38 6.74
C GLY B 459 30.89 -6.81 6.40
N SER B 460 30.11 -7.64 7.06
CA SER B 460 30.26 -9.06 6.84
C SER B 460 30.02 -9.43 5.40
N ASP B 461 29.03 -8.82 4.79
CA ASP B 461 28.72 -9.11 3.40
C ASP B 461 29.86 -8.67 2.56
N VAL B 462 30.51 -7.60 2.99
CA VAL B 462 31.63 -7.10 2.25
C VAL B 462 32.64 -8.18 2.25
N ALA B 463 32.77 -8.89 3.35
CA ALA B 463 33.83 -9.83 3.40
C ALA B 463 33.73 -10.85 2.30
N LEU B 464 32.57 -11.45 2.10
CA LEU B 464 32.41 -12.39 0.99
C LEU B 464 32.46 -11.74 -0.38
N LEU B 465 31.89 -10.56 -0.48
CA LEU B 465 31.72 -9.92 -1.74
C LEU B 465 33.01 -9.94 -2.46
N THR B 466 32.97 -10.30 -3.72
CA THR B 466 34.22 -10.44 -4.46
C THR B 466 34.60 -9.41 -5.50
N ASP B 467 33.61 -8.76 -6.09
CA ASP B 467 33.89 -7.83 -7.18
C ASP B 467 33.87 -6.38 -6.75
N LEU B 468 34.85 -5.97 -5.95
CA LEU B 468 34.88 -4.60 -5.49
C LEU B 468 36.31 -4.15 -5.57
N PRO B 469 36.51 -2.86 -5.77
CA PRO B 469 37.87 -2.33 -5.81
C PRO B 469 38.59 -2.32 -4.47
N VAL B 470 39.91 -2.28 -4.48
CA VAL B 470 40.69 -2.42 -3.25
C VAL B 470 40.58 -1.44 -2.12
N GLU B 471 40.50 -0.18 -2.41
CA GLU B 471 40.52 0.78 -1.35
C GLU B 471 39.28 0.63 -0.55
N PHE B 472 38.32 -0.06 -1.11
CA PHE B 472 37.06 -0.16 -0.47
C PHE B 472 37.02 -1.23 0.59
N LYS B 473 38.13 -1.86 0.89
CA LYS B 473 38.09 -2.98 1.81
C LYS B 473 37.67 -2.70 3.25
N GLY B 474 36.99 -3.66 3.84
CA GLY B 474 36.72 -3.75 5.26
C GLY B 474 35.94 -2.65 5.91
N VAL B 475 34.95 -2.13 5.20
CA VAL B 475 34.20 -1.02 5.73
C VAL B 475 32.75 -1.17 5.49
N PRO B 476 31.94 -0.49 6.29
CA PRO B 476 30.54 -0.60 5.93
C PRO B 476 30.31 0.04 4.53
N LEU B 477 29.46 -0.49 3.67
CA LEU B 477 29.32 0.05 2.32
C LEU B 477 27.89 0.32 2.00
N TRP B 478 27.60 1.23 1.08
CA TRP B 478 26.26 1.58 0.73
C TRP B 478 26.05 1.53 -0.74
N ILE B 479 24.90 1.08 -1.17
CA ILE B 479 24.56 0.94 -2.58
C ILE B 479 23.26 1.68 -2.84
N ASP B 480 23.27 2.57 -3.84
CA ASP B 480 22.16 3.47 -4.11
C ASP B 480 21.88 3.48 -5.61
N ASN B 481 20.91 2.67 -6.02
CA ASN B 481 20.56 2.62 -7.44
C ASN B 481 19.75 3.83 -7.84
N LEU B 482 19.77 4.15 -9.12
CA LEU B 482 19.03 5.24 -9.73
C LEU B 482 17.95 4.63 -10.60
N PRO B 483 16.86 5.37 -10.89
CA PRO B 483 15.58 4.70 -11.13
C PRO B 483 15.59 3.60 -12.17
N ALA B 484 15.85 3.89 -13.45
CA ALA B 484 15.79 2.85 -14.47
C ALA B 484 16.15 3.41 -15.83
N GLU B 485 16.15 2.49 -16.80
CA GLU B 485 16.25 2.82 -18.21
C GLU B 485 15.16 2.06 -18.94
N GLN B 486 14.86 2.51 -20.15
CA GLN B 486 13.73 1.94 -20.90
C GLN B 486 13.89 0.44 -21.11
N HIS B 487 15.13 -0.05 -21.11
CA HIS B 487 15.39 -1.49 -21.17
C HIS B 487 15.79 -2.06 -19.82
N ASN B 488 15.34 -1.43 -18.73
CA ASN B 488 15.57 -1.91 -17.37
C ASN B 488 17.06 -1.98 -17.03
N ASP B 489 17.80 -0.96 -17.44
CA ASP B 489 19.20 -0.81 -17.06
C ASP B 489 19.34 0.28 -16.00
N VAL B 490 20.33 0.11 -15.12
CA VAL B 490 20.38 0.86 -13.88
C VAL B 490 21.77 1.45 -13.68
N ARG B 491 21.82 2.53 -12.91
CA ARG B 491 23.05 3.13 -12.42
C ARG B 491 23.33 2.60 -11.02
N GLN B 492 24.61 2.60 -10.63
CA GLN B 492 25.00 2.17 -9.30
C GLN B 492 26.03 3.11 -8.72
N VAL B 493 25.85 3.46 -7.45
CA VAL B 493 26.73 4.36 -6.72
C VAL B 493 27.19 3.64 -5.47
N ILE B 494 28.49 3.72 -5.18
CA ILE B 494 29.07 3.08 -4.01
C ILE B 494 29.73 4.15 -3.15
N THR B 495 29.37 4.20 -1.87
CA THR B 495 29.98 5.14 -0.95
C THR B 495 30.50 4.39 0.27
N ARG B 496 31.74 4.69 0.63
CA ARG B 496 32.37 4.12 1.81
C ARG B 496 31.89 4.84 3.06
N ARG B 497 31.71 4.11 4.13
CA ARG B 497 31.14 4.72 5.34
C ARG B 497 32.15 5.25 6.31
N SER B 498 33.16 5.95 5.85
CA SER B 498 34.19 6.34 6.78
C SER B 498 33.91 7.60 7.53
N THR B 499 33.63 7.49 8.81
CA THR B 499 33.41 8.67 9.62
C THR B 499 34.65 9.50 9.73
N GLU B 500 35.79 8.88 10.00
CA GLU B 500 37.08 9.59 10.06
C GLU B 500 37.66 10.06 8.75
N LYS B 501 37.54 9.23 7.73
CA LYS B 501 38.38 9.33 6.56
C LYS B 501 37.61 9.90 5.40
N SER B 502 37.37 9.15 4.36
CA SER B 502 36.73 9.77 3.19
C SER B 502 35.49 9.09 2.53
N MET B 503 34.48 9.86 2.12
CA MET B 503 33.31 9.27 1.50
C MET B 503 33.53 8.97 0.05
N LEU B 504 34.46 8.12 -0.24
CA LEU B 504 34.84 7.64 -1.56
C LEU B 504 33.59 7.28 -2.34
N LYS B 505 33.51 7.78 -3.57
CA LYS B 505 32.35 7.52 -4.42
C LYS B 505 32.80 6.91 -5.73
N PHE B 506 32.06 5.91 -6.19
CA PHE B 506 32.30 5.26 -7.46
C PHE B 506 31.02 5.25 -8.26
N GLU B 507 31.13 5.10 -9.57
CA GLU B 507 29.96 5.03 -10.42
C GLU B 507 30.25 4.14 -11.62
N ARG B 508 29.25 3.38 -12.03
CA ARG B 508 29.32 2.57 -13.23
C ARG B 508 27.90 2.32 -13.70
N MET B 509 27.78 1.65 -14.84
CA MET B 509 26.49 1.35 -15.43
C MET B 509 26.42 -0.14 -15.75
N ILE B 510 25.22 -0.71 -15.69
CA ILE B 510 25.02 -2.15 -15.84
C ILE B 510 23.95 -2.40 -16.89
N ASN B 511 24.24 -3.34 -17.78
CA ASN B 511 23.26 -3.84 -18.75
C ASN B 511 22.94 -5.29 -18.40
N ILE B 512 21.71 -5.54 -17.98
CA ILE B 512 21.32 -6.90 -17.63
C ILE B 512 21.24 -7.79 -18.87
N GLY B 513 20.70 -7.25 -19.96
CA GLY B 513 20.58 -8.03 -21.18
C GLY B 513 19.67 -9.24 -21.05
N LYS B 514 18.49 -9.06 -20.44
CA LYS B 514 17.60 -10.19 -20.22
C LYS B 514 16.97 -10.67 -21.52
N ALA B 515 16.52 -9.76 -22.36
CA ALA B 515 15.74 -10.15 -23.53
C ALA B 515 16.62 -10.41 -24.75
N GLU B 516 17.36 -9.39 -25.19
CA GLU B 516 18.16 -9.54 -26.40
C GLU B 516 19.63 -9.23 -26.13
N GLN B 517 19.90 -8.22 -25.31
CA GLN B 517 21.25 -7.75 -25.11
C GLN B 517 22.07 -8.79 -24.34
N ALA B 518 23.34 -8.44 -24.13
CA ALA B 518 24.24 -9.28 -23.35
C ALA B 518 24.69 -8.54 -22.11
N PHE B 519 24.90 -9.28 -21.03
CA PHE B 519 25.32 -8.70 -19.77
C PHE B 519 26.64 -7.96 -19.95
N SER B 520 26.74 -6.78 -19.35
CA SER B 520 27.94 -5.97 -19.50
C SER B 520 28.00 -4.95 -18.37
N VAL B 521 29.22 -4.65 -17.90
CA VAL B 521 29.42 -3.70 -16.80
C VAL B 521 30.33 -2.56 -17.18
N GLY B 522 29.97 -1.35 -16.81
CA GLY B 522 30.76 -0.18 -17.14
C GLY B 522 31.96 0.11 -16.27
N SER B 523 32.81 1.03 -16.72
CA SER B 523 33.97 1.42 -15.94
C SER B 523 33.67 2.29 -14.75
N TRP B 524 34.48 2.20 -13.71
CA TRP B 524 34.32 3.07 -12.56
C TRP B 524 34.72 4.49 -12.86
N THR B 525 33.99 5.47 -12.34
CA THR B 525 34.37 6.86 -12.50
C THR B 525 34.48 7.36 -11.11
N VAL B 526 35.59 8.00 -10.76
CA VAL B 526 35.70 8.38 -9.37
C VAL B 526 35.70 9.87 -9.18
N TYR B 527 34.74 10.36 -8.41
CA TYR B 527 34.69 11.77 -8.12
C TYR B 527 35.76 12.09 -7.11
N GLN B 528 36.22 13.32 -7.08
CA GLN B 528 37.31 13.68 -6.19
C GLN B 528 36.88 14.62 -5.07
N SER B 529 37.27 14.31 -3.84
CA SER B 529 36.91 15.15 -2.70
C SER B 529 37.91 15.01 -1.57
N GLN B 530 37.93 15.96 -0.66
CA GLN B 530 38.87 15.91 0.45
C GLN B 530 38.29 16.26 1.82
N THR B 531 38.92 15.79 2.90
CA THR B 531 38.43 16.04 4.24
C THR B 531 39.46 16.64 5.16
N THR B 532 39.63 16.08 6.37
CA THR B 532 40.64 16.49 7.32
C THR B 532 41.70 15.42 7.53
N ARG B 533 41.69 14.35 6.74
CA ARG B 533 42.68 13.27 6.90
C ARG B 533 42.98 12.54 5.63
N GLY B 534 44.24 12.55 5.22
CA GLY B 534 44.63 11.81 4.04
C GLY B 534 44.65 10.31 4.26
N GLU B 535 44.43 9.54 3.20
CA GLU B 535 44.52 8.10 3.32
C GLU B 535 45.95 7.68 3.54
N PHE B 536 46.18 6.61 4.28
CA PHE B 536 47.54 6.12 4.45
C PHE B 536 47.70 4.88 3.63
N ILE B 537 48.64 4.90 2.71
CA ILE B 537 48.84 3.76 1.83
C ILE B 537 49.49 2.58 2.54
N ASP B 538 49.36 1.37 1.99
CA ASP B 538 50.01 0.18 2.55
C ASP B 538 50.93 -0.43 1.53
N ALA B 539 52.15 -0.76 1.92
CA ALA B 539 53.15 -1.26 0.98
C ALA B 539 52.87 -2.70 0.58
N SER B 540 52.44 -3.52 1.54
CA SER B 540 52.22 -4.93 1.26
C SER B 540 51.11 -5.12 0.23
N ILE B 541 50.09 -4.27 0.28
CA ILE B 541 48.95 -4.44 -0.63
C ILE B 541 49.40 -4.30 -2.08
N TYR B 542 50.26 -3.33 -2.36
CA TYR B 542 50.60 -2.98 -3.72
C TYR B 542 51.86 -3.68 -4.22
N GLN B 543 52.23 -4.72 -3.50
CA GLN B 543 53.38 -5.50 -3.89
C GLN B 543 54.55 -4.59 -4.04
N ASN B 544 54.54 -3.50 -3.29
CA ASN B 544 55.70 -2.65 -3.33
C ASN B 544 56.14 -2.25 -4.73
N LYS B 545 55.23 -1.75 -5.55
CA LYS B 545 55.63 -1.24 -6.85
C LYS B 545 55.66 0.25 -6.85
N LEU B 546 54.68 0.87 -6.21
CA LEU B 546 54.30 2.30 -6.37
C LEU B 546 53.69 2.59 -7.73
N SER B 547 54.41 2.32 -8.80
CA SER B 547 53.86 2.50 -10.10
C SER B 547 53.18 1.21 -10.47
N ASN B 548 52.36 0.70 -9.57
CA ASN B 548 51.28 -0.20 -9.94
C ASN B 548 49.92 0.35 -9.55
N ILE B 549 49.89 1.48 -8.87
CA ILE B 549 48.61 2.07 -8.52
C ILE B 549 47.93 2.43 -9.81
N THR B 550 46.63 2.18 -9.91
CA THR B 550 45.96 2.36 -11.18
C THR B 550 44.70 3.13 -11.03
N SER B 551 44.29 3.36 -9.82
CA SER B 551 43.08 4.11 -9.52
C SER B 551 43.21 5.55 -10.00
N PRO B 552 42.08 6.23 -10.21
CA PRO B 552 42.13 7.66 -10.53
C PRO B 552 42.64 8.48 -9.35
N LYS B 554 42.11 10.61 -8.31
CA LYS B 554 43.06 11.56 -7.76
C LYS B 554 43.24 11.23 -6.32
N MET B 555 43.57 9.98 -6.05
CA MET B 555 43.79 9.60 -4.69
C MET B 555 44.97 10.34 -4.17
N TYR B 556 44.91 10.79 -2.92
CA TYR B 556 46.06 11.45 -2.33
C TYR B 556 46.60 10.58 -1.23
N MET B 557 47.89 10.35 -1.22
CA MET B 557 48.47 9.45 -0.25
C MET B 557 49.58 10.14 0.48
N THR B 558 49.99 9.60 1.63
CA THR B 558 51.02 10.25 2.45
C THR B 558 51.81 9.16 3.16
N ALA B 559 52.47 9.47 4.29
CA ALA B 559 53.24 8.51 5.14
C ALA B 559 54.73 8.66 5.10
N GLU B 560 55.29 9.24 6.16
CA GLU B 560 56.73 9.45 6.26
C GLU B 560 57.55 8.54 5.34
N ASN B 563 57.15 6.09 6.57
CA ASN B 563 57.75 4.79 6.80
C ASN B 563 57.78 3.96 5.53
N LEU B 564 56.69 3.96 4.77
CA LEU B 564 56.58 3.10 3.60
C LEU B 564 57.50 3.54 2.47
N PHE B 565 58.11 4.72 2.59
CA PHE B 565 58.84 5.31 1.47
C PHE B 565 59.96 4.39 0.99
N THR B 566 60.63 3.72 1.92
CA THR B 566 61.77 2.88 1.55
C THR B 566 61.36 1.72 0.66
N ASP B 567 60.10 1.28 0.77
CA ASP B 567 59.62 0.11 0.06
C ASP B 567 59.18 0.41 -1.37
N HIS B 568 59.60 1.52 -1.94
CA HIS B 568 59.19 1.96 -3.27
C HIS B 568 60.40 2.37 -4.09
N PRO B 569 60.27 2.41 -5.42
CA PRO B 569 61.41 2.78 -6.27
C PRO B 569 62.03 4.14 -5.95
N VAL B 570 61.23 5.14 -5.61
CA VAL B 570 61.80 6.45 -5.27
C VAL B 570 62.59 6.34 -3.97
N LYS B 571 63.77 6.97 -3.96
CA LYS B 571 64.82 6.66 -3.00
C LYS B 571 65.10 7.81 -2.05
N ASN B 572 65.24 7.47 -0.77
CA ASN B 572 65.95 8.26 0.24
C ASN B 572 65.50 9.71 0.35
N GLY B 573 64.20 9.95 0.29
CA GLY B 573 63.67 11.27 0.65
C GLY B 573 63.40 11.38 2.14
N ASN B 574 63.13 10.26 2.80
CA ASN B 574 62.91 10.13 4.24
C ASN B 574 61.73 10.95 4.74
N ALA B 575 60.80 11.34 3.87
CA ALA B 575 59.59 12.01 4.29
C ALA B 575 58.46 11.61 3.35
N GLY B 576 57.24 11.68 3.83
CA GLY B 576 56.12 11.23 3.02
C GLY B 576 55.79 12.04 1.80
N TRP B 577 56.37 11.65 0.67
CA TRP B 577 56.05 12.34 -0.55
C TRP B 577 54.64 12.04 -1.00
N PHE B 578 53.92 13.05 -1.46
CA PHE B 578 52.52 12.88 -1.85
C PHE B 578 52.25 12.18 -3.18
N TYR B 579 51.04 11.66 -3.36
CA TYR B 579 50.72 11.05 -4.64
C TYR B 579 49.48 11.57 -5.30
N GLU B 580 49.55 11.84 -6.61
CA GLU B 580 48.36 12.23 -7.36
C GLU B 580 48.57 11.75 -8.78
N ASN B 581 47.58 11.19 -9.45
CA ASN B 581 47.83 10.84 -10.85
C ASN B 581 47.01 11.75 -11.71
N SER B 582 47.69 12.60 -12.44
CA SER B 582 46.95 13.61 -13.18
C SER B 582 46.02 13.20 -14.29
N GLY B 583 46.44 12.29 -15.16
CA GLY B 583 45.58 12.02 -16.29
C GLY B 583 45.76 10.74 -17.00
N TYR B 584 44.77 10.36 -17.80
CA TYR B 584 44.87 9.16 -18.59
C TYR B 584 44.73 9.53 -20.03
N GLY B 585 45.57 8.95 -20.88
CA GLY B 585 45.54 9.30 -22.29
C GLY B 585 44.51 8.58 -23.13
N VAL B 586 44.94 8.06 -24.26
CA VAL B 586 44.03 7.31 -25.12
C VAL B 586 44.29 5.82 -25.01
N THR B 587 45.57 5.44 -24.88
CA THR B 587 45.97 4.04 -24.86
C THR B 587 46.28 3.53 -23.45
N GLY B 588 45.57 4.02 -22.43
CA GLY B 588 45.76 3.50 -21.08
C GLY B 588 46.90 4.13 -20.30
N GLU B 589 47.76 4.86 -20.98
CA GLU B 589 48.91 5.47 -20.33
C GLU B 589 48.49 6.50 -19.29
N PHE B 590 49.20 6.56 -18.18
CA PHE B 590 48.87 7.56 -17.17
C PHE B 590 50.02 8.39 -16.63
N ARG B 591 49.70 9.56 -16.11
CA ARG B 591 50.71 10.46 -15.62
C ARG B 591 50.76 10.39 -14.12
N GLN B 592 51.92 10.14 -13.56
CA GLN B 592 52.03 9.99 -12.12
C GLN B 592 52.90 11.08 -11.57
N THR B 593 52.43 11.75 -10.54
CA THR B 593 53.25 12.76 -9.90
C THR B 593 53.43 12.52 -8.44
N ILE B 594 54.66 12.57 -7.95
CA ILE B 594 54.88 12.46 -6.52
C ILE B 594 55.51 13.76 -6.06
N THR B 595 54.99 14.32 -4.98
CA THR B 595 55.47 15.64 -4.57
C THR B 595 55.87 15.89 -3.13
N ILE B 596 56.74 16.86 -2.92
CA ILE B 596 57.17 17.24 -1.57
C ILE B 596 56.54 18.63 -1.46
N ASN B 597 56.20 19.08 -0.26
CA ASN B 597 55.54 20.37 -0.20
C ASN B 597 56.49 21.27 0.48
N SER B 598 57.39 20.65 1.24
CA SER B 598 58.38 21.42 1.97
C SER B 598 59.39 22.03 1.05
N SER B 599 60.04 23.10 1.47
CA SER B 599 61.10 23.66 0.66
C SER B 599 62.40 23.29 1.35
N LEU B 600 62.34 22.73 2.54
CA LEU B 600 63.56 22.34 3.24
C LEU B 600 64.33 21.40 2.38
N ARG B 601 63.59 20.83 1.51
CA ARG B 601 63.92 20.06 0.34
C ARG B 601 62.69 20.21 -0.56
N TYR B 602 62.67 20.87 -1.71
CA TYR B 602 61.42 20.94 -2.49
C TYR B 602 61.60 20.32 -3.82
N GLU B 603 60.70 19.42 -4.22
CA GLU B 603 60.86 18.69 -5.48
C GLU B 603 59.56 18.20 -6.08
N VAL B 604 59.54 18.03 -7.40
CA VAL B 604 58.37 17.44 -8.05
C VAL B 604 58.85 16.32 -8.97
N TYR B 605 58.31 15.13 -8.83
CA TYR B 605 58.75 14.04 -9.66
C TYR B 605 57.61 13.56 -10.50
N SER B 606 57.74 13.61 -11.81
CA SER B 606 56.70 13.08 -12.66
C SER B 606 57.28 12.14 -13.69
N ARG B 607 56.74 10.94 -13.75
CA ARG B 607 57.24 9.98 -14.71
C ARG B 607 56.11 9.30 -15.45
N MET B 608 56.34 9.00 -16.71
CA MET B 608 55.29 8.39 -17.50
C MET B 608 55.24 6.95 -17.14
N VAL B 609 54.05 6.48 -16.78
CA VAL B 609 53.92 5.08 -16.53
C VAL B 609 53.10 4.59 -17.69
N PHE B 610 53.68 3.71 -18.48
CA PHE B 610 52.96 3.17 -19.60
C PHE B 610 52.36 1.87 -19.15
N ALA B 611 52.08 1.02 -20.10
CA ALA B 611 51.58 -0.30 -19.71
C ALA B 611 52.74 -1.23 -19.33
N ASP B 612 53.86 -1.13 -20.06
CA ASP B 612 54.96 -2.07 -19.82
C ASP B 612 56.19 -1.37 -19.24
N ARG B 613 56.41 -0.12 -19.60
CA ARG B 613 57.64 0.56 -19.17
C ARG B 613 57.46 1.89 -18.46
N VAL B 614 58.53 2.37 -17.84
CA VAL B 614 58.49 3.66 -17.17
C VAL B 614 59.71 4.51 -17.49
N SER B 615 59.53 5.82 -17.56
CA SER B 615 60.67 6.72 -17.78
C SER B 615 61.26 7.21 -16.46
N GLU B 616 62.20 8.15 -16.51
CA GLU B 616 62.88 8.65 -15.32
C GLU B 616 62.07 9.56 -14.44
N TRP B 617 62.43 9.67 -13.17
CA TRP B 617 61.78 10.61 -12.28
C TRP B 617 62.52 11.91 -12.47
N PHE B 618 61.85 12.92 -13.02
CA PHE B 618 62.55 14.14 -13.34
C PHE B 618 62.17 15.24 -12.37
N VAL B 619 62.65 16.45 -12.62
CA VAL B 619 62.25 17.58 -11.79
C VAL B 619 62.46 18.89 -12.55
N VAL C 2 -6.69 -39.48 19.81
CA VAL C 2 -5.51 -40.09 19.24
C VAL C 2 -4.28 -39.24 19.52
N GLU C 3 -3.44 -39.72 20.43
CA GLU C 3 -2.23 -39.00 20.82
C GLU C 3 -1.02 -39.71 20.23
N LEU C 4 -0.45 -39.13 19.18
CA LEU C 4 0.75 -39.65 18.56
C LEU C 4 1.97 -39.06 19.25
N ASP C 5 3.12 -39.67 19.02
CA ASP C 5 4.32 -39.24 19.72
C ASP C 5 4.91 -37.98 19.11
N LYS C 6 5.29 -38.04 17.84
CA LYS C 6 6.02 -36.96 17.16
C LYS C 6 7.34 -36.69 17.87
N TYR C 7 8.12 -35.75 17.33
CA TYR C 7 9.35 -35.28 17.98
C TYR C 7 10.34 -36.43 18.20
N LEU C 8 10.27 -37.44 17.34
CA LEU C 8 11.09 -38.63 17.51
C LEU C 8 12.56 -38.30 17.31
N PRO C 9 13.43 -38.85 18.14
CA PRO C 9 14.87 -38.61 17.98
C PRO C 9 15.45 -39.33 16.78
N VAL C 10 16.15 -38.61 15.92
CA VAL C 10 16.72 -39.22 14.72
C VAL C 10 18.06 -39.86 15.02
N ASN C 11 18.66 -39.54 16.17
CA ASN C 11 19.97 -40.09 16.51
C ASN C 11 19.87 -41.51 17.06
N ARG C 12 19.11 -41.69 18.14
CA ARG C 12 19.02 -42.98 18.80
C ARG C 12 18.36 -43.99 17.86
N GLU C 13 19.00 -45.14 17.70
CA GLU C 13 18.47 -46.14 16.79
C GLU C 13 17.26 -46.86 17.38
N GLU C 14 17.25 -47.03 18.70
CA GLU C 14 16.15 -47.77 19.34
C GLU C 14 14.87 -46.95 19.38
N ALA C 15 14.97 -45.69 19.81
CA ALA C 15 13.77 -44.91 20.10
C ALA C 15 12.92 -44.73 18.86
N PHE C 16 13.54 -44.35 17.74
CA PHE C 16 12.81 -44.15 16.50
C PHE C 16 12.13 -45.45 16.05
N ARG C 17 12.89 -46.55 16.09
CA ARG C 17 12.40 -47.81 15.56
C ARG C 17 11.20 -48.29 16.36
N ASN C 18 11.21 -48.11 17.67
CA ASN C 18 10.05 -48.51 18.46
C ASN C 18 8.90 -47.52 18.29
N GLY C 19 9.22 -46.23 18.17
CA GLY C 19 8.16 -45.23 18.09
C GLY C 19 7.31 -45.39 16.85
N VAL C 20 7.92 -45.81 15.74
CA VAL C 20 7.13 -46.01 14.54
C VAL C 20 6.03 -47.04 14.77
N ASN C 21 6.39 -48.20 15.33
CA ASN C 21 5.40 -49.23 15.59
C ASN C 21 4.34 -48.74 16.58
N LYS C 22 4.77 -48.03 17.63
CA LYS C 22 3.80 -47.56 18.61
C LYS C 22 2.78 -46.62 17.97
N ASN C 23 3.25 -45.69 17.13
CA ASN C 23 2.34 -44.75 16.50
C ASN C 23 1.38 -45.45 15.56
N PHE C 24 1.85 -46.42 14.78
CA PHE C 24 0.93 -47.12 13.90
C PHE C 24 -0.12 -47.90 14.69
N ALA C 25 0.28 -48.51 15.81
CA ALA C 25 -0.72 -49.21 16.62
C ALA C 25 -1.79 -48.26 17.12
N LYS C 26 -1.38 -47.08 17.60
CA LYS C 26 -2.36 -46.12 18.11
C LYS C 26 -3.30 -45.63 17.01
N ILE C 27 -2.77 -45.40 15.81
CA ILE C 27 -3.64 -44.99 14.70
C ILE C 27 -4.65 -46.07 14.37
N GLU C 28 -4.20 -47.33 14.33
CA GLU C 28 -5.12 -48.41 13.99
C GLU C 28 -6.22 -48.55 15.03
N GLN C 29 -5.89 -48.36 16.31
CA GLN C 29 -6.93 -48.33 17.33
C GLN C 29 -7.91 -47.18 17.11
N GLY C 30 -7.39 -46.00 16.78
CA GLY C 30 -8.24 -44.84 16.62
C GLY C 30 -9.27 -45.00 15.50
N PHE C 31 -8.84 -45.59 14.39
CA PHE C 31 -9.76 -45.76 13.27
C PHE C 31 -10.97 -46.61 13.66
N SER C 32 -10.73 -47.73 14.32
CA SER C 32 -11.84 -48.59 14.73
C SER C 32 -12.73 -47.87 15.73
N GLN C 33 -12.15 -47.10 16.64
CA GLN C 33 -13.00 -46.35 17.57
C GLN C 33 -13.93 -45.39 16.84
N ARG C 34 -13.38 -44.64 15.88
CA ARG C 34 -14.21 -43.68 15.16
C ARG C 34 -15.31 -44.36 14.36
N ASP C 35 -14.98 -45.48 13.70
CA ASP C 35 -16.00 -46.18 12.94
C ASP C 35 -17.13 -46.68 13.83
N ALA C 36 -16.77 -47.24 14.99
CA ALA C 36 -17.80 -47.72 15.91
C ALA C 36 -18.69 -46.58 16.39
N VAL C 37 -18.10 -45.42 16.69
CA VAL C 37 -18.91 -44.28 17.12
C VAL C 37 -19.87 -43.86 16.01
N MET C 38 -19.39 -43.81 14.77
CA MET C 38 -20.28 -43.52 13.64
C MET C 38 -21.46 -44.48 13.62
N ASN C 39 -21.19 -45.78 13.65
CA ASN C 39 -22.28 -46.74 13.50
C ASN C 39 -23.25 -46.68 14.66
N SER C 40 -22.74 -46.41 15.87
CA SER C 40 -23.64 -46.26 17.01
C SER C 40 -24.51 -45.03 16.86
N HIS C 41 -23.96 -43.94 16.34
CA HIS C 41 -24.75 -42.73 16.15
C HIS C 41 -25.86 -42.95 15.14
N GLN C 42 -25.59 -43.69 14.07
CA GLN C 42 -26.57 -43.76 13.00
C GLN C 42 -27.79 -44.60 13.38
N THR C 43 -27.66 -45.49 14.35
CA THR C 43 -28.71 -46.48 14.58
C THR C 43 -29.42 -46.35 15.93
N THR C 44 -28.72 -46.36 17.07
CA THR C 44 -29.38 -46.59 18.34
C THR C 44 -28.93 -45.67 19.48
N GLN C 45 -28.15 -44.64 19.20
CA GLN C 45 -27.79 -43.70 20.26
C GLN C 45 -29.04 -43.03 20.80
N LYS C 46 -29.09 -42.85 22.11
CA LYS C 46 -30.36 -42.51 22.75
C LYS C 46 -30.74 -41.04 22.57
N ASN C 47 -29.77 -40.14 22.55
CA ASN C 47 -30.03 -38.70 22.62
C ASN C 47 -29.34 -37.99 21.45
N ALA C 48 -29.56 -38.51 20.24
CA ALA C 48 -28.78 -38.08 19.10
C ALA C 48 -28.95 -36.59 18.81
N HIS C 49 -30.17 -36.09 18.82
CA HIS C 49 -30.40 -34.71 18.42
C HIS C 49 -31.53 -34.11 19.22
N ASP C 50 -31.41 -32.83 19.58
CA ASP C 50 -32.54 -32.09 20.12
C ASP C 50 -33.33 -31.50 18.96
N THR C 51 -34.50 -30.94 19.23
CA THR C 51 -35.37 -30.47 18.16
C THR C 51 -34.90 -29.19 17.50
N GLU C 52 -34.20 -28.32 18.23
CA GLU C 52 -33.83 -27.01 17.70
C GLU C 52 -32.93 -27.10 16.47
N GLN C 53 -32.28 -28.23 16.25
CA GLN C 53 -31.35 -28.39 15.15
C GLN C 53 -32.02 -28.81 13.85
N ILE C 54 -33.29 -29.14 13.89
CA ILE C 54 -33.97 -29.75 12.77
C ILE C 54 -34.85 -28.71 12.08
N LEU C 55 -34.76 -28.65 10.75
CA LEU C 55 -35.34 -27.58 9.96
C LEU C 55 -36.46 -28.16 9.11
N HIS C 56 -37.65 -27.56 9.19
CA HIS C 56 -38.83 -28.10 8.54
C HIS C 56 -39.25 -27.19 7.39
N TYR C 57 -39.45 -27.78 6.21
CA TYR C 57 -39.73 -27.03 4.99
C TYR C 57 -41.23 -26.98 4.75
N LEU C 58 -41.78 -25.78 4.64
CA LEU C 58 -43.18 -25.59 4.26
C LEU C 58 -43.24 -25.42 2.75
N SER C 59 -43.86 -26.39 2.07
CA SER C 59 -43.96 -26.44 0.61
C SER C 59 -42.60 -26.68 -0.02
N ASP C 60 -42.57 -27.35 -1.17
CA ASP C 60 -41.30 -27.77 -1.75
C ASP C 60 -40.66 -26.68 -2.59
N LYS C 61 -41.34 -26.29 -3.67
CA LYS C 61 -40.84 -25.32 -4.66
C LYS C 61 -39.38 -25.67 -4.95
N GLU C 62 -38.46 -24.72 -4.88
CA GLU C 62 -37.04 -25.00 -4.99
C GLU C 62 -36.34 -24.21 -3.89
N LYS C 63 -35.16 -24.66 -3.50
CA LYS C 63 -34.44 -24.06 -2.38
C LYS C 63 -33.79 -22.75 -2.83
N ASP C 64 -34.63 -21.76 -3.09
CA ASP C 64 -34.16 -20.43 -3.41
C ASP C 64 -33.35 -19.87 -2.25
N VAL C 65 -32.33 -19.08 -2.57
CA VAL C 65 -31.40 -18.59 -1.56
C VAL C 65 -32.09 -17.63 -0.60
N TYR C 66 -32.95 -16.76 -1.14
CA TYR C 66 -33.45 -15.61 -0.38
C TYR C 66 -34.91 -15.71 0.02
N TYR C 67 -35.61 -16.79 -0.33
CA TYR C 67 -37.04 -16.91 -0.04
C TYR C 67 -37.33 -18.28 0.59
N HIS C 68 -36.56 -18.60 1.62
CA HIS C 68 -36.75 -19.84 2.36
C HIS C 68 -38.17 -19.91 2.93
N SER C 69 -38.69 -21.13 3.01
CA SER C 69 -39.95 -21.41 3.67
C SER C 69 -39.76 -22.43 4.79
N ALA C 70 -38.73 -22.22 5.60
CA ALA C 70 -38.25 -23.22 6.54
C ALA C 70 -38.50 -22.78 7.97
N LEU C 71 -38.91 -23.71 8.81
CA LEU C 71 -39.20 -23.46 10.21
C LEU C 71 -38.49 -24.47 11.11
N ASP C 72 -38.15 -24.02 12.32
CA ASP C 72 -37.58 -24.93 13.31
C ASP C 72 -38.69 -25.75 13.97
N LEU C 73 -38.40 -27.02 14.20
CA LEU C 73 -39.44 -27.96 14.61
C LEU C 73 -40.04 -27.59 15.96
N LYS C 74 -39.21 -27.13 16.90
CA LYS C 74 -39.74 -26.70 18.19
C LYS C 74 -40.80 -25.63 18.01
N HIS C 75 -40.50 -24.62 17.20
CA HIS C 75 -41.42 -23.52 17.00
C HIS C 75 -42.71 -24.01 16.34
N TYR C 76 -42.59 -24.93 15.38
CA TYR C 76 -43.77 -25.52 14.75
C TYR C 76 -44.66 -26.23 15.75
N LEU C 77 -44.06 -27.04 16.63
CA LEU C 77 -44.87 -27.77 17.59
C LEU C 77 -45.55 -26.81 18.56
N LEU C 78 -44.83 -25.78 18.99
CA LEU C 78 -45.45 -24.77 19.85
C LEU C 78 -46.64 -24.12 19.16
N LEU C 79 -46.52 -23.82 17.88
CA LEU C 79 -47.65 -23.25 17.15
C LEU C 79 -48.82 -24.21 17.11
N GLU C 80 -48.55 -25.50 16.89
CA GLU C 80 -49.64 -26.47 16.86
C GLU C 80 -50.39 -26.51 18.18
N CYS C 81 -49.64 -26.58 19.28
CA CYS C 81 -50.28 -26.63 20.59
C CYS C 81 -51.08 -25.36 20.86
N SER C 82 -50.54 -24.20 20.48
CA SER C 82 -51.28 -22.97 20.70
C SER C 82 -52.55 -22.91 19.88
N ARG C 83 -52.52 -23.38 18.63
CA ARG C 83 -53.74 -23.37 17.82
C ARG C 83 -54.81 -24.25 18.45
N ILE C 84 -54.44 -25.46 18.87
CA ILE C 84 -55.45 -26.33 19.46
C ILE C 84 -56.01 -25.73 20.74
N SER C 85 -55.14 -25.18 21.60
CA SER C 85 -55.62 -24.59 22.84
C SER C 85 -56.51 -23.39 22.57
N ASN C 86 -56.22 -22.63 21.51
CA ASN C 86 -57.08 -21.50 21.16
C ASN C 86 -58.45 -21.98 20.72
N LEU C 87 -58.50 -23.05 19.92
CA LEU C 87 -59.80 -23.59 19.53
C LEU C 87 -60.57 -24.06 20.75
N VAL C 88 -59.89 -24.62 21.74
CA VAL C 88 -60.58 -25.06 22.95
C VAL C 88 -61.11 -23.88 23.74
N LEU C 89 -60.31 -22.83 23.90
CA LEU C 89 -60.65 -21.69 24.75
C LEU C 89 -60.75 -20.42 23.91
N GLY C 90 -61.93 -20.15 23.39
CA GLY C 90 -62.16 -18.94 22.63
C GLY C 90 -63.63 -18.69 22.45
N ALA C 91 -64.06 -17.47 22.76
CA ALA C 91 -65.45 -17.09 22.74
C ALA C 91 -65.80 -16.46 21.40
N THR C 92 -66.66 -17.12 20.64
CA THR C 92 -67.07 -16.59 19.34
C THR C 92 -68.01 -15.40 19.53
N THR C 93 -67.92 -14.44 18.60
CA THR C 93 -68.68 -13.21 18.69
C THR C 93 -69.28 -12.88 17.33
N ASP C 94 -69.77 -11.65 17.20
CA ASP C 94 -70.48 -11.25 15.99
C ASP C 94 -69.55 -11.30 14.78
N GLN C 95 -70.09 -11.84 13.68
CA GLN C 95 -69.31 -12.01 12.46
C GLN C 95 -69.01 -10.69 11.78
N SER C 96 -70.05 -9.85 11.63
CA SER C 96 -69.90 -8.63 10.83
C SER C 96 -68.93 -7.65 11.47
N VAL C 97 -68.96 -7.53 12.80
CA VAL C 97 -68.03 -6.64 13.48
C VAL C 97 -66.60 -7.10 13.26
N GLU C 98 -66.36 -8.41 13.28
CA GLU C 98 -65.02 -8.91 13.04
C GLU C 98 -64.56 -8.61 11.62
N LEU C 99 -65.44 -8.80 10.63
CA LEU C 99 -65.04 -8.52 9.25
C LEU C 99 -64.78 -7.04 9.01
N LYS C 100 -65.62 -6.16 9.58
CA LYS C 100 -65.51 -4.75 9.24
C LYS C 100 -64.17 -4.16 9.71
N GLU C 101 -63.76 -4.47 10.93
CA GLU C 101 -62.55 -3.86 11.47
C GLU C 101 -61.31 -4.32 10.72
N SER C 102 -61.30 -5.58 10.27
CA SER C 102 -60.10 -6.12 9.66
C SER C 102 -59.81 -5.50 8.31
N ARG C 103 -60.81 -4.86 7.70
CA ARG C 103 -60.63 -4.35 6.34
C ARG C 103 -59.75 -3.12 6.29
N VAL C 104 -59.60 -2.41 7.41
CA VAL C 104 -58.74 -1.24 7.44
C VAL C 104 -57.28 -1.65 7.31
N ASP C 105 -56.56 -0.98 6.41
CA ASP C 105 -55.15 -1.25 6.23
C ASP C 105 -54.33 -0.39 7.19
N LEU C 106 -53.00 -0.51 7.09
CA LEU C 106 -52.11 0.18 8.02
C LEU C 106 -52.25 1.69 7.91
N GLU C 107 -52.32 2.21 6.68
CA GLU C 107 -52.29 3.66 6.49
C GLU C 107 -53.57 4.31 7.00
N GLY C 108 -54.71 3.65 6.79
CA GLY C 108 -55.97 4.14 7.34
C GLY C 108 -57.14 4.19 6.38
N LYS C 109 -56.95 3.88 5.10
CA LYS C 109 -58.07 3.87 4.18
C LYS C 109 -58.85 2.57 4.32
N ALA C 110 -60.08 2.58 3.82
CA ALA C 110 -60.99 1.45 3.93
C ALA C 110 -61.13 0.76 2.58
N HIS C 111 -61.03 -0.57 2.59
CA HIS C 111 -61.19 -1.38 1.40
C HIS C 111 -62.29 -2.40 1.62
N ILE C 112 -63.10 -2.61 0.59
CA ILE C 112 -64.30 -3.45 0.74
C ILE C 112 -63.92 -4.88 1.09
N THR C 113 -62.95 -5.44 0.37
CA THR C 113 -62.60 -6.85 0.50
C THR C 113 -61.27 -7.00 1.21
N LEU C 114 -61.21 -7.99 2.11
CA LEU C 114 -59.96 -8.30 2.80
C LEU C 114 -58.86 -8.64 1.81
N TYR C 115 -59.23 -9.24 0.68
CA TYR C 115 -58.28 -9.60 -0.35
C TYR C 115 -57.44 -8.41 -0.79
N GLY C 116 -58.07 -7.28 -1.05
CA GLY C 116 -57.36 -6.09 -1.48
C GLY C 116 -56.38 -5.58 -0.45
N ARG C 117 -56.80 -5.53 0.81
CA ARG C 117 -55.91 -5.06 1.87
C ARG C 117 -54.69 -5.95 1.99
N LEU C 118 -54.90 -7.26 2.05
CA LEU C 118 -53.78 -8.18 2.15
C LEU C 118 -52.84 -8.03 0.97
N LEU C 119 -53.40 -7.92 -0.24
CA LEU C 119 -52.57 -7.81 -1.43
C LEU C 119 -51.73 -6.53 -1.39
N ALA C 120 -52.34 -5.42 -0.97
CA ALA C 120 -51.60 -4.16 -0.91
C ALA C 120 -50.45 -4.25 0.07
N ASP C 121 -50.71 -4.77 1.28
CA ASP C 121 -49.65 -4.85 2.27
C ASP C 121 -48.50 -5.75 1.79
N PHE C 122 -48.84 -6.91 1.25
CA PHE C 122 -47.81 -7.83 0.80
C PHE C 122 -47.02 -7.22 -0.35
N THR C 123 -47.69 -6.51 -1.26
CA THR C 123 -46.98 -5.88 -2.37
C THR C 123 -46.00 -4.83 -1.88
N ARG C 124 -46.42 -4.01 -0.91
CA ARG C 124 -45.51 -2.98 -0.41
C ARG C 124 -44.27 -3.61 0.21
N LEU C 125 -44.46 -4.58 1.11
CA LEU C 125 -43.30 -5.19 1.76
C LEU C 125 -42.43 -5.91 0.73
N LYS C 126 -43.06 -6.54 -0.26
CA LYS C 126 -42.32 -7.25 -1.29
C LYS C 126 -41.41 -6.32 -2.07
N ASN C 127 -41.94 -5.16 -2.49
CA ASN C 127 -41.11 -4.21 -3.22
C ASN C 127 -39.98 -3.70 -2.34
N ALA C 128 -40.28 -3.37 -1.09
CA ALA C 128 -39.25 -2.82 -0.21
C ALA C 128 -38.12 -3.81 0.00
N LEU C 129 -38.44 -5.10 0.15
CA LEU C 129 -37.39 -6.11 0.27
C LEU C 129 -36.64 -6.30 -1.05
N ASP C 130 -37.38 -6.34 -2.16
CA ASP C 130 -36.76 -6.69 -3.43
C ASP C 130 -35.76 -5.64 -3.86
N LYS C 131 -35.99 -4.36 -3.53
CA LYS C 131 -35.02 -3.34 -3.88
C LYS C 131 -33.66 -3.63 -3.25
N LEU C 132 -33.64 -3.86 -1.93
CA LEU C 132 -32.38 -4.15 -1.26
C LEU C 132 -31.76 -5.44 -1.80
N ILE C 133 -32.58 -6.46 -2.04
CA ILE C 133 -32.04 -7.71 -2.57
C ILE C 133 -31.35 -7.46 -3.90
N GLU C 134 -31.96 -6.64 -4.75
CA GLU C 134 -31.34 -6.34 -6.04
C GLU C 134 -30.04 -5.58 -5.88
N LEU C 135 -30.02 -4.55 -5.01
CA LEU C 135 -28.77 -3.82 -4.79
C LEU C 135 -27.69 -4.72 -4.22
N GLU C 136 -28.09 -5.79 -3.53
CA GLU C 136 -27.10 -6.61 -2.84
C GLU C 136 -26.27 -7.46 -3.79
N GLU C 137 -26.92 -8.09 -4.77
CA GLU C 137 -26.27 -9.12 -5.58
C GLU C 137 -26.27 -8.84 -7.07
N SER C 138 -26.82 -7.71 -7.51
CA SER C 138 -26.87 -7.44 -8.94
C SER C 138 -25.47 -7.15 -9.48
N PHE C 139 -25.31 -7.45 -10.77
CA PHE C 139 -24.04 -7.18 -11.46
C PHE C 139 -24.40 -6.66 -12.85
N ASP C 140 -24.54 -5.34 -12.96
CA ASP C 140 -25.00 -4.70 -14.18
C ASP C 140 -23.91 -3.79 -14.73
N ILE C 141 -23.34 -4.19 -15.86
CA ILE C 141 -22.14 -3.54 -16.41
C ILE C 141 -22.39 -2.09 -16.82
N PRO C 142 -23.48 -1.75 -17.54
CA PRO C 142 -23.62 -0.37 -18.02
C PRO C 142 -23.70 0.69 -16.94
N LYS C 143 -24.01 0.33 -15.70
CA LYS C 143 -24.27 1.32 -14.66
C LYS C 143 -23.09 1.50 -13.71
N ILE C 144 -21.93 0.93 -14.03
CA ILE C 144 -20.79 0.90 -13.12
C ILE C 144 -19.67 1.76 -13.67
N GLU C 145 -19.08 2.57 -12.81
CA GLU C 145 -17.90 3.35 -13.12
C GLU C 145 -16.64 2.49 -13.01
N PRO C 146 -15.79 2.50 -14.03
CA PRO C 146 -14.50 1.81 -13.92
C PRO C 146 -13.56 2.54 -12.98
N GLN C 147 -12.64 1.83 -12.36
CA GLN C 147 -11.68 2.41 -11.43
C GLN C 147 -10.26 1.94 -11.76
N PHE C 148 -9.30 2.63 -11.19
CA PHE C 148 -7.89 2.36 -11.41
C PHE C 148 -7.35 1.44 -10.32
N TRP C 149 -6.64 0.38 -10.72
CA TRP C 149 -6.10 -0.57 -9.78
C TRP C 149 -4.57 -0.53 -9.71
N THR C 150 -3.89 -0.76 -10.82
CA THR C 150 -2.43 -0.70 -10.85
C THR C 150 -1.88 -0.80 -12.27
N GLU C 151 -0.56 -0.73 -12.40
CA GLU C 151 0.11 -0.80 -13.69
C GLU C 151 1.11 -1.94 -13.68
N LEU C 152 1.49 -2.40 -14.88
CA LEU C 152 2.37 -3.55 -15.04
C LEU C 152 3.70 -3.12 -15.63
N GLY C 153 4.77 -3.78 -15.20
CA GLY C 153 6.09 -3.53 -15.74
C GLY C 153 6.32 -4.22 -17.08
N GLY C 154 7.43 -3.86 -17.71
CA GLY C 154 7.76 -4.41 -19.01
C GLY C 154 9.25 -4.41 -19.30
N ILE C 155 9.65 -5.10 -20.37
CA ILE C 155 11.07 -5.17 -20.70
C ILE C 155 11.43 -4.16 -21.78
N ARG C 156 10.66 -4.11 -22.88
CA ARG C 156 11.05 -3.28 -24.01
C ARG C 156 9.86 -2.49 -24.54
N ASN C 157 10.05 -1.88 -25.71
CA ASN C 157 9.17 -0.83 -26.20
C ASN C 157 8.02 -1.37 -27.04
N VAL C 158 7.68 -2.64 -26.86
CA VAL C 158 6.59 -3.25 -27.59
C VAL C 158 5.38 -3.34 -26.67
N VAL C 159 4.23 -2.93 -27.19
CA VAL C 159 2.99 -2.92 -26.43
C VAL C 159 2.62 -4.34 -26.03
N GLN C 160 1.94 -4.50 -24.89
CA GLN C 160 1.47 -5.79 -24.43
C GLN C 160 0.23 -6.18 -25.22
N GLN C 161 -0.15 -7.45 -25.13
CA GLN C 161 -1.36 -7.88 -25.83
C GLN C 161 -2.32 -8.65 -24.93
N TYR C 162 -1.81 -9.46 -24.01
CA TYR C 162 -2.64 -10.30 -23.18
C TYR C 162 -2.07 -10.40 -21.77
N PHE C 163 -2.98 -10.60 -20.82
CA PHE C 163 -2.58 -10.76 -19.42
C PHE C 163 -3.64 -11.57 -18.70
N TRP C 164 -3.27 -12.13 -17.56
CA TRP C 164 -4.15 -13.02 -16.81
C TRP C 164 -3.59 -13.21 -15.41
N ILE C 165 -4.41 -13.72 -14.51
CA ILE C 165 -4.11 -13.81 -13.09
C ILE C 165 -3.99 -15.28 -12.70
N ASN C 166 -3.04 -15.58 -11.84
CA ASN C 166 -2.84 -16.93 -11.32
C ASN C 166 -3.51 -17.07 -9.96
N LYS C 167 -4.38 -18.08 -9.84
CA LYS C 167 -5.22 -18.22 -8.66
C LYS C 167 -4.49 -18.80 -7.46
N LEU C 168 -3.37 -19.48 -7.66
CA LEU C 168 -2.62 -20.04 -6.55
C LEU C 168 -1.58 -19.07 -6.01
N ASN C 169 -0.72 -18.55 -6.87
CA ASN C 169 0.36 -17.65 -6.46
C ASN C 169 -0.11 -16.21 -6.31
N GLY C 170 -1.11 -15.81 -7.08
CA GLY C 170 -1.53 -14.42 -7.10
C GLY C 170 -0.65 -13.57 -7.98
N ARG C 171 0.15 -14.22 -8.82
CA ARG C 171 1.02 -13.54 -9.76
C ARG C 171 0.26 -13.22 -11.04
N VAL C 172 0.82 -12.32 -11.84
CA VAL C 172 0.21 -11.90 -13.09
C VAL C 172 1.25 -12.02 -14.19
N TYR C 173 0.79 -12.28 -15.41
CA TYR C 173 1.66 -12.52 -16.56
C TYR C 173 1.19 -11.67 -17.73
N GLN C 174 2.11 -11.22 -18.56
CA GLN C 174 1.79 -10.47 -19.76
C GLN C 174 2.52 -11.05 -20.96
N THR C 175 2.03 -10.71 -22.15
CA THR C 175 2.63 -11.15 -23.40
C THR C 175 3.02 -9.95 -24.23
N GLN C 176 4.22 -10.01 -24.82
CA GLN C 176 4.72 -8.97 -25.69
C GLN C 176 5.13 -9.60 -27.01
N SER C 177 4.84 -8.90 -28.11
CA SER C 177 5.03 -9.45 -29.44
C SER C 177 6.50 -9.35 -29.83
N ASP C 178 7.05 -10.47 -30.28
CA ASP C 178 8.45 -10.51 -30.66
C ASP C 178 8.68 -9.77 -31.96
N SER C 179 9.86 -9.17 -32.08
CA SER C 179 10.22 -8.37 -33.25
C SER C 179 10.96 -9.17 -34.30
N GLN C 180 11.11 -10.48 -34.12
CA GLN C 180 11.80 -11.31 -35.09
C GLN C 180 10.94 -11.48 -36.35
N ALA C 181 11.58 -11.91 -37.43
CA ALA C 181 10.93 -12.14 -38.71
C ALA C 181 9.66 -12.96 -38.55
N GLN C 182 9.80 -14.19 -38.06
CA GLN C 182 8.64 -14.94 -37.61
C GLN C 182 8.14 -14.34 -36.31
N GLU C 183 6.83 -14.14 -36.19
CA GLU C 183 6.29 -13.46 -35.03
C GLU C 183 6.22 -14.43 -33.85
N GLY C 184 7.06 -14.20 -32.85
CA GLY C 184 6.97 -14.92 -31.60
C GLY C 184 6.35 -14.02 -30.54
N PHE C 185 6.39 -14.50 -29.30
CA PHE C 185 5.87 -13.71 -28.18
C PHE C 185 6.62 -14.06 -26.90
N TYR C 186 6.76 -13.06 -26.04
CA TYR C 186 7.43 -13.20 -24.76
C TYR C 186 6.41 -13.34 -23.63
N ILE C 187 6.85 -13.90 -22.51
CA ILE C 187 6.02 -14.08 -21.33
C ILE C 187 6.83 -13.62 -20.12
N ASN C 188 6.16 -13.00 -19.15
CA ASN C 188 6.84 -12.34 -18.04
C ASN C 188 6.16 -12.72 -16.72
N GLU C 189 6.97 -13.03 -15.71
CA GLU C 189 6.44 -13.16 -14.36
C GLU C 189 6.41 -11.81 -13.66
N LEU C 190 5.32 -11.53 -12.97
CA LEU C 190 5.16 -10.30 -12.23
C LEU C 190 4.66 -10.60 -10.82
N THR C 191 5.13 -9.82 -9.87
CA THR C 191 4.65 -9.94 -8.50
C THR C 191 3.21 -9.50 -8.41
N PRO C 192 2.48 -9.91 -7.36
CA PRO C 192 1.06 -9.57 -7.26
C PRO C 192 0.78 -8.09 -7.44
N SER C 193 1.68 -7.24 -6.98
CA SER C 193 1.54 -5.81 -7.18
C SER C 193 2.03 -5.34 -8.55
N GLY C 194 2.85 -6.12 -9.23
CA GLY C 194 3.22 -5.78 -10.59
C GLY C 194 4.68 -5.47 -10.86
N HIS C 195 5.61 -6.09 -10.15
CA HIS C 195 7.03 -5.88 -10.37
C HIS C 195 7.62 -7.09 -11.10
N PHE C 196 8.71 -6.83 -11.84
CA PHE C 196 9.25 -7.77 -12.82
C PHE C 196 10.18 -8.77 -12.16
N LEU C 197 10.04 -10.04 -12.55
CA LEU C 197 10.90 -11.11 -12.05
C LEU C 197 11.64 -11.86 -13.16
N GLY C 198 10.94 -12.32 -14.19
CA GLY C 198 11.58 -13.21 -15.16
C GLY C 198 10.93 -13.22 -16.52
N THR C 199 11.44 -14.06 -17.43
CA THR C 199 11.00 -14.02 -18.82
C THR C 199 11.18 -15.38 -19.47
N MET C 200 10.32 -15.65 -20.45
CA MET C 200 10.54 -16.73 -21.41
C MET C 200 10.54 -16.14 -22.81
N HIS C 201 11.20 -16.83 -23.73
CA HIS C 201 11.15 -16.49 -25.15
C HIS C 201 10.63 -17.69 -25.92
N ILE C 202 9.53 -17.51 -26.63
CA ILE C 202 8.95 -18.58 -27.44
C ILE C 202 8.81 -18.11 -28.88
N PRO C 203 9.80 -18.39 -29.74
CA PRO C 203 9.71 -17.96 -31.13
C PRO C 203 8.63 -18.71 -31.90
N LYS C 204 8.22 -18.09 -33.02
CA LYS C 204 7.27 -18.69 -33.96
C LYS C 204 5.92 -18.96 -33.30
N GLY C 205 5.66 -18.31 -32.18
CA GLY C 205 4.44 -18.50 -31.44
C GLY C 205 3.29 -17.61 -31.84
N GLY C 206 3.42 -16.88 -32.94
CA GLY C 206 2.40 -15.93 -33.34
C GLY C 206 2.59 -14.60 -32.64
N HIS C 207 1.59 -13.73 -32.85
CA HIS C 207 1.59 -12.42 -32.20
C HIS C 207 0.92 -12.44 -30.84
N GLY C 208 0.41 -13.59 -30.40
CA GLY C 208 -0.01 -13.76 -29.02
C GLY C 208 -1.21 -12.95 -28.58
N THR C 209 -2.37 -13.21 -29.18
CA THR C 209 -3.60 -12.59 -28.69
C THR C 209 -3.97 -13.12 -27.31
N SER C 210 -3.92 -14.44 -27.14
CA SER C 210 -4.28 -15.08 -25.88
C SER C 210 -3.72 -16.49 -25.84
N LEU C 211 -3.75 -17.08 -24.66
CA LEU C 211 -3.28 -18.45 -24.46
C LEU C 211 -4.32 -19.21 -23.67
N GLY C 212 -3.97 -20.44 -23.30
CA GLY C 212 -4.83 -21.27 -22.49
C GLY C 212 -4.15 -21.60 -21.16
N VAL C 213 -4.96 -21.76 -20.13
CA VAL C 213 -4.47 -22.02 -18.78
C VAL C 213 -5.11 -23.29 -18.26
N GLU C 214 -4.30 -24.15 -17.64
CA GLU C 214 -4.78 -25.37 -17.00
C GLU C 214 -3.98 -25.62 -15.73
N TYR C 215 -4.67 -26.01 -14.67
CA TYR C 215 -4.06 -26.27 -13.36
C TYR C 215 -4.08 -27.77 -13.10
N VAL C 216 -2.90 -28.33 -12.82
CA VAL C 216 -2.76 -29.73 -12.50
C VAL C 216 -1.83 -29.86 -11.30
N ASN C 217 -2.31 -30.54 -10.26
CA ASN C 217 -1.48 -30.86 -9.08
C ASN C 217 -0.86 -29.60 -8.48
N GLY C 218 -1.64 -28.53 -8.40
CA GLY C 218 -1.13 -27.28 -7.89
C GLY C 218 -0.05 -26.66 -8.74
N GLN C 219 -0.14 -26.82 -10.05
CA GLN C 219 0.79 -26.21 -10.98
C GLN C 219 0.05 -25.84 -12.25
N MET C 220 0.51 -24.79 -12.91
CA MET C 220 -0.13 -24.27 -14.11
C MET C 220 0.55 -24.80 -15.36
N PHE C 221 -0.21 -24.91 -16.44
CA PHE C 221 0.30 -25.37 -17.73
C PHE C 221 -0.38 -24.59 -18.84
N MET C 222 0.39 -24.17 -19.84
CA MET C 222 -0.10 -23.31 -20.91
C MET C 222 -0.44 -24.13 -22.13
N TRP C 223 -1.44 -23.69 -22.89
CA TRP C 223 -1.82 -24.28 -24.17
C TRP C 223 -1.65 -23.22 -25.25
N THR C 224 -0.89 -23.55 -26.30
CA THR C 224 -0.63 -22.60 -27.37
C THR C 224 -0.32 -23.33 -28.67
N ASN C 225 -0.95 -22.88 -29.74
CA ASN C 225 -0.81 -23.54 -31.04
C ASN C 225 0.50 -23.11 -31.69
N VAL C 226 1.53 -23.93 -31.54
CA VAL C 226 2.86 -23.65 -32.08
C VAL C 226 3.18 -24.71 -33.11
N ASP C 227 3.35 -24.29 -34.37
CA ASP C 227 3.63 -25.20 -35.48
C ASP C 227 2.62 -26.35 -35.52
N LYS C 228 1.34 -25.98 -35.46
CA LYS C 228 0.22 -26.92 -35.50
C LYS C 228 0.30 -27.97 -34.39
N ARG C 229 0.77 -27.58 -33.21
CA ARG C 229 0.84 -28.47 -32.06
C ARG C 229 0.31 -27.74 -30.84
N LEU C 230 -0.58 -28.40 -30.10
CA LEU C 230 -1.19 -27.75 -28.94
C LEU C 230 -0.18 -27.52 -27.82
N VAL C 231 0.60 -28.55 -27.47
CA VAL C 231 1.70 -28.45 -26.51
C VAL C 231 1.26 -27.97 -25.14
N LYS C 232 1.44 -28.81 -24.13
CA LYS C 232 1.20 -28.45 -22.74
C LYS C 232 2.53 -28.30 -22.02
N PHE C 233 2.78 -27.11 -21.47
CA PHE C 233 4.06 -26.84 -20.84
C PHE C 233 3.91 -25.82 -19.72
N THR C 234 4.89 -25.83 -18.82
CA THR C 234 4.92 -24.95 -17.67
C THR C 234 5.88 -23.79 -17.91
N PHE C 235 6.12 -22.99 -16.88
CA PHE C 235 6.99 -21.83 -16.96
C PHE C 235 8.34 -22.11 -16.32
N LYS C 236 9.41 -21.74 -17.02
CA LYS C 236 10.77 -21.72 -16.50
C LYS C 236 11.42 -20.42 -16.91
N ALA C 237 12.45 -20.02 -16.16
CA ALA C 237 13.22 -18.83 -16.52
C ALA C 237 14.31 -19.19 -17.54
N ASP C 238 13.87 -19.84 -18.62
CA ASP C 238 14.76 -20.38 -19.63
C ASP C 238 14.45 -19.78 -20.98
N THR C 239 15.06 -20.34 -22.02
CA THR C 239 14.94 -19.84 -23.38
C THR C 239 14.41 -20.94 -24.28
N LYS C 240 13.33 -20.62 -25.01
CA LYS C 240 12.86 -21.40 -26.15
C LYS C 240 12.19 -22.71 -25.73
N LEU C 241 11.04 -23.01 -26.32
CA LEU C 241 10.41 -24.31 -26.20
C LEU C 241 10.30 -24.96 -27.57
N ASP C 242 10.64 -26.24 -27.64
CA ASP C 242 10.54 -27.00 -28.89
C ASP C 242 9.34 -27.94 -28.82
N ALA C 243 8.49 -27.86 -29.85
CA ALA C 243 7.20 -28.56 -29.80
C ALA C 243 7.36 -30.05 -30.04
N THR C 244 8.37 -30.44 -30.84
CA THR C 244 8.51 -31.85 -31.21
C THR C 244 8.79 -32.72 -29.99
N LEU C 245 9.32 -32.13 -28.93
CA LEU C 245 9.60 -32.90 -27.72
C LEU C 245 8.32 -33.38 -27.05
N LEU C 246 7.25 -32.60 -27.14
CA LEU C 246 6.02 -32.87 -26.42
C LEU C 246 4.91 -33.26 -27.39
N ARG C 247 4.13 -34.26 -27.00
CA ARG C 247 3.06 -34.75 -27.85
C ARG C 247 1.95 -33.71 -27.98
N ASP C 248 1.39 -33.60 -29.17
CA ASP C 248 0.32 -32.68 -29.47
C ASP C 248 -1.01 -33.35 -29.20
N TYR C 249 -2.02 -32.53 -28.85
CA TYR C 249 -3.37 -33.02 -28.59
C TYR C 249 -4.36 -32.50 -29.63
N MET C 250 -3.92 -32.36 -30.87
CA MET C 250 -4.69 -31.64 -31.87
C MET C 250 -6.03 -32.32 -32.13
N PRO C 251 -7.16 -31.63 -31.98
CA PRO C 251 -8.43 -32.16 -32.50
C PRO C 251 -8.40 -32.20 -34.01
N SER C 252 -9.10 -33.18 -34.58
CA SER C 252 -9.03 -33.39 -36.01
C SER C 252 -9.84 -32.38 -36.81
N SER C 253 -10.95 -31.89 -36.25
CA SER C 253 -11.86 -31.05 -37.03
C SER C 253 -11.20 -29.74 -37.45
N VAL C 254 -10.46 -29.10 -36.55
CA VAL C 254 -9.93 -27.77 -36.80
C VAL C 254 -8.42 -27.80 -36.97
N ALA C 255 -7.85 -28.96 -37.32
CA ALA C 255 -6.41 -29.03 -37.53
C ALA C 255 -5.91 -28.12 -38.65
N PRO C 256 -6.54 -28.02 -39.82
CA PRO C 256 -5.99 -27.11 -40.84
C PRO C 256 -6.09 -25.64 -40.48
N VAL C 257 -7.27 -25.16 -40.08
CA VAL C 257 -7.46 -23.74 -39.88
C VAL C 257 -6.86 -23.29 -38.55
N PHE C 258 -6.31 -22.08 -38.56
CA PHE C 258 -5.62 -21.50 -37.40
C PHE C 258 -6.62 -21.25 -36.27
N PHE C 259 -6.16 -21.42 -35.04
CA PHE C 259 -6.98 -21.18 -33.86
C PHE C 259 -6.09 -20.74 -32.71
N ALA C 260 -6.71 -20.10 -31.72
CA ALA C 260 -6.00 -19.69 -30.52
C ALA C 260 -6.84 -20.04 -29.30
N PRO C 261 -6.28 -20.79 -28.35
CA PRO C 261 -7.04 -21.17 -27.16
C PRO C 261 -7.14 -20.06 -26.13
N VAL C 262 -8.20 -20.11 -25.33
CA VAL C 262 -8.44 -19.16 -24.25
C VAL C 262 -9.22 -19.88 -23.16
N SER C 263 -8.90 -19.55 -21.90
CA SER C 263 -9.45 -20.25 -20.76
C SER C 263 -10.08 -19.26 -19.80
N ASP C 264 -11.04 -19.76 -19.02
CA ASP C 264 -11.69 -18.93 -18.01
C ASP C 264 -10.82 -18.83 -16.76
N TRP C 265 -11.35 -18.14 -15.75
CA TRP C 265 -10.52 -17.79 -14.60
C TRP C 265 -10.08 -19.03 -13.82
N LYS C 266 -10.98 -19.97 -13.59
CA LYS C 266 -10.64 -21.14 -12.80
C LYS C 266 -9.89 -22.18 -13.62
N GLY C 267 -10.01 -22.12 -14.95
CA GLY C 267 -9.27 -23.00 -15.82
C GLY C 267 -9.97 -24.28 -16.20
N GLU C 268 -11.29 -24.38 -16.04
CA GLU C 268 -11.97 -25.64 -16.30
C GLU C 268 -12.40 -25.76 -17.76
N LYS C 269 -12.91 -24.68 -18.35
CA LYS C 269 -13.41 -24.70 -19.71
C LYS C 269 -12.50 -23.88 -20.61
N MET C 270 -12.35 -24.30 -21.86
CA MET C 270 -11.46 -23.67 -22.81
C MET C 270 -12.18 -23.49 -24.14
N ALA C 271 -11.88 -22.40 -24.84
CA ALA C 271 -12.48 -22.10 -26.12
C ALA C 271 -11.41 -21.74 -27.13
N PHE C 272 -11.66 -22.08 -28.38
CA PHE C 272 -10.74 -21.79 -29.48
C PHE C 272 -11.36 -20.76 -30.40
N ARG C 273 -10.65 -19.66 -30.60
CA ARG C 273 -11.03 -18.65 -31.58
C ARG C 273 -10.24 -18.89 -32.86
N ARG C 274 -10.94 -18.91 -33.99
CA ARG C 274 -10.38 -19.30 -35.27
C ARG C 274 -10.54 -18.19 -36.29
N SER C 275 -9.94 -18.40 -37.47
CA SER C 275 -9.80 -17.34 -38.45
C SER C 275 -11.15 -16.82 -38.94
N ASP C 276 -12.11 -17.70 -39.23
CA ASP C 276 -13.38 -17.24 -39.77
C ASP C 276 -14.28 -16.59 -38.73
N GLY C 277 -13.79 -16.33 -37.52
CA GLY C 277 -14.51 -15.54 -36.56
C GLY C 277 -15.52 -16.29 -35.72
N ILE C 278 -15.32 -17.58 -35.46
CA ILE C 278 -16.23 -18.38 -34.66
C ILE C 278 -15.50 -18.84 -33.41
N ILE C 279 -16.13 -18.62 -32.26
CA ILE C 279 -15.64 -19.10 -30.97
C ILE C 279 -16.53 -20.26 -30.54
N GLU C 280 -15.91 -21.33 -30.05
CA GLU C 280 -16.63 -22.53 -29.65
C GLU C 280 -16.12 -23.03 -28.30
N LEU C 281 -17.05 -23.47 -27.46
CA LEU C 281 -16.72 -23.84 -26.09
C LEU C 281 -16.36 -25.32 -26.00
N ARG C 282 -15.33 -25.62 -25.21
CA ARG C 282 -14.83 -26.99 -25.10
C ARG C 282 -14.44 -27.29 -23.65
N ASP C 283 -14.21 -28.57 -23.39
CA ASP C 283 -13.83 -29.06 -22.08
C ASP C 283 -12.41 -29.61 -22.11
N VAL C 284 -11.60 -29.22 -21.10
CA VAL C 284 -10.20 -29.63 -21.08
C VAL C 284 -10.06 -31.13 -20.88
N ASN C 285 -10.86 -31.70 -19.97
CA ASN C 285 -10.74 -33.12 -19.68
C ASN C 285 -11.06 -33.97 -20.90
N ASP C 286 -12.15 -33.64 -21.61
CA ASP C 286 -12.45 -34.34 -22.84
C ASP C 286 -11.38 -34.09 -23.89
N LEU C 287 -10.79 -32.90 -23.87
CA LEU C 287 -9.62 -32.65 -24.72
C LEU C 287 -8.46 -33.55 -24.30
N ASN C 288 -8.28 -33.76 -23.00
CA ASN C 288 -7.25 -34.67 -22.54
C ASN C 288 -7.51 -36.10 -23.01
N LYS C 289 -8.76 -36.53 -22.97
CA LYS C 289 -9.12 -37.88 -23.38
C LYS C 289 -9.28 -38.01 -24.89
N ASN C 290 -8.73 -37.07 -25.64
CA ASN C 290 -8.76 -37.10 -27.11
C ASN C 290 -10.19 -37.23 -27.63
N ILE C 291 -11.10 -36.49 -27.02
CA ILE C 291 -12.51 -36.48 -27.40
C ILE C 291 -12.86 -35.08 -27.86
N ASP C 292 -13.53 -34.98 -29.01
CA ASP C 292 -13.98 -33.71 -29.54
C ASP C 292 -15.42 -33.47 -29.13
N LYS C 293 -15.69 -32.30 -28.55
CA LYS C 293 -17.03 -31.95 -28.12
C LYS C 293 -17.25 -30.46 -28.35
N VAL C 294 -18.43 -30.11 -28.86
CA VAL C 294 -18.82 -28.72 -29.09
C VAL C 294 -20.08 -28.44 -28.30
N TYR C 295 -20.07 -27.34 -27.55
CA TYR C 295 -21.19 -27.01 -26.69
C TYR C 295 -22.00 -25.84 -27.23
N ALA C 296 -21.34 -24.73 -27.54
CA ALA C 296 -22.01 -23.57 -28.10
C ALA C 296 -21.03 -22.75 -28.92
N GLN C 297 -21.57 -21.93 -29.81
CA GLN C 297 -20.76 -21.06 -30.65
C GLN C 297 -21.54 -19.81 -31.03
N VAL C 298 -20.80 -18.73 -31.28
CA VAL C 298 -21.36 -17.48 -31.76
C VAL C 298 -20.47 -16.98 -32.90
N THR C 299 -20.96 -15.99 -33.63
CA THR C 299 -20.28 -15.44 -34.79
C THR C 299 -20.16 -13.93 -34.66
N ILE C 300 -19.07 -13.37 -35.18
CA ILE C 300 -18.76 -11.96 -35.01
C ILE C 300 -18.63 -11.28 -36.38
N PRO C 301 -19.26 -10.13 -36.59
CA PRO C 301 -19.21 -9.48 -37.91
C PRO C 301 -17.81 -9.04 -38.32
N LEU C 302 -17.63 -8.79 -39.61
CA LEU C 302 -16.33 -8.47 -40.18
C LEU C 302 -15.88 -7.03 -39.91
N GLU C 303 -16.81 -6.13 -39.59
CA GLU C 303 -16.45 -4.75 -39.33
C GLU C 303 -15.70 -4.59 -38.01
N GLU C 304 -15.63 -5.63 -37.19
CA GLU C 304 -14.89 -5.60 -35.95
C GLU C 304 -13.68 -6.53 -35.94
N ARG C 305 -13.45 -7.28 -37.03
CA ARG C 305 -12.31 -8.17 -37.07
C ARG C 305 -11.05 -7.49 -37.58
N GLU C 306 -11.08 -6.97 -38.79
CA GLU C 306 -9.87 -6.49 -39.45
C GLU C 306 -9.46 -5.14 -38.89
N ASN C 307 -8.16 -4.85 -38.96
CA ASN C 307 -7.58 -3.64 -38.40
C ASN C 307 -8.02 -2.38 -39.12
N ASP C 308 -8.35 -2.46 -40.41
CA ASP C 308 -8.63 -1.28 -41.21
C ASP C 308 -10.03 -0.72 -40.97
N TYR C 309 -10.89 -1.43 -40.26
CA TYR C 309 -12.20 -0.90 -39.89
C TYR C 309 -12.31 -0.72 -38.39
N ARG C 310 -12.15 -1.80 -37.61
CA ARG C 310 -12.10 -1.79 -36.15
C ARG C 310 -11.27 -2.99 -35.74
N PRO C 311 -10.02 -2.80 -35.34
CA PRO C 311 -9.14 -3.94 -35.07
C PRO C 311 -9.67 -4.85 -33.98
N MET C 312 -9.07 -6.03 -33.92
CA MET C 312 -9.49 -7.09 -33.01
C MET C 312 -8.65 -7.02 -31.74
N GLN C 313 -9.28 -6.68 -30.62
CA GLN C 313 -8.63 -6.62 -29.33
C GLN C 313 -9.56 -7.15 -28.25
N GLY C 314 -9.08 -8.10 -27.46
CA GLY C 314 -9.73 -8.49 -26.21
C GLY C 314 -10.79 -9.55 -26.41
N VAL C 315 -10.63 -10.64 -25.64
CA VAL C 315 -11.62 -11.70 -25.52
C VAL C 315 -11.66 -12.14 -24.05
N ALA C 316 -12.85 -12.52 -23.59
CA ALA C 316 -12.99 -13.02 -22.23
C ALA C 316 -14.14 -14.01 -22.18
N ILE C 317 -14.14 -14.85 -21.15
CA ILE C 317 -15.09 -15.94 -21.01
C ILE C 317 -15.59 -16.00 -19.59
N SER C 318 -16.89 -16.24 -19.42
CA SER C 318 -17.51 -16.55 -18.15
C SER C 318 -18.26 -17.87 -18.28
N ASP C 319 -19.03 -18.21 -17.25
CA ASP C 319 -19.79 -19.45 -17.28
C ASP C 319 -20.97 -19.42 -18.24
N LYS C 320 -21.57 -18.25 -18.49
CA LYS C 320 -22.73 -18.17 -19.37
C LYS C 320 -22.67 -16.98 -20.32
N ASN C 321 -21.51 -16.37 -20.52
CA ASN C 321 -21.37 -15.22 -21.40
C ASN C 321 -20.04 -15.31 -22.15
N CYS C 322 -19.94 -14.51 -23.20
CA CYS C 322 -18.70 -14.33 -23.93
C CYS C 322 -18.48 -12.84 -24.17
N TYR C 323 -17.27 -12.36 -23.90
CA TYR C 323 -16.95 -10.95 -23.93
C TYR C 323 -16.01 -10.64 -25.09
N TRP C 324 -16.24 -9.50 -25.73
CA TRP C 324 -15.46 -9.09 -26.89
C TRP C 324 -15.30 -7.57 -26.85
N MET C 325 -14.17 -7.09 -27.38
CA MET C 325 -13.86 -5.67 -27.34
C MET C 325 -13.48 -5.19 -28.73
N SER C 326 -13.55 -3.88 -28.94
CA SER C 326 -13.51 -3.28 -30.26
C SER C 326 -12.16 -2.64 -30.50
N GLY C 327 -12.09 -1.87 -31.59
CA GLY C 327 -10.82 -1.52 -32.20
C GLY C 327 -9.99 -0.40 -31.59
N TRP C 328 -9.56 0.54 -32.43
CA TRP C 328 -8.43 1.41 -32.13
C TRP C 328 -8.59 2.16 -30.81
N GLY C 329 -9.81 2.46 -30.39
CA GLY C 329 -10.01 3.15 -29.14
C GLY C 329 -9.56 4.59 -29.13
N THR C 330 -9.26 5.16 -30.30
CA THR C 330 -8.92 6.57 -30.41
C THR C 330 -10.20 7.39 -30.35
N ASP C 331 -10.11 8.67 -30.68
CA ASP C 331 -11.31 9.47 -30.87
C ASP C 331 -12.14 8.94 -32.04
N GLU C 332 -11.52 8.11 -32.89
CA GLU C 332 -12.25 7.40 -33.93
C GLU C 332 -12.25 5.91 -33.60
N ASN C 333 -13.37 5.26 -33.94
CA ASN C 333 -13.60 3.83 -33.70
C ASN C 333 -13.85 3.53 -32.23
N ILE C 334 -13.65 4.55 -31.38
CA ILE C 334 -14.11 4.62 -29.99
C ILE C 334 -14.25 3.25 -29.34
N GLY C 335 -13.17 2.76 -28.76
CA GLY C 335 -13.15 1.38 -28.29
C GLY C 335 -14.33 1.06 -27.40
N LYS C 336 -15.02 -0.03 -27.74
CA LYS C 336 -16.21 -0.45 -27.02
C LYS C 336 -16.08 -1.93 -26.66
N VAL C 337 -16.99 -2.37 -25.80
CA VAL C 337 -17.05 -3.76 -25.36
C VAL C 337 -18.44 -4.30 -25.68
N PHE C 338 -18.50 -5.57 -26.04
CA PHE C 338 -19.76 -6.24 -26.36
C PHE C 338 -19.89 -7.50 -25.54
N VAL C 339 -21.11 -7.76 -25.07
CA VAL C 339 -21.41 -8.94 -24.26
C VAL C 339 -22.39 -9.82 -25.01
N TYR C 340 -22.05 -11.09 -25.16
CA TYR C 340 -22.88 -12.07 -25.84
C TYR C 340 -23.35 -13.14 -24.87
N ASP C 341 -24.33 -13.90 -25.32
CA ASP C 341 -24.78 -15.12 -24.67
C ASP C 341 -24.59 -16.28 -25.64
N TRP C 342 -24.38 -17.48 -25.08
CA TRP C 342 -24.01 -18.62 -25.90
C TRP C 342 -25.06 -19.01 -26.92
N HIS C 343 -26.31 -18.56 -26.77
CA HIS C 343 -27.31 -18.79 -27.80
C HIS C 343 -27.05 -17.97 -29.05
N GLY C 344 -26.16 -16.98 -28.99
CA GLY C 344 -25.85 -16.16 -30.14
C GLY C 344 -26.56 -14.82 -30.11
N LYS C 345 -26.73 -14.24 -28.93
CA LYS C 345 -27.44 -12.99 -28.76
C LYS C 345 -26.53 -11.91 -28.18
N LEU C 346 -26.75 -10.68 -28.65
CA LEU C 346 -26.12 -9.50 -28.08
C LEU C 346 -27.04 -8.90 -27.04
N LEU C 347 -26.46 -8.43 -25.93
CA LEU C 347 -27.23 -7.85 -24.84
C LEU C 347 -26.96 -6.37 -24.63
N ASP C 348 -25.69 -5.98 -24.48
CA ASP C 348 -25.36 -4.60 -24.13
C ASP C 348 -24.04 -4.19 -24.77
N THR C 349 -23.80 -2.89 -24.80
CA THR C 349 -22.59 -2.30 -25.33
C THR C 349 -22.23 -1.07 -24.51
N ILE C 350 -20.94 -0.81 -24.37
CA ILE C 350 -20.46 0.33 -23.59
C ILE C 350 -19.30 1.00 -24.32
N THR C 351 -19.32 2.33 -24.35
CA THR C 351 -18.23 3.14 -24.87
C THR C 351 -17.25 3.46 -23.75
N LEU C 352 -15.96 3.51 -24.10
CA LEU C 352 -14.91 3.74 -23.11
C LEU C 352 -14.45 5.19 -23.19
N ASP C 353 -15.12 6.04 -22.41
CA ASP C 353 -14.83 7.47 -22.43
C ASP C 353 -14.71 8.11 -21.05
N ASN C 354 -15.09 7.42 -19.98
CA ASN C 354 -15.11 8.03 -18.66
C ASN C 354 -13.98 7.54 -17.76
N LEU C 355 -12.80 7.32 -18.32
CA LEU C 355 -11.70 6.76 -17.56
C LEU C 355 -10.89 7.85 -16.86
N THR C 356 -10.03 7.43 -15.95
CA THR C 356 -9.21 8.35 -15.17
C THR C 356 -7.81 8.41 -15.77
N GLN C 357 -7.41 9.60 -16.22
CA GLN C 357 -6.08 9.83 -16.78
C GLN C 357 -5.34 10.85 -15.94
N VAL C 358 -4.18 11.27 -16.45
CA VAL C 358 -3.26 12.09 -15.67
C VAL C 358 -3.87 13.46 -15.39
N THR C 359 -4.44 14.09 -16.39
CA THR C 359 -5.01 15.39 -16.22
C THR C 359 -6.49 15.33 -16.39
N GLY C 360 -7.21 14.68 -15.48
CA GLY C 360 -8.66 14.68 -15.51
C GLY C 360 -9.35 13.59 -16.24
N VAL C 361 -10.53 13.22 -15.79
CA VAL C 361 -11.16 12.13 -16.43
C VAL C 361 -11.71 12.59 -17.73
N GLY C 362 -11.36 11.89 -18.79
CA GLY C 362 -12.18 11.80 -19.98
C GLY C 362 -11.44 11.03 -21.03
N GLY C 363 -11.49 11.47 -22.25
CA GLY C 363 -10.81 10.81 -23.34
C GLY C 363 -9.39 11.24 -23.66
N GLU C 364 -8.75 10.51 -24.58
CA GLU C 364 -7.34 10.70 -24.92
C GLU C 364 -6.78 12.03 -24.73
N GLU C 365 -7.61 12.96 -25.06
CA GLU C 365 -7.20 14.32 -25.01
C GLU C 365 -6.61 14.60 -23.73
N TYR C 366 -7.24 14.10 -22.74
CA TYR C 366 -6.72 14.49 -21.54
C TYR C 366 -5.35 14.01 -21.24
N ALA C 367 -4.97 12.80 -21.61
CA ALA C 367 -3.66 12.32 -21.10
C ALA C 367 -2.62 11.91 -22.04
N SER C 368 -1.45 11.59 -21.52
CA SER C 368 -0.15 11.40 -22.17
C SER C 368 -0.04 11.28 -23.67
N ASP C 369 0.69 12.20 -24.25
CA ASP C 369 1.11 12.14 -25.64
C ASP C 369 -0.06 11.85 -26.46
N ASN C 370 -1.19 12.27 -25.97
CA ASN C 370 -2.37 11.98 -26.65
C ASN C 370 -2.39 10.69 -27.41
N HIS C 371 -1.85 9.60 -26.87
CA HIS C 371 -2.02 8.33 -27.56
C HIS C 371 -2.49 7.38 -26.51
N SER C 372 -3.57 6.66 -26.71
CA SER C 372 -3.97 5.66 -25.73
C SER C 372 -4.72 4.57 -26.42
N GLU C 373 -4.59 3.33 -25.98
CA GLU C 373 -5.23 2.27 -26.75
C GLU C 373 -5.44 1.02 -25.89
N PRO C 374 -6.61 0.40 -25.95
CA PRO C 374 -6.84 -0.82 -25.16
C PRO C 374 -6.05 -2.00 -25.73
N GLU C 375 -5.74 -2.97 -24.86
CA GLU C 375 -5.00 -4.15 -25.29
C GLU C 375 -5.59 -5.50 -24.89
N GLY C 376 -6.24 -5.62 -23.74
CA GLY C 376 -6.63 -6.95 -23.29
C GLY C 376 -7.75 -6.93 -22.29
N LEU C 377 -8.44 -8.07 -22.21
CA LEU C 377 -9.58 -8.25 -21.33
C LEU C 377 -9.38 -9.48 -20.46
N PHE C 378 -9.80 -9.40 -19.20
CA PHE C 378 -9.79 -10.56 -18.33
C PHE C 378 -10.94 -10.46 -17.34
N PHE C 379 -11.56 -11.59 -17.05
CA PHE C 379 -12.68 -11.69 -16.14
C PHE C 379 -12.40 -12.76 -15.10
N THR C 380 -12.46 -12.39 -13.83
CA THR C 380 -12.30 -13.33 -12.73
C THR C 380 -13.37 -13.09 -11.70
N GLU C 381 -13.83 -14.17 -11.07
CA GLU C 381 -14.79 -14.10 -9.98
C GLU C 381 -14.19 -14.85 -8.80
N ASP C 382 -13.72 -14.10 -7.81
CA ASP C 382 -12.98 -14.68 -6.70
C ASP C 382 -13.61 -14.30 -5.38
N LYS C 383 -13.70 -15.26 -4.47
CA LYS C 383 -14.18 -15.03 -3.11
C LYS C 383 -15.59 -14.44 -3.11
N GLY C 384 -16.39 -14.85 -4.10
CA GLY C 384 -17.78 -14.46 -4.15
C GLY C 384 -18.05 -13.08 -4.70
N LYS C 385 -17.07 -12.45 -5.35
CA LYS C 385 -17.27 -11.14 -5.95
C LYS C 385 -16.83 -11.19 -7.41
N LYS C 386 -17.47 -10.36 -8.22
CA LYS C 386 -17.28 -10.37 -9.67
C LYS C 386 -16.60 -9.08 -10.11
N VAL C 387 -15.48 -9.21 -10.80
CA VAL C 387 -14.71 -8.07 -11.29
C VAL C 387 -14.26 -8.37 -12.72
N LEU C 388 -14.38 -7.38 -13.59
CA LEU C 388 -13.90 -7.48 -14.96
C LEU C 388 -12.75 -6.51 -15.16
N PHE C 389 -11.63 -7.00 -15.67
CA PHE C 389 -10.42 -6.21 -15.82
C PHE C 389 -10.20 -5.84 -17.28
N VAL C 390 -9.90 -4.56 -17.53
CA VAL C 390 -9.65 -4.04 -18.86
C VAL C 390 -8.24 -3.46 -18.89
N GLY C 391 -7.48 -3.79 -19.92
CA GLY C 391 -6.14 -3.27 -20.04
C GLY C 391 -6.06 -2.07 -20.97
N PHE C 392 -5.05 -1.23 -20.74
CA PHE C 392 -4.79 -0.09 -21.60
C PHE C 392 -3.29 0.14 -21.69
N SER C 393 -2.86 0.68 -22.82
CA SER C 393 -1.47 1.06 -23.04
C SER C 393 -1.39 2.55 -23.28
N THR C 394 -0.70 3.27 -22.41
CA THR C 394 -0.65 4.72 -22.44
C THR C 394 0.78 5.19 -22.59
N GLY C 395 1.00 6.10 -23.53
CA GLY C 395 2.30 6.67 -23.78
C GLY C 395 2.41 7.11 -25.23
N GLY C 396 3.65 7.22 -25.69
CA GLY C 396 3.92 7.58 -27.07
C GLY C 396 4.67 6.46 -27.78
N THR C 397 5.23 6.81 -28.93
CA THR C 397 6.07 5.87 -29.66
C THR C 397 7.43 5.75 -28.99
N ARG C 398 7.85 4.52 -28.70
CA ARG C 398 9.10 4.23 -28.00
C ARG C 398 9.07 4.74 -26.57
N LYS C 399 7.94 5.28 -26.15
CA LYS C 399 7.68 5.62 -24.75
C LYS C 399 6.30 5.07 -24.39
N ARG C 400 6.26 3.80 -23.99
CA ARG C 400 4.99 3.09 -23.81
C ARG C 400 4.88 2.56 -22.40
N HIS C 401 3.68 2.67 -21.83
CA HIS C 401 3.41 2.23 -20.46
C HIS C 401 2.04 1.58 -20.43
N HIS C 402 1.81 0.72 -19.44
CA HIS C 402 0.61 -0.09 -19.39
C HIS C 402 -0.18 0.20 -18.11
N LYS C 403 -1.50 0.10 -18.21
CA LYS C 403 -2.39 0.31 -17.08
C LYS C 403 -3.53 -0.69 -17.13
N ILE C 404 -4.19 -0.89 -16.00
CA ILE C 404 -5.31 -1.81 -15.87
C ILE C 404 -6.44 -1.14 -15.14
N TYR C 405 -7.67 -1.30 -15.64
CA TYR C 405 -8.87 -0.77 -15.03
C TYR C 405 -9.85 -1.92 -14.81
N GLY C 406 -10.75 -1.75 -13.83
CA GLY C 406 -11.66 -2.80 -13.46
C GLY C 406 -13.04 -2.30 -13.12
N PHE C 407 -14.04 -3.07 -13.56
CA PHE C 407 -15.44 -2.87 -13.21
C PHE C 407 -15.78 -3.81 -12.06
N SER C 408 -16.60 -3.33 -11.14
CA SER C 408 -16.77 -4.05 -9.88
C SER C 408 -18.24 -4.15 -9.50
N GLN C 409 -18.54 -5.15 -8.68
CA GLN C 409 -19.71 -5.14 -7.84
C GLN C 409 -19.41 -4.30 -6.60
N ARG C 410 -20.20 -4.48 -5.56
CA ARG C 410 -20.04 -3.63 -4.39
C ARG C 410 -19.07 -4.00 -3.32
N GLY C 411 -18.40 -5.12 -3.40
CA GLY C 411 -17.32 -5.40 -2.48
C GLY C 411 -16.12 -4.88 -3.13
N GLY C 412 -15.95 -5.39 -4.31
CA GLY C 412 -14.93 -4.88 -5.15
C GLY C 412 -13.57 -5.09 -4.66
N LEU C 413 -12.74 -4.27 -5.23
CA LEU C 413 -11.35 -4.45 -5.05
C LEU C 413 -10.79 -4.27 -3.64
N GLU C 414 -11.51 -4.13 -2.55
CA GLU C 414 -10.89 -3.88 -1.26
C GLU C 414 -9.61 -4.70 -1.10
N ARG C 415 -9.67 -5.99 -1.42
CA ARG C 415 -8.47 -6.81 -1.34
C ARG C 415 -7.40 -6.37 -2.33
N TYR C 416 -7.80 -5.98 -3.53
CA TYR C 416 -6.84 -5.48 -4.51
C TYR C 416 -6.20 -4.18 -4.06
N SER C 417 -6.97 -3.29 -3.43
CA SER C 417 -6.39 -2.10 -2.83
C SER C 417 -5.38 -2.45 -1.76
N SER C 418 -5.68 -3.45 -0.93
CA SER C 418 -4.70 -3.89 0.05
C SER C 418 -3.43 -4.41 -0.61
N ILE C 419 -3.58 -5.19 -1.67
CA ILE C 419 -2.40 -5.73 -2.36
C ILE C 419 -1.54 -4.62 -2.90
N VAL C 420 -2.17 -3.61 -3.52
CA VAL C 420 -1.39 -2.49 -4.03
C VAL C 420 -0.72 -1.73 -2.89
N ARG C 421 -1.44 -1.49 -1.80
CA ARG C 421 -0.86 -0.82 -0.65
C ARG C 421 0.33 -1.59 -0.08
N ASN C 422 0.33 -2.91 -0.25
CA ASN C 422 1.42 -3.73 0.26
C ASN C 422 2.78 -3.34 -0.30
N GLY C 423 2.84 -2.81 -1.53
CA GLY C 423 4.12 -2.54 -2.14
C GLY C 423 4.37 -1.10 -2.50
N ALA C 424 3.75 -0.16 -1.79
CA ALA C 424 3.96 1.25 -2.08
C ALA C 424 4.82 1.92 -1.03
N GLN C 425 5.33 3.12 -1.32
CA GLN C 425 6.08 3.91 -0.36
C GLN C 425 5.15 4.35 0.76
N ASN C 426 5.62 4.24 1.99
CA ASN C 426 4.84 4.66 3.14
C ASN C 426 5.50 5.77 3.95
N TYR C 427 6.77 6.07 3.68
CA TYR C 427 7.34 7.21 4.38
C TYR C 427 7.35 8.43 3.46
N PRO C 428 6.80 9.54 3.92
CA PRO C 428 6.70 10.72 3.05
C PRO C 428 8.02 11.46 2.93
N LEU C 429 8.67 11.32 1.76
CA LEU C 429 9.92 12.03 1.55
C LEU C 429 9.69 13.50 1.23
N THR C 430 8.75 13.78 0.33
CA THR C 430 8.37 15.14 -0.01
C THR C 430 6.87 15.26 0.13
N ARG C 431 6.41 16.48 0.42
CA ARG C 431 4.99 16.67 0.63
C ARG C 431 4.22 16.35 -0.66
N GLY C 432 2.92 16.12 -0.49
CA GLY C 432 2.12 15.62 -1.59
C GLY C 432 2.08 16.57 -2.78
N ASP C 433 2.09 17.87 -2.53
CA ASP C 433 2.02 18.82 -3.62
C ASP C 433 3.28 18.81 -4.48
N GLY C 434 4.38 18.26 -3.97
CA GLY C 434 5.61 18.20 -4.73
C GLY C 434 6.66 19.14 -4.20
N LYS C 435 6.35 19.82 -3.10
CA LYS C 435 7.29 20.75 -2.49
C LYS C 435 8.26 20.02 -1.56
N ALA C 436 9.00 20.77 -0.76
CA ALA C 436 9.92 20.19 0.21
C ALA C 436 9.53 20.61 1.61
N HIS C 437 9.90 19.78 2.58
CA HIS C 437 9.61 20.10 3.97
C HIS C 437 10.39 21.33 4.43
N SER C 438 9.76 22.11 5.30
CA SER C 438 10.39 23.26 5.90
C SER C 438 10.76 22.95 7.35
N THR C 439 11.83 23.59 7.83
CA THR C 439 12.35 23.29 9.14
C THR C 439 11.39 23.76 10.23
N PRO C 440 11.34 23.06 11.35
CA PRO C 440 10.56 23.53 12.49
C PRO C 440 11.18 24.80 13.07
N ASP C 441 10.34 25.56 13.78
CA ASP C 441 10.79 26.83 14.34
C ASP C 441 11.79 26.61 15.47
N GLY C 442 12.96 27.22 15.34
CA GLY C 442 13.90 27.26 16.44
C GLY C 442 14.95 26.17 16.46
N LEU C 443 15.37 25.72 15.29
CA LEU C 443 16.48 24.79 15.20
C LEU C 443 17.80 25.53 15.41
N THR C 444 18.63 24.99 16.30
CA THR C 444 19.86 25.65 16.68
C THR C 444 21.10 24.92 16.16
N LYS C 445 21.14 23.60 16.30
CA LYS C 445 22.26 22.80 15.83
C LYS C 445 21.78 21.86 14.73
N LEU C 446 22.62 21.71 13.71
CA LEU C 446 22.26 20.89 12.56
C LEU C 446 22.08 19.43 12.94
N SER C 447 22.58 19.02 14.11
CA SER C 447 22.43 17.66 14.58
C SER C 447 21.10 17.43 15.27
N ASP C 448 20.29 18.47 15.46
CA ASP C 448 18.94 18.30 15.97
C ASP C 448 18.00 17.72 14.93
N LEU C 449 18.24 18.02 13.66
CA LEU C 449 17.37 17.59 12.57
C LEU C 449 17.85 16.24 12.06
N THR C 450 17.26 15.16 12.57
CA THR C 450 17.57 13.81 12.12
C THR C 450 16.27 13.16 11.67
N LYS C 451 15.89 13.40 10.43
CA LYS C 451 14.67 12.87 9.85
C LYS C 451 14.93 12.48 8.41
N VAL C 452 14.17 11.49 7.93
CA VAL C 452 14.34 11.04 6.56
C VAL C 452 13.48 11.91 5.65
N GLY C 453 14.08 12.43 4.60
CA GLY C 453 13.37 13.21 3.62
C GLY C 453 14.17 14.42 3.21
N SER C 454 13.48 15.40 2.64
CA SER C 454 14.09 16.64 2.21
C SER C 454 13.77 17.75 3.20
N TYR C 455 14.57 18.82 3.15
CA TYR C 455 14.36 19.96 4.04
C TYR C 455 14.92 21.22 3.39
N TYR C 456 14.09 22.24 3.26
CA TYR C 456 14.52 23.55 2.80
C TYR C 456 14.29 24.58 3.89
N ALA C 457 15.27 25.45 4.12
CA ALA C 457 15.20 26.41 5.21
C ALA C 457 15.25 27.83 4.72
N GLN C 458 14.61 28.75 5.45
CA GLN C 458 14.58 30.15 5.07
C GLN C 458 15.86 30.86 5.39
N GLY C 459 16.19 31.89 4.63
CA GLY C 459 17.44 32.57 4.83
C GLY C 459 17.40 33.12 6.22
N SER C 460 16.24 33.59 6.64
CA SER C 460 16.10 34.21 7.98
C SER C 460 16.40 33.28 9.14
N ASP C 461 15.95 32.05 9.07
CA ASP C 461 16.32 31.12 10.12
C ASP C 461 17.65 30.48 9.85
N VAL C 462 18.16 30.60 8.65
CA VAL C 462 19.47 30.07 8.40
C VAL C 462 20.28 30.90 9.30
N ALA C 463 19.89 32.16 9.38
CA ALA C 463 20.64 33.06 10.20
C ALA C 463 20.64 32.57 11.63
N LEU C 464 19.54 32.00 12.06
CA LEU C 464 19.47 31.58 13.43
C LEU C 464 20.53 30.55 13.61
N LEU C 465 20.82 29.80 12.57
CA LEU C 465 21.54 28.54 12.72
C LEU C 465 22.86 28.86 13.31
N THR C 466 23.36 27.98 14.16
CA THR C 466 24.55 28.35 14.86
C THR C 466 25.82 27.72 14.47
N ASP C 467 26.02 26.50 14.88
CA ASP C 467 27.30 25.94 14.62
C ASP C 467 27.43 25.40 13.21
N LEU C 468 27.39 26.27 12.21
CA LEU C 468 27.49 25.85 10.82
C LEU C 468 28.76 26.40 10.20
N PRO C 469 29.25 25.77 9.13
CA PRO C 469 30.50 26.22 8.50
C PRO C 469 30.39 27.66 8.00
N VAL C 470 31.53 28.35 8.03
CA VAL C 470 31.59 29.78 7.75
C VAL C 470 31.21 30.12 6.31
N GLU C 471 31.50 29.28 5.35
CA GLU C 471 31.23 29.69 3.98
C GLU C 471 29.79 29.61 3.69
N PHE C 472 28.99 29.35 4.71
CA PHE C 472 27.58 29.17 4.44
C PHE C 472 26.71 30.28 4.93
N LYS C 473 27.29 31.38 5.37
CA LYS C 473 26.49 32.44 5.96
C LYS C 473 25.60 33.23 5.00
N GLY C 474 24.46 33.68 5.49
CA GLY C 474 23.65 34.69 4.84
C GLY C 474 22.64 34.12 3.88
N VAL C 475 23.09 33.28 2.96
CA VAL C 475 22.20 32.68 1.97
C VAL C 475 21.38 31.48 2.44
N PRO C 476 20.28 31.17 1.76
CA PRO C 476 19.42 30.04 2.15
C PRO C 476 20.11 28.69 2.04
N LEU C 477 19.74 27.72 2.89
CA LEU C 477 20.34 26.39 2.85
C LEU C 477 19.41 25.28 2.45
N TRP C 478 19.92 24.21 1.86
CA TRP C 478 19.16 23.04 1.44
C TRP C 478 19.71 21.83 2.17
N ILE C 479 18.84 21.09 2.86
CA ILE C 479 19.24 19.92 3.63
C ILE C 479 18.47 18.71 3.09
N ASP C 480 19.21 17.67 2.72
CA ASP C 480 18.64 16.47 2.11
C ASP C 480 19.26 15.24 2.77
N ASN C 481 18.61 14.70 3.83
CA ASN C 481 19.13 13.55 4.59
C ASN C 481 18.99 12.26 3.83
N LEU C 482 19.93 11.34 3.97
CA LEU C 482 19.91 10.13 3.16
C LEU C 482 19.03 9.16 3.84
N PRO C 483 18.78 8.03 3.18
CA PRO C 483 17.80 7.24 3.86
C PRO C 483 18.02 6.66 5.22
N ALA C 484 19.04 5.89 5.51
CA ALA C 484 19.22 5.47 6.93
C ALA C 484 20.07 4.31 7.21
N GLU C 485 20.31 4.14 8.48
CA GLU C 485 20.99 2.90 8.81
C GLU C 485 20.05 2.09 9.68
N GLN C 486 20.47 0.86 10.01
CA GLN C 486 19.64 0.01 10.86
C GLN C 486 19.46 0.61 12.25
N HIS C 487 20.49 1.26 12.78
CA HIS C 487 20.42 1.90 14.09
C HIS C 487 19.87 3.32 14.03
N ASN C 488 19.10 3.64 12.99
CA ASN C 488 18.62 5.00 12.76
C ASN C 488 19.76 6.00 12.67
N ASP C 489 20.88 5.57 12.11
CA ASP C 489 21.96 6.46 11.74
C ASP C 489 21.69 7.01 10.35
N VAL C 490 22.13 8.25 10.12
CA VAL C 490 21.74 8.99 8.93
C VAL C 490 22.95 9.71 8.36
N ARG C 491 22.92 9.90 7.04
CA ARG C 491 23.85 10.77 6.34
C ARG C 491 23.16 12.07 5.97
N GLN C 492 23.86 13.18 6.16
CA GLN C 492 23.31 14.51 5.96
C GLN C 492 24.10 15.25 4.90
N VAL C 493 23.39 15.86 3.95
CA VAL C 493 23.99 16.57 2.83
C VAL C 493 23.54 18.01 2.86
N ILE C 494 24.48 18.93 2.70
CA ILE C 494 24.24 20.37 2.78
C ILE C 494 24.64 21.00 1.46
N THR C 495 23.74 21.78 0.88
CA THR C 495 24.03 22.51 -0.35
C THR C 495 23.59 23.95 -0.23
N ARG C 496 24.31 24.83 -0.92
CA ARG C 496 24.09 26.27 -0.90
C ARG C 496 23.38 26.73 -2.16
N ARG C 497 22.45 27.67 -2.01
CA ARG C 497 21.66 28.13 -3.14
C ARG C 497 22.22 29.35 -3.77
N SER C 498 23.00 29.21 -4.82
CA SER C 498 23.48 30.38 -5.52
C SER C 498 23.27 30.42 -7.01
N THR C 499 22.56 31.42 -7.50
CA THR C 499 22.43 31.55 -8.92
C THR C 499 23.78 31.84 -9.53
N GLU C 500 24.53 32.77 -8.93
CA GLU C 500 25.89 33.09 -9.41
C GLU C 500 26.87 33.17 -8.28
N LYS C 501 27.85 32.26 -8.32
CA LYS C 501 28.74 31.86 -7.23
C LYS C 501 28.83 30.36 -7.21
N SER C 502 28.99 29.75 -6.03
CA SER C 502 29.23 28.30 -5.99
C SER C 502 28.41 27.38 -5.08
N MET C 503 28.09 26.19 -5.57
CA MET C 503 27.34 25.22 -4.80
C MET C 503 28.31 24.23 -4.18
N LEU C 504 28.36 24.17 -2.88
CA LEU C 504 29.24 23.33 -2.09
C LEU C 504 28.43 22.26 -1.38
N LYS C 505 29.05 21.11 -1.16
CA LYS C 505 28.40 19.99 -0.50
C LYS C 505 29.21 19.56 0.70
N PHE C 506 28.53 19.44 1.84
CA PHE C 506 29.13 19.02 3.09
C PHE C 506 28.39 17.78 3.59
N GLU C 507 29.14 16.71 3.83
CA GLU C 507 28.55 15.42 4.15
C GLU C 507 29.12 14.88 5.45
N ARG C 508 28.24 14.30 6.26
CA ARG C 508 28.62 13.76 7.56
C ARG C 508 27.82 12.49 7.82
N MET C 509 28.06 11.89 8.97
CA MET C 509 27.16 10.92 9.56
C MET C 509 26.87 11.30 11.00
N ILE C 510 25.60 11.23 11.38
CA ILE C 510 25.17 11.53 12.74
C ILE C 510 24.72 10.24 13.40
N ASN C 511 25.22 10.01 14.61
CA ASN C 511 24.83 8.85 15.41
C ASN C 511 23.98 9.34 16.56
N ILE C 512 22.66 9.21 16.43
CA ILE C 512 21.76 9.75 17.44
C ILE C 512 21.93 9.01 18.76
N GLY C 513 22.17 7.70 18.71
CA GLY C 513 22.48 6.95 19.92
C GLY C 513 21.38 6.94 20.95
N LYS C 514 20.15 6.65 20.55
CA LYS C 514 19.04 6.67 21.50
C LYS C 514 19.13 5.50 22.49
N ALA C 515 19.37 4.29 22.00
CA ALA C 515 19.17 3.12 22.84
C ALA C 515 20.39 2.79 23.68
N GLU C 516 21.51 2.48 23.03
CA GLU C 516 22.71 2.13 23.78
C GLU C 516 23.92 2.88 23.24
N GLN C 517 23.91 3.21 21.96
CA GLN C 517 25.01 3.98 21.37
C GLN C 517 24.98 5.40 21.89
N ALA C 518 26.08 6.12 21.65
CA ALA C 518 26.24 7.48 22.15
C ALA C 518 26.19 8.45 20.99
N PHE C 519 26.04 9.73 21.34
CA PHE C 519 26.03 10.79 20.34
C PHE C 519 27.37 10.83 19.61
N SER C 520 27.33 11.15 18.33
CA SER C 520 28.55 11.23 17.53
C SER C 520 28.30 12.09 16.30
N VAL C 521 29.32 12.83 15.90
CA VAL C 521 29.30 13.62 14.68
C VAL C 521 30.57 13.32 13.88
N GLY C 522 30.39 12.92 12.63
CA GLY C 522 31.52 12.58 11.79
C GLY C 522 32.25 13.80 11.27
N SER C 523 33.36 13.55 10.58
CA SER C 523 34.14 14.61 9.99
C SER C 523 33.50 15.13 8.72
N TRP C 524 33.62 16.43 8.46
CA TRP C 524 33.00 17.01 7.28
C TRP C 524 33.71 16.58 6.02
N THR C 525 33.02 16.59 4.90
CA THR C 525 33.64 16.25 3.63
C THR C 525 33.33 17.38 2.69
N VAL C 526 34.28 17.87 1.93
CA VAL C 526 33.94 18.89 0.94
C VAL C 526 34.21 18.49 -0.49
N TYR C 527 33.18 18.51 -1.32
CA TYR C 527 33.32 18.16 -2.72
C TYR C 527 33.94 19.30 -3.46
N GLN C 528 34.42 19.05 -4.67
CA GLN C 528 35.06 20.09 -5.45
C GLN C 528 34.36 20.44 -6.75
N SER C 529 34.16 21.74 -6.99
CA SER C 529 33.53 22.18 -8.24
C SER C 529 33.97 23.59 -8.60
N GLN C 530 33.94 23.97 -9.89
CA GLN C 530 34.22 25.39 -10.26
C GLN C 530 33.28 26.05 -11.28
N THR C 531 32.87 27.30 -11.04
CA THR C 531 31.88 27.99 -11.85
C THR C 531 32.45 29.10 -12.72
N THR C 532 31.60 30.01 -13.19
CA THR C 532 32.08 31.13 -13.99
C THR C 532 32.42 32.35 -13.13
N ARG C 533 32.70 32.16 -11.86
CA ARG C 533 33.03 33.26 -10.95
C ARG C 533 33.89 32.72 -9.82
N GLY C 534 34.93 33.45 -9.46
CA GLY C 534 35.80 33.05 -8.36
C GLY C 534 35.24 33.41 -7.01
N GLU C 535 35.87 32.89 -5.97
CA GLU C 535 35.47 33.21 -4.61
C GLU C 535 36.24 34.42 -4.09
N PHE C 536 35.53 35.31 -3.40
CA PHE C 536 36.10 36.54 -2.88
C PHE C 536 36.27 36.45 -1.37
N ILE C 537 37.39 36.95 -0.87
CA ILE C 537 37.75 36.74 0.53
C ILE C 537 37.45 38.00 1.32
N ASP C 538 37.03 37.81 2.57
CA ASP C 538 36.96 38.90 3.54
C ASP C 538 38.10 38.71 4.53
N ALA C 539 39.04 39.66 4.54
CA ALA C 539 40.18 39.55 5.44
C ALA C 539 39.74 39.56 6.91
N SER C 540 38.74 40.38 7.24
CA SER C 540 38.27 40.46 8.61
C SER C 540 37.73 39.12 9.09
N ILE C 541 37.20 38.31 8.16
CA ILE C 541 36.70 36.99 8.52
C ILE C 541 37.83 36.11 9.03
N TYR C 542 38.97 36.14 8.37
CA TYR C 542 40.08 35.24 8.67
C TYR C 542 41.14 35.89 9.55
N GLN C 543 40.89 37.10 10.04
CA GLN C 543 41.75 37.77 11.03
C GLN C 543 43.16 38.00 10.50
N ASN C 544 43.30 38.08 9.18
CA ASN C 544 44.48 38.64 8.53
C ASN C 544 45.73 37.79 8.75
N LYS C 545 45.50 36.51 9.03
CA LYS C 545 46.63 35.60 9.20
C LYS C 545 46.92 34.82 7.95
N LEU C 546 45.92 34.39 7.21
CA LEU C 546 46.15 33.55 6.00
C LEU C 546 46.67 32.16 6.25
N SER C 547 46.60 31.72 7.48
CA SER C 547 46.90 30.33 7.80
C SER C 547 45.85 29.98 8.79
N ASN C 548 44.84 30.84 8.84
CA ASN C 548 43.65 30.55 9.56
C ASN C 548 42.66 29.98 8.59
N ILE C 549 43.13 29.71 7.37
CA ILE C 549 42.25 29.12 6.36
C ILE C 549 42.19 27.64 6.59
N THR C 550 41.53 27.25 7.66
CA THR C 550 41.44 25.86 7.97
C THR C 550 40.71 25.05 6.95
N SER C 551 39.61 25.58 6.44
CA SER C 551 38.76 24.77 5.55
C SER C 551 39.42 23.93 4.42
N PRO C 552 38.77 22.82 3.97
CA PRO C 552 39.44 22.03 2.92
C PRO C 552 39.63 22.79 1.62
N LYS C 554 39.73 22.01 -0.63
CA LYS C 554 40.49 22.88 -1.50
C LYS C 554 39.55 23.86 -2.16
N MET C 555 39.99 25.10 -2.32
CA MET C 555 39.13 26.16 -2.87
C MET C 555 39.92 27.04 -3.82
N TYR C 556 39.26 28.02 -4.44
CA TYR C 556 39.99 28.97 -5.29
C TYR C 556 39.73 30.46 -4.99
N MET C 557 40.69 31.32 -5.33
CA MET C 557 40.57 32.76 -5.03
C MET C 557 40.94 33.67 -6.20
N THR C 558 40.48 34.91 -6.17
CA THR C 558 40.76 35.84 -7.27
C THR C 558 40.86 37.29 -6.78
N ALA C 559 41.23 38.24 -7.66
CA ALA C 559 41.29 39.70 -7.33
C ALA C 559 42.63 40.17 -6.81
N GLU C 560 42.92 41.46 -6.95
CA GLU C 560 44.24 41.99 -6.57
C GLU C 560 44.77 41.43 -5.25
N ASN C 563 43.57 43.55 -3.25
CA ASN C 563 44.02 44.33 -2.13
C ASN C 563 43.65 43.51 -0.98
N LEU C 564 42.84 42.50 -1.28
CA LEU C 564 42.62 41.61 -0.26
C LEU C 564 43.90 41.10 0.02
N PHE C 565 44.71 41.12 -1.00
CA PHE C 565 46.01 40.56 -0.82
C PHE C 565 46.82 41.47 0.01
N THR C 566 46.67 42.74 -0.25
CA THR C 566 47.53 43.64 0.41
C THR C 566 47.46 43.47 1.91
N ASP C 567 46.33 43.13 2.46
CA ASP C 567 46.34 42.96 3.89
C ASP C 567 47.20 41.76 4.39
N HIS C 568 47.58 40.80 3.54
CA HIS C 568 48.28 39.55 3.99
C HIS C 568 49.71 39.55 4.57
N PRO C 569 50.08 38.51 5.33
CA PRO C 569 51.45 38.42 5.82
C PRO C 569 52.40 37.78 4.84
N VAL C 570 51.95 37.20 3.74
CA VAL C 570 52.81 36.44 2.81
C VAL C 570 53.42 37.42 1.90
N LYS C 571 54.02 36.97 0.81
CA LYS C 571 54.70 37.90 -0.06
C LYS C 571 53.78 39.03 -0.48
N ASN C 572 54.27 40.28 -0.41
CA ASN C 572 53.52 41.36 -1.02
C ASN C 572 53.51 41.01 -2.47
N GLY C 573 52.47 41.20 -3.20
CA GLY C 573 52.40 40.53 -4.47
C GLY C 573 51.67 41.34 -5.52
N ASN C 574 50.77 42.23 -5.08
CA ASN C 574 50.03 43.18 -5.91
C ASN C 574 49.03 42.50 -6.84
N ALA C 575 48.80 41.19 -6.70
CA ALA C 575 47.77 40.49 -7.43
C ALA C 575 47.42 39.22 -6.67
N GLY C 576 46.15 38.82 -6.68
CA GLY C 576 45.73 37.68 -5.87
C GLY C 576 45.74 36.30 -6.47
N TRP C 577 45.91 35.28 -5.65
CA TRP C 577 46.01 33.90 -6.14
C TRP C 577 45.26 32.93 -5.21
N PHE C 578 44.94 31.72 -5.66
CA PHE C 578 44.18 30.78 -4.81
C PHE C 578 44.87 30.12 -3.64
N TYR C 579 44.11 29.74 -2.62
CA TYR C 579 44.69 28.98 -1.52
C TYR C 579 44.19 27.59 -1.75
N GLU C 580 45.09 26.64 -1.91
CA GLU C 580 44.70 25.26 -2.10
C GLU C 580 45.49 24.40 -1.14
N ASN C 581 44.85 23.55 -0.36
CA ASN C 581 45.64 22.68 0.49
C ASN C 581 45.71 21.31 -0.13
N SER C 582 46.87 20.93 -0.64
CA SER C 582 46.98 19.66 -1.32
C SER C 582 46.71 18.43 -0.48
N GLY C 583 47.19 18.38 0.75
CA GLY C 583 47.03 17.18 1.53
C GLY C 583 47.12 17.25 3.04
N TYR C 584 46.75 16.18 3.72
CA TYR C 584 46.84 16.12 5.17
C TYR C 584 47.55 14.83 5.58
N GLY C 585 48.14 14.81 6.76
CA GLY C 585 48.83 13.61 7.24
C GLY C 585 48.17 13.01 8.47
N VAL C 586 48.80 13.14 9.64
CA VAL C 586 48.22 12.61 10.87
C VAL C 586 48.01 13.71 11.89
N THR C 587 48.96 14.63 12.02
CA THR C 587 48.94 15.63 13.06
C THR C 587 48.39 16.97 12.58
N GLY C 588 47.54 16.97 11.56
CA GLY C 588 46.91 18.19 11.08
C GLY C 588 47.77 19.03 10.16
N GLU C 589 48.94 18.55 9.76
CA GLU C 589 49.81 19.31 8.87
C GLU C 589 49.21 19.24 7.47
N PHE C 590 48.93 20.40 6.88
CA PHE C 590 48.34 20.48 5.56
C PHE C 590 49.30 21.15 4.60
N ARG C 591 49.30 20.65 3.35
CA ARG C 591 50.36 20.95 2.39
C ARG C 591 49.89 22.06 1.46
N GLN C 592 49.94 23.29 2.00
CA GLN C 592 49.43 24.46 1.30
C GLN C 592 50.27 24.79 0.07
N THR C 593 49.64 25.40 -0.93
CA THR C 593 50.32 25.84 -2.14
C THR C 593 49.48 26.91 -2.84
N ILE C 594 50.14 27.98 -3.30
CA ILE C 594 49.52 29.03 -4.08
C ILE C 594 50.30 29.18 -5.39
N THR C 595 49.66 29.78 -6.39
CA THR C 595 50.24 29.81 -7.73
C THR C 595 50.07 31.19 -8.35
N ILE C 596 50.92 31.48 -9.33
CA ILE C 596 50.80 32.63 -10.22
C ILE C 596 50.79 32.09 -11.64
N ASN C 597 50.01 32.73 -12.52
CA ASN C 597 49.74 32.12 -13.82
C ASN C 597 50.71 32.59 -14.89
N SER C 598 50.79 33.89 -15.13
CA SER C 598 51.51 34.44 -16.27
C SER C 598 52.93 34.80 -15.88
N SER C 599 53.78 34.92 -16.90
CA SER C 599 55.21 35.11 -16.69
C SER C 599 55.56 36.60 -16.63
N LEU C 600 54.81 37.33 -15.79
CA LEU C 600 55.29 38.62 -15.34
C LEU C 600 56.23 38.43 -14.15
N ARG C 601 55.70 37.93 -13.04
CA ARG C 601 56.50 37.24 -12.04
C ARG C 601 55.80 35.92 -11.76
N TYR C 602 56.40 34.84 -12.24
CA TYR C 602 55.76 33.53 -12.22
C TYR C 602 56.29 32.77 -11.00
N GLU C 603 55.43 32.59 -10.00
CA GLU C 603 55.83 32.06 -8.71
C GLU C 603 54.73 31.15 -8.18
N VAL C 604 55.14 30.04 -7.58
CA VAL C 604 54.23 29.13 -6.90
C VAL C 604 54.82 28.85 -5.52
N TYR C 605 54.15 29.35 -4.49
CA TYR C 605 54.65 29.21 -3.13
C TYR C 605 54.00 28.03 -2.43
N SER C 606 54.78 27.29 -1.64
CA SER C 606 54.29 26.11 -0.94
C SER C 606 55.07 25.93 0.36
N ARG C 607 54.35 25.61 1.43
CA ARG C 607 55.01 25.36 2.71
C ARG C 607 54.12 24.44 3.55
N MET C 608 54.76 23.76 4.50
CA MET C 608 54.07 22.90 5.45
C MET C 608 53.60 23.74 6.62
N VAL C 609 52.33 24.12 6.61
CA VAL C 609 51.74 24.93 7.66
C VAL C 609 51.24 23.99 8.74
N PHE C 610 52.12 23.66 9.68
CA PHE C 610 51.70 22.91 10.85
C PHE C 610 50.84 23.80 11.74
N ALA C 611 50.21 23.18 12.74
CA ALA C 611 49.27 23.90 13.59
C ALA C 611 49.95 25.06 14.31
N ASP C 612 51.26 24.97 14.52
CA ASP C 612 51.95 26.03 15.27
C ASP C 612 52.91 26.81 14.39
N ARG C 613 53.62 26.13 13.50
CA ARG C 613 54.66 26.81 12.73
C ARG C 613 54.53 26.77 11.24
N VAL C 614 55.20 27.71 10.58
CA VAL C 614 55.19 27.72 9.12
C VAL C 614 56.61 27.74 8.58
N SER C 615 56.93 26.80 7.72
CA SER C 615 58.26 26.75 7.14
C SER C 615 58.37 27.86 6.12
N GLU C 616 59.58 28.25 5.77
CA GLU C 616 59.73 29.39 4.85
C GLU C 616 59.18 29.20 3.44
N TRP C 617 58.49 30.21 2.93
CA TRP C 617 57.96 30.15 1.59
C TRP C 617 59.12 30.11 0.62
N PHE C 618 59.01 29.36 -0.46
CA PHE C 618 60.06 29.35 -1.48
C PHE C 618 59.54 28.76 -2.76
N VAL C 619 60.35 28.76 -3.83
CA VAL C 619 59.94 28.08 -5.05
C VAL C 619 61.12 27.34 -5.68
#